data_5SYJ
#
_entry.id   5SYJ
#
_cell.length_a   100.640
_cell.length_b   114.640
_cell.length_c   174.990
_cell.angle_alpha   90.000
_cell.angle_beta   90.000
_cell.angle_gamma   90.000
#
_symmetry.space_group_name_H-M   'P 21 21 21'
#
loop_
_entity.id
_entity.type
_entity.pdbx_description
1 polymer Catalase-peroxidase
2 non-polymer 'PROTOPORPHYRIN IX CONTAINING FE'
3 non-polymer 'SODIUM ION'
4 non-polymer 'CHLORIDE ION'
5 non-polymer (4S)-2-METHYL-2,4-PENTANEDIOL
6 non-polymer 'PHOSPHATE ION'
7 non-polymer pyridine-4-carbohydrazide
8 water water
#
_entity_poly.entity_id   1
_entity_poly.type   'polypeptide(L)'
_entity_poly.pdbx_seq_one_letter_code
;MSNEAKCPFHQAAGNGTSNRDWWPNQLDLSILHRHSSLSDPMGKDFNYAQAFEKLDLAAVKRDLHALMTTSQDWWPADFG
HYGGLFIRMAWHSAGTYRTADGRGGAGEGQQRFAPLNSWPANANLDKARRLLWPIKQKYGRAISWADLLILTGNVALESM
GFKTFGFAGGRADTWEPEDVYWGSEKIWLELSGGPNSRYSGDRQLENPLAAVQMGLIYVNPEGPDGNPDPVAAARDIRDT
FARMAMNDEETVALIAGGHTFGKTHGAGPASNVGAEPEAAGIEAQGLGWKSAYRTGKGADAITSGLEVTWTTTPTQWSHN
FFENLFGYEWELTKSPAGAHQWVAKGADAVIPDAFDPSKKHRPTMLTTDLSLRFDPAYEKISRRFHENPEQFADAFARAW
FKLTHRDMGPRARYLGPEVPAEVLLWQDPIPAVDHPLIDAADAAELKAKVLASGLTVSQLVSTAWAAASTFRGSDKRGGA
NGARIRLAPQKDWEANQPEQLAAVLETLEAIRTAFNGAQRGGKQVSLADLIVLAGCAGVEQAAKNAGHAVTVPFAPGRAD
ASQEQTDVESMAVLEPVADGFRNYLKGKYRVPAEVLLVDKAQLLTLSAPEMTVLLGGLRVLGANVGQSRHGVFTAREQAL
TNDFFVNLLDMGTEWKPTAADADVFEGRDRATGELKWTGTRVDLVFGSHSQLRALAEVYGSADAQEKFVRDFVAVWNKVM
NLDRFDLA
;
_entity_poly.pdbx_strand_id   A,B
#
# COMPACT_ATOMS: atom_id res chain seq x y z
N GLY A 16 2.35 17.12 -2.42
CA GLY A 16 2.24 16.64 -1.00
C GLY A 16 3.54 15.96 -0.59
N THR A 17 4.25 16.45 0.42
CA THR A 17 5.54 15.77 0.80
C THR A 17 5.21 14.46 1.58
N SER A 18 5.91 13.37 1.28
CA SER A 18 5.56 12.02 1.85
C SER A 18 6.76 11.53 2.71
N ASN A 19 6.51 10.40 3.41
CA ASN A 19 7.66 9.82 4.24
C ASN A 19 8.86 9.40 3.37
N ARG A 20 8.58 8.85 2.18
CA ARG A 20 9.68 8.51 1.14
C ARG A 20 10.49 9.73 0.74
N ASP A 21 9.85 10.93 0.72
CA ASP A 21 10.62 12.15 0.42
C ASP A 21 11.53 12.53 1.60
N TRP A 22 10.98 12.49 2.86
CA TRP A 22 11.80 12.92 3.99
C TRP A 22 12.89 11.90 4.30
N TRP A 23 12.63 10.61 4.20
CA TRP A 23 13.54 9.53 4.68
C TRP A 23 13.70 8.56 3.50
N PRO A 24 14.44 8.98 2.43
CA PRO A 24 14.40 8.20 1.14
C PRO A 24 15.12 6.90 1.29
N ASN A 25 15.93 6.74 2.33
CA ASN A 25 16.54 5.44 2.60
C ASN A 25 15.88 4.55 3.65
N GLN A 26 14.77 4.92 4.29
CA GLN A 26 14.06 4.04 5.28
C GLN A 26 13.57 2.83 4.43
N LEU A 27 13.23 1.76 5.13
CA LEU A 27 12.97 0.47 4.53
C LEU A 27 11.50 0.65 4.09
N ASP A 28 11.14 0.14 2.97
CA ASP A 28 9.73 0.14 2.56
C ASP A 28 8.90 -1.16 2.73
N LEU A 29 8.03 -1.18 3.73
CA LEU A 29 7.26 -2.38 4.03
C LEU A 29 6.01 -2.52 3.17
N SER A 30 5.61 -1.49 2.42
CA SER A 30 4.34 -1.56 1.64
CA SER A 30 4.35 -1.55 1.63
C SER A 30 4.48 -2.65 0.59
N ILE A 31 5.72 -2.97 0.19
CA ILE A 31 5.90 -4.03 -0.74
C ILE A 31 5.39 -5.40 -0.23
N LEU A 32 5.25 -5.59 1.08
CA LEU A 32 4.75 -6.84 1.61
C LEU A 32 3.23 -6.89 1.64
N HIS A 33 2.60 -5.74 1.44
CA HIS A 33 1.18 -5.53 1.76
C HIS A 33 0.41 -5.23 0.51
N ARG A 34 1.00 -5.48 -0.63
CA ARG A 34 0.29 -5.46 -1.89
C ARG A 34 -0.53 -6.76 -1.95
N HIS A 35 -1.46 -6.69 -2.89
CA HIS A 35 -2.27 -7.81 -3.34
C HIS A 35 -3.28 -8.15 -2.22
N SER A 36 -3.72 -7.14 -1.43
CA SER A 36 -4.77 -7.37 -0.41
C SER A 36 -6.13 -7.55 -1.05
N SER A 37 -7.03 -8.13 -0.28
CA SER A 37 -8.36 -8.28 -0.74
C SER A 37 -9.04 -6.88 -0.93
N LEU A 38 -8.52 -5.78 -0.33
CA LEU A 38 -9.13 -4.46 -0.52
C LEU A 38 -9.09 -4.02 -2.00
N SER A 39 -7.98 -4.26 -2.69
CA SER A 39 -7.76 -3.79 -4.07
C SER A 39 -8.36 -4.73 -5.19
N ASP A 40 -8.75 -5.92 -4.78
CA ASP A 40 -9.25 -6.99 -5.68
C ASP A 40 -10.76 -6.93 -5.84
N PRO A 41 -11.30 -6.69 -7.02
CA PRO A 41 -12.72 -6.59 -7.14
C PRO A 41 -13.49 -7.90 -7.16
N MET A 42 -12.81 -9.03 -7.24
CA MET A 42 -13.46 -10.31 -7.38
C MET A 42 -13.86 -10.73 -5.98
N GLY A 43 -14.84 -11.55 -5.88
CA GLY A 43 -15.14 -11.97 -4.37
C GLY A 43 -13.93 -12.61 -3.63
N LYS A 44 -13.95 -12.71 -2.29
CA LYS A 44 -12.77 -13.39 -1.64
C LYS A 44 -12.84 -14.93 -1.96
N ASP A 45 -14.01 -15.43 -2.33
CA ASP A 45 -14.15 -16.78 -2.68
C ASP A 45 -13.80 -17.06 -4.19
N PHE A 46 -13.46 -16.05 -4.98
CA PHE A 46 -13.28 -16.27 -6.45
C PHE A 46 -12.11 -17.21 -6.66
N ASN A 47 -12.32 -18.16 -7.50
CA ASN A 47 -11.24 -19.10 -7.80
C ASN A 47 -11.07 -19.08 -9.37
N TYR A 48 -10.01 -18.42 -9.82
CA TYR A 48 -9.82 -18.24 -11.28
C TYR A 48 -9.67 -19.60 -11.95
N ALA A 49 -8.91 -20.52 -11.37
CA ALA A 49 -8.78 -21.87 -12.02
C ALA A 49 -10.11 -22.52 -12.31
N GLN A 50 -11.08 -22.40 -11.40
CA GLN A 50 -12.33 -22.99 -11.68
C GLN A 50 -13.16 -22.29 -12.76
N ALA A 51 -13.02 -20.99 -12.87
CA ALA A 51 -13.67 -20.22 -13.89
C ALA A 51 -13.06 -20.61 -15.22
N PHE A 52 -11.72 -20.66 -15.31
CA PHE A 52 -11.04 -20.98 -16.54
C PHE A 52 -11.42 -22.37 -17.04
N GLU A 53 -11.53 -23.31 -16.11
CA GLU A 53 -11.78 -24.70 -16.50
C GLU A 53 -13.10 -24.83 -17.22
N LYS A 54 -14.05 -23.95 -17.00
CA LYS A 54 -15.27 -23.95 -17.78
C LYS A 54 -15.28 -23.05 -19.00
N LEU A 55 -14.20 -22.35 -19.31
CA LEU A 55 -14.14 -21.47 -20.46
C LEU A 55 -14.21 -22.37 -21.70
N ASP A 56 -14.97 -21.97 -22.69
CA ASP A 56 -14.90 -22.60 -24.00
C ASP A 56 -13.68 -22.03 -24.77
N LEU A 57 -12.53 -22.64 -24.55
CA LEU A 57 -11.29 -22.12 -25.03
C LEU A 57 -11.34 -22.12 -26.60
N ALA A 58 -11.97 -23.13 -27.19
CA ALA A 58 -12.02 -23.21 -28.66
C ALA A 58 -12.78 -21.96 -29.26
N ALA A 59 -13.84 -21.56 -28.57
CA ALA A 59 -14.63 -20.39 -28.97
C ALA A 59 -13.82 -19.10 -28.83
N VAL A 60 -13.06 -18.98 -27.74
CA VAL A 60 -12.16 -17.83 -27.59
C VAL A 60 -11.19 -17.76 -28.76
N LYS A 61 -10.62 -18.92 -29.09
CA LYS A 61 -9.57 -18.96 -30.14
C LYS A 61 -10.23 -18.62 -31.54
N ARG A 62 -11.50 -18.99 -31.78
CA ARG A 62 -12.11 -18.62 -33.01
C ARG A 62 -12.30 -17.12 -33.10
N ASP A 63 -12.72 -16.50 -32.01
CA ASP A 63 -12.88 -15.07 -32.03
C ASP A 63 -11.57 -14.41 -32.22
N LEU A 64 -10.52 -14.93 -31.57
CA LEU A 64 -9.19 -14.27 -31.75
C LEU A 64 -8.72 -14.40 -33.24
N HIS A 65 -9.00 -15.56 -33.82
CA HIS A 65 -8.65 -15.84 -35.26
C HIS A 65 -9.35 -14.83 -36.21
N ALA A 66 -10.61 -14.55 -35.95
CA ALA A 66 -11.36 -13.54 -36.72
C ALA A 66 -10.79 -12.15 -36.49
N LEU A 67 -10.39 -11.81 -35.27
CA LEU A 67 -9.80 -10.55 -34.99
C LEU A 67 -8.55 -10.24 -35.79
N MET A 68 -7.76 -11.26 -36.00
CA MET A 68 -6.49 -11.08 -36.68
C MET A 68 -6.66 -10.30 -38.03
N THR A 69 -7.76 -10.54 -38.73
CA THR A 69 -7.93 -9.86 -40.00
C THR A 69 -9.09 -8.90 -40.02
N THR A 70 -9.49 -8.38 -38.90
CA THR A 70 -10.55 -7.39 -38.83
C THR A 70 -9.93 -6.06 -38.41
N SER A 71 -9.43 -5.29 -39.39
CA SER A 71 -8.74 -4.05 -39.13
C SER A 71 -9.66 -2.96 -38.50
N GLN A 72 -9.24 -2.29 -37.48
CA GLN A 72 -9.95 -1.12 -36.89
C GLN A 72 -9.22 0.13 -37.40
N ASP A 73 -10.01 1.10 -37.85
CA ASP A 73 -9.45 2.33 -38.43
C ASP A 73 -8.64 3.21 -37.49
N TRP A 74 -8.85 3.10 -36.18
CA TRP A 74 -8.01 3.84 -35.20
C TRP A 74 -6.59 3.26 -35.04
N TRP A 75 -6.36 2.06 -35.56
CA TRP A 75 -5.02 1.43 -35.60
C TRP A 75 -4.98 0.33 -36.67
N PRO A 76 -5.02 0.75 -37.94
CA PRO A 76 -5.11 -0.20 -39.05
C PRO A 76 -4.04 -1.24 -39.02
N ALA A 77 -4.43 -2.43 -39.35
CA ALA A 77 -3.57 -3.62 -39.38
C ALA A 77 -2.60 -3.60 -40.56
N ASP A 78 -1.33 -3.67 -40.28
CA ASP A 78 -0.30 -3.84 -41.33
C ASP A 78 -0.59 -5.10 -42.15
N PHE A 79 -0.52 -5.01 -43.53
CA PHE A 79 -0.80 -6.12 -44.37
C PHE A 79 -2.19 -6.72 -44.18
N GLY A 80 -3.08 -5.99 -43.61
CA GLY A 80 -4.37 -6.55 -43.24
C GLY A 80 -4.36 -7.59 -42.08
N HIS A 81 -3.28 -7.71 -41.31
CA HIS A 81 -3.17 -8.85 -40.35
C HIS A 81 -2.43 -8.36 -39.04
N TYR A 82 -3.13 -8.41 -37.94
CA TYR A 82 -2.54 -7.95 -36.60
C TYR A 82 -1.56 -8.98 -35.95
N GLY A 83 -1.29 -10.06 -36.64
CA GLY A 83 -0.56 -11.21 -36.09
C GLY A 83 0.78 -10.79 -35.52
N GLY A 84 1.58 -10.03 -36.33
CA GLY A 84 2.89 -9.62 -35.88
C GLY A 84 2.79 -8.74 -34.62
N LEU A 85 1.86 -7.80 -34.63
CA LEU A 85 1.65 -6.94 -33.51
C LEU A 85 1.42 -7.78 -32.19
N PHE A 86 0.54 -8.74 -32.30
CA PHE A 86 0.21 -9.55 -31.14
C PHE A 86 1.30 -10.51 -30.68
N ILE A 87 2.12 -11.02 -31.64
CA ILE A 87 3.24 -11.81 -31.22
C ILE A 87 4.27 -10.92 -30.45
N ARG A 88 4.54 -9.71 -30.93
CA ARG A 88 5.41 -8.81 -30.19
C ARG A 88 4.78 -8.50 -28.82
N MET A 89 3.49 -8.25 -28.79
CA MET A 89 2.77 -8.03 -27.46
C MET A 89 3.01 -9.21 -26.44
N ALA A 90 2.83 -10.45 -26.88
CA ALA A 90 3.01 -11.61 -25.99
C ALA A 90 4.46 -11.79 -25.62
N TRP A 91 5.38 -11.59 -26.60
CA TRP A 91 6.78 -11.65 -26.33
C TRP A 91 7.22 -10.60 -25.28
N HIS A 92 6.70 -9.41 -25.41
CA HIS A 92 7.04 -8.40 -24.37
C HIS A 92 6.45 -8.69 -22.99
N SER A 93 5.24 -9.23 -23.00
CA SER A 93 4.57 -9.62 -21.74
C SER A 93 5.51 -10.64 -20.97
N ALA A 94 6.02 -11.66 -21.67
CA ALA A 94 6.92 -12.63 -21.09
C ALA A 94 8.31 -12.17 -20.89
N GLY A 95 8.74 -11.19 -21.71
CA GLY A 95 10.16 -10.87 -21.85
C GLY A 95 10.80 -10.00 -20.73
N THR A 96 10.00 -9.60 -19.73
CA THR A 96 10.51 -8.82 -18.62
C THR A 96 11.14 -9.77 -17.55
N TYR A 97 10.96 -11.06 -17.71
CA TYR A 97 11.41 -12.06 -16.71
C TYR A 97 12.91 -12.01 -16.43
N ARG A 98 13.30 -12.19 -15.15
CA ARG A 98 14.69 -12.25 -14.77
C ARG A 98 14.85 -13.54 -13.94
N THR A 99 15.81 -14.40 -14.29
CA THR A 99 16.01 -15.64 -13.50
CA THR A 99 16.00 -15.65 -13.53
C THR A 99 16.53 -15.35 -12.12
N ALA A 100 17.17 -14.19 -11.95
CA ALA A 100 17.86 -13.89 -10.69
C ALA A 100 16.90 -13.87 -9.49
N ASP A 101 15.68 -13.32 -9.69
CA ASP A 101 14.68 -13.24 -8.65
C ASP A 101 13.35 -13.77 -9.03
N GLY A 102 13.23 -14.22 -10.29
CA GLY A 102 11.94 -14.68 -10.82
C GLY A 102 10.88 -13.60 -11.11
N ARG A 103 11.26 -12.35 -10.88
CA ARG A 103 10.35 -11.28 -11.03
C ARG A 103 10.19 -10.94 -12.54
N GLY A 104 9.12 -10.19 -12.86
CA GLY A 104 8.80 -10.03 -14.31
C GLY A 104 8.19 -11.31 -14.88
N GLY A 105 7.98 -11.30 -16.22
CA GLY A 105 7.26 -12.42 -16.89
C GLY A 105 5.78 -12.06 -17.12
N ALA A 106 5.12 -12.98 -17.83
CA ALA A 106 3.73 -12.79 -18.31
C ALA A 106 2.71 -13.24 -17.27
N GLY A 107 3.18 -13.92 -16.20
CA GLY A 107 2.31 -14.61 -15.31
C GLY A 107 1.32 -13.83 -14.48
N GLU A 108 1.48 -12.51 -14.34
CA GLU A 108 0.54 -11.71 -13.59
C GLU A 108 -0.14 -10.62 -14.46
N GLY A 109 0.11 -10.64 -15.76
CA GLY A 109 -0.52 -9.63 -16.65
C GLY A 109 -0.11 -8.20 -16.39
N GLN A 110 1.08 -8.05 -15.89
CA GLN A 110 1.58 -6.73 -15.41
C GLN A 110 1.84 -5.71 -16.51
N GLN A 111 1.82 -6.15 -17.78
CA GLN A 111 2.00 -5.23 -18.91
C GLN A 111 0.93 -4.15 -18.91
N ARG A 112 -0.22 -4.45 -18.32
CA ARG A 112 -1.35 -3.51 -18.36
C ARG A 112 -1.31 -2.40 -17.26
N PHE A 113 -0.30 -2.50 -16.38
CA PHE A 113 -0.16 -1.56 -15.26
C PHE A 113 1.15 -0.74 -15.45
N ALA A 114 1.30 0.32 -14.66
CA ALA A 114 2.60 1.02 -14.57
C ALA A 114 3.64 0.15 -13.88
N PRO A 115 4.91 0.24 -14.20
CA PRO A 115 5.44 1.13 -15.23
C PRO A 115 5.47 0.44 -16.63
N LEU A 116 5.23 -0.85 -16.66
CA LEU A 116 5.41 -1.56 -17.92
C LEU A 116 4.51 -1.11 -19.05
N ASN A 117 3.31 -0.64 -18.76
CA ASN A 117 2.43 -0.18 -19.75
C ASN A 117 3.00 1.05 -20.51
N SER A 118 4.04 1.69 -19.91
CA SER A 118 4.54 2.96 -20.46
C SER A 118 6.01 2.90 -20.75
N TRP A 119 6.61 1.71 -20.69
CA TRP A 119 8.01 1.62 -21.05
C TRP A 119 8.13 1.98 -22.54
N PRO A 120 9.22 2.66 -22.92
CA PRO A 120 9.43 2.88 -24.36
C PRO A 120 9.40 1.65 -25.22
N ALA A 121 9.97 0.56 -24.75
CA ALA A 121 9.95 -0.62 -25.58
C ALA A 121 8.53 -1.24 -25.77
N ASN A 122 7.58 -0.81 -24.94
CA ASN A 122 6.22 -1.22 -25.09
C ASN A 122 5.33 -0.30 -25.84
N ALA A 123 5.93 0.66 -26.56
CA ALA A 123 5.14 1.64 -27.32
C ALA A 123 4.20 0.98 -28.31
N ASN A 124 2.98 1.48 -28.37
CA ASN A 124 1.89 1.01 -29.17
C ASN A 124 1.36 -0.40 -28.84
N LEU A 125 1.90 -1.05 -27.81
CA LEU A 125 1.20 -2.26 -27.30
C LEU A 125 0.00 -1.92 -26.53
N ASP A 126 -0.17 -0.65 -26.13
CA ASP A 126 -1.41 -0.18 -25.64
C ASP A 126 -2.55 -0.37 -26.69
N LYS A 127 -2.21 -0.11 -27.96
CA LYS A 127 -3.19 -0.38 -29.07
C LYS A 127 -3.57 -1.86 -29.20
N ALA A 128 -2.58 -2.71 -29.16
CA ALA A 128 -2.80 -4.17 -29.17
C ALA A 128 -3.71 -4.64 -28.05
N ARG A 129 -3.45 -4.19 -26.83
CA ARG A 129 -4.35 -4.57 -25.71
C ARG A 129 -5.73 -4.08 -25.90
N ARG A 130 -5.87 -2.85 -26.40
CA ARG A 130 -7.23 -2.31 -26.61
C ARG A 130 -8.03 -3.07 -27.69
N LEU A 131 -7.36 -3.55 -28.73
CA LEU A 131 -7.96 -4.44 -29.72
C LEU A 131 -8.60 -5.64 -29.10
N LEU A 132 -8.02 -6.12 -27.99
CA LEU A 132 -8.53 -7.31 -27.33
C LEU A 132 -9.71 -7.08 -26.33
N TRP A 133 -10.00 -5.83 -26.04
CA TRP A 133 -11.10 -5.55 -25.10
C TRP A 133 -12.42 -6.22 -25.46
N PRO A 134 -12.87 -6.18 -26.73
CA PRO A 134 -14.14 -6.79 -26.99
C PRO A 134 -14.19 -8.28 -26.61
N ILE A 135 -13.11 -8.99 -26.89
CA ILE A 135 -13.04 -10.42 -26.50
C ILE A 135 -12.95 -10.64 -24.96
N LYS A 136 -12.15 -9.83 -24.29
CA LYS A 136 -12.08 -9.85 -22.82
C LYS A 136 -13.42 -9.55 -22.21
N GLN A 137 -14.16 -8.61 -22.80
CA GLN A 137 -15.45 -8.20 -22.31
C GLN A 137 -16.44 -9.37 -22.50
N LYS A 138 -16.34 -10.04 -23.66
CA LYS A 138 -17.25 -11.16 -23.92
C LYS A 138 -17.13 -12.32 -22.96
N TYR A 139 -15.90 -12.70 -22.66
CA TYR A 139 -15.66 -13.87 -21.83
C TYR A 139 -15.56 -13.60 -20.35
N GLY A 140 -15.31 -12.34 -19.98
CA GLY A 140 -15.29 -11.86 -18.61
C GLY A 140 -14.28 -12.58 -17.71
N ARG A 141 -14.70 -13.01 -16.52
CA ARG A 141 -13.75 -13.50 -15.52
C ARG A 141 -13.21 -14.86 -15.87
N ALA A 142 -13.74 -15.54 -16.87
CA ALA A 142 -13.29 -16.93 -17.25
C ALA A 142 -12.02 -16.90 -18.06
N ILE A 143 -11.54 -15.74 -18.51
CA ILE A 143 -10.16 -15.67 -19.03
C ILE A 143 -9.50 -14.37 -18.55
N SER A 144 -8.37 -14.51 -17.89
CA SER A 144 -7.66 -13.41 -17.32
C SER A 144 -6.99 -12.61 -18.48
N TRP A 145 -6.71 -11.36 -18.26
CA TRP A 145 -5.81 -10.64 -19.17
C TRP A 145 -4.51 -11.34 -19.35
N ALA A 146 -3.93 -11.78 -18.24
CA ALA A 146 -2.66 -12.44 -18.28
C ALA A 146 -2.64 -13.67 -19.23
N ASP A 147 -3.65 -14.53 -19.10
CA ASP A 147 -3.79 -15.66 -20.00
C ASP A 147 -4.11 -15.19 -21.44
N LEU A 148 -5.01 -14.19 -21.59
CA LEU A 148 -5.38 -13.71 -22.92
C LEU A 148 -4.19 -13.20 -23.73
N LEU A 149 -3.28 -12.51 -23.10
CA LEU A 149 -2.15 -11.95 -23.84
C LEU A 149 -1.33 -13.05 -24.49
N ILE A 150 -1.10 -14.12 -23.74
CA ILE A 150 -0.37 -15.26 -24.24
C ILE A 150 -1.15 -16.00 -25.28
N LEU A 151 -2.40 -16.28 -24.96
CA LEU A 151 -3.26 -17.01 -25.91
C LEU A 151 -3.31 -16.28 -27.29
N THR A 152 -3.38 -14.95 -27.23
CA THR A 152 -3.50 -14.18 -28.42
C THR A 152 -2.23 -14.36 -29.29
N GLY A 153 -1.07 -14.33 -28.64
CA GLY A 153 0.18 -14.59 -29.40
C GLY A 153 0.22 -16.02 -30.02
N ASN A 154 -0.31 -17.02 -29.30
CA ASN A 154 -0.44 -18.39 -29.86
C ASN A 154 -1.39 -18.42 -31.07
N VAL A 155 -2.51 -17.76 -30.94
CA VAL A 155 -3.48 -17.77 -32.04
C VAL A 155 -2.90 -17.03 -33.29
N ALA A 156 -2.22 -15.93 -33.08
CA ALA A 156 -1.52 -15.27 -34.15
C ALA A 156 -0.61 -16.20 -34.93
N LEU A 157 0.30 -16.84 -34.21
CA LEU A 157 1.21 -17.83 -34.81
C LEU A 157 0.43 -18.94 -35.58
N GLU A 158 -0.63 -19.48 -34.96
CA GLU A 158 -1.45 -20.52 -35.60
C GLU A 158 -2.13 -20.03 -36.84
N SER A 159 -2.75 -18.89 -36.77
CA SER A 159 -3.45 -18.30 -37.91
C SER A 159 -2.46 -18.09 -39.09
N MET A 160 -1.16 -17.90 -38.83
CA MET A 160 -0.18 -17.64 -39.89
C MET A 160 0.56 -18.89 -40.27
N GLY A 161 0.10 -20.04 -39.85
CA GLY A 161 0.63 -21.32 -40.33
C GLY A 161 1.69 -21.99 -39.42
N PHE A 162 1.84 -21.55 -38.17
CA PHE A 162 2.88 -22.10 -37.30
C PHE A 162 2.22 -22.92 -36.20
N LYS A 163 2.67 -24.12 -36.05
CA LYS A 163 2.12 -25.06 -35.08
C LYS A 163 2.78 -24.81 -33.71
N THR A 164 1.98 -24.43 -32.73
CA THR A 164 2.61 -24.19 -31.43
C THR A 164 2.77 -25.51 -30.67
N PHE A 165 3.58 -25.47 -29.58
CA PHE A 165 3.81 -26.63 -28.80
C PHE A 165 2.71 -26.86 -27.81
N GLY A 166 1.82 -25.90 -27.57
CA GLY A 166 0.82 -26.06 -26.48
C GLY A 166 0.53 -24.72 -25.78
N PHE A 167 -0.41 -24.74 -24.81
CA PHE A 167 -0.75 -23.54 -24.07
C PHE A 167 -1.35 -24.08 -22.75
N ALA A 168 -1.00 -23.43 -21.67
CA ALA A 168 -1.68 -23.64 -20.38
C ALA A 168 -2.27 -22.28 -19.91
N GLY A 169 -3.52 -22.36 -19.46
CA GLY A 169 -4.11 -21.32 -18.72
C GLY A 169 -3.82 -21.45 -17.23
N GLY A 170 -4.26 -20.46 -16.47
CA GLY A 170 -4.08 -20.41 -14.98
C GLY A 170 -3.37 -19.23 -14.46
N ARG A 171 -2.99 -18.26 -15.31
CA ARG A 171 -2.39 -16.98 -14.82
C ARG A 171 -3.51 -16.08 -14.25
N ALA A 172 -3.67 -16.03 -12.94
CA ALA A 172 -4.74 -15.20 -12.35
C ALA A 172 -4.35 -13.71 -12.56
N ASP A 173 -5.33 -12.89 -12.86
CA ASP A 173 -5.03 -11.45 -12.95
C ASP A 173 -4.63 -10.88 -11.59
N THR A 174 -3.86 -9.79 -11.63
CA THR A 174 -3.48 -8.98 -10.48
C THR A 174 -4.13 -7.61 -10.69
N TRP A 175 -4.18 -6.80 -9.65
CA TRP A 175 -5.05 -5.63 -9.65
C TRP A 175 -4.25 -4.32 -9.24
N GLU A 176 -2.97 -4.50 -9.03
CA GLU A 176 -2.11 -3.33 -8.84
C GLU A 176 -0.69 -3.63 -9.32
N PRO A 177 0.08 -2.59 -9.60
CA PRO A 177 1.47 -2.82 -9.99
C PRO A 177 2.31 -3.52 -8.99
N GLU A 178 3.14 -4.45 -9.40
CA GLU A 178 4.15 -5.05 -8.57
C GLU A 178 5.24 -4.05 -8.21
N ASP A 179 5.90 -4.19 -7.07
CA ASP A 179 7.09 -3.38 -6.69
C ASP A 179 8.30 -4.21 -7.07
N VAL A 180 8.84 -3.77 -8.18
CA VAL A 180 10.00 -4.50 -8.78
C VAL A 180 11.18 -3.47 -8.92
N TYR A 181 12.40 -3.89 -8.56
CA TYR A 181 13.58 -3.04 -8.86
C TYR A 181 13.94 -3.22 -10.36
N TRP A 182 13.67 -2.20 -11.21
CA TRP A 182 13.99 -2.26 -12.63
C TRP A 182 15.31 -1.54 -12.95
N GLY A 183 15.96 -0.99 -11.91
CA GLY A 183 17.17 -0.16 -12.10
C GLY A 183 17.03 1.20 -11.37
N SER A 184 18.13 1.95 -11.24
CA SER A 184 18.18 3.23 -10.46
C SER A 184 18.24 4.48 -11.39
N GLU A 185 18.31 4.27 -12.72
CA GLU A 185 18.35 5.41 -13.61
C GLU A 185 17.05 6.25 -13.50
N LYS A 186 17.20 7.59 -13.70
CA LYS A 186 16.08 8.55 -13.58
C LYS A 186 15.66 9.10 -14.93
N ILE A 187 16.26 8.55 -16.02
CA ILE A 187 16.05 8.96 -17.36
C ILE A 187 15.75 7.69 -18.20
N TRP A 188 14.62 7.68 -18.93
CA TRP A 188 14.25 6.55 -19.78
C TRP A 188 15.40 6.29 -20.76
N LEU A 189 15.77 5.01 -20.90
CA LEU A 189 16.72 4.59 -21.98
C LEU A 189 18.14 5.18 -21.78
N GLU A 190 18.44 5.62 -20.55
CA GLU A 190 19.71 6.27 -20.32
C GLU A 190 20.84 5.35 -20.80
N LEU A 191 21.83 5.91 -21.50
CA LEU A 191 23.00 5.13 -21.94
C LEU A 191 23.89 4.81 -20.76
N SER A 192 24.66 3.70 -20.88
CA SER A 192 25.42 3.20 -19.74
C SER A 192 26.54 4.23 -19.28
N GLY A 193 27.02 4.08 -18.06
CA GLY A 193 28.11 4.95 -17.57
C GLY A 193 27.60 6.23 -16.90
N GLY A 194 26.30 6.44 -16.72
CA GLY A 194 25.78 7.65 -15.99
C GLY A 194 25.96 7.51 -14.52
N PRO A 195 25.44 8.50 -13.75
CA PRO A 195 25.52 8.42 -12.26
C PRO A 195 24.77 7.20 -11.67
N ASN A 196 23.78 6.66 -12.38
CA ASN A 196 23.10 5.43 -11.88
C ASN A 196 23.30 4.17 -12.82
N SER A 197 24.49 4.08 -13.41
CA SER A 197 24.87 3.09 -14.32
C SER A 197 24.50 1.71 -13.80
N ARG A 198 23.76 0.94 -14.62
CA ARG A 198 23.57 -0.47 -14.33
C ARG A 198 24.76 -1.36 -14.73
N TYR A 199 25.77 -0.77 -15.32
CA TYR A 199 27.00 -1.48 -15.78
C TYR A 199 28.22 -1.00 -14.97
N SER A 200 29.09 -1.91 -14.65
CA SER A 200 30.40 -1.63 -14.04
C SER A 200 31.41 -2.69 -14.56
N GLY A 201 32.70 -2.40 -14.36
CA GLY A 201 33.78 -3.28 -14.80
C GLY A 201 33.77 -3.48 -16.26
N ASP A 202 33.99 -4.72 -16.68
CA ASP A 202 34.00 -5.00 -18.13
C ASP A 202 32.54 -5.30 -18.63
N ARG A 203 31.72 -4.26 -18.73
CA ARG A 203 30.30 -4.39 -19.13
C ARG A 203 29.52 -5.49 -18.33
N GLN A 204 29.64 -5.42 -17.01
CA GLN A 204 29.02 -6.37 -16.11
C GLN A 204 27.72 -5.74 -15.71
N LEU A 205 26.62 -6.45 -16.02
CA LEU A 205 25.29 -5.94 -15.74
C LEU A 205 24.94 -6.22 -14.30
N GLU A 206 24.46 -5.27 -13.50
CA GLU A 206 24.17 -5.60 -12.06
C GLU A 206 22.99 -6.57 -11.93
N ASN A 207 23.14 -7.52 -11.03
CA ASN A 207 22.01 -8.35 -10.60
C ASN A 207 21.01 -7.54 -9.84
N PRO A 208 19.72 -7.75 -9.94
CA PRO A 208 19.06 -8.83 -10.64
C PRO A 208 18.59 -8.37 -12.06
N LEU A 209 19.20 -7.35 -12.63
CA LEU A 209 18.63 -6.75 -13.91
C LEU A 209 18.94 -7.67 -15.13
N ALA A 210 18.06 -7.59 -16.13
CA ALA A 210 18.19 -8.41 -17.29
C ALA A 210 17.98 -7.69 -18.61
N ALA A 211 18.09 -6.37 -18.54
CA ALA A 211 17.99 -5.50 -19.70
C ALA A 211 19.16 -4.50 -19.68
N VAL A 212 19.57 -4.03 -20.87
CA VAL A 212 20.77 -3.16 -21.01
C VAL A 212 20.51 -1.66 -20.68
N GLN A 213 19.23 -1.25 -20.76
CA GLN A 213 18.78 0.18 -20.56
C GLN A 213 17.40 0.17 -19.94
N MET A 214 17.12 1.18 -19.13
CA MET A 214 15.88 1.29 -18.39
C MET A 214 14.77 1.52 -19.44
N GLY A 215 13.79 0.62 -19.41
CA GLY A 215 12.65 0.73 -20.32
C GLY A 215 12.79 -0.18 -21.59
N LEU A 216 13.91 -0.95 -21.72
CA LEU A 216 14.04 -1.94 -22.78
C LEU A 216 13.68 -3.32 -22.22
N ILE A 217 13.44 -4.27 -23.13
CA ILE A 217 13.10 -5.63 -22.76
C ILE A 217 14.38 -6.43 -22.54
N TYR A 218 15.19 -6.58 -23.63
CA TYR A 218 16.48 -7.16 -23.46
C TYR A 218 17.62 -6.16 -23.86
N VAL A 219 17.72 -5.92 -25.16
CA VAL A 219 18.84 -5.13 -25.75
C VAL A 219 18.33 -3.99 -26.60
N ASN A 220 19.30 -3.16 -27.04
CA ASN A 220 19.03 -2.00 -27.89
C ASN A 220 19.15 -2.49 -29.36
N PRO A 221 18.06 -2.36 -30.12
CA PRO A 221 18.03 -2.91 -31.46
C PRO A 221 19.03 -2.22 -32.46
N GLU A 222 19.49 -1.03 -32.11
CA GLU A 222 20.57 -0.38 -32.86
C GLU A 222 21.96 -0.87 -32.54
N GLY A 223 22.15 -1.51 -31.40
CA GLY A 223 23.41 -2.00 -30.90
C GLY A 223 23.72 -1.36 -29.54
N PRO A 224 24.81 -1.80 -28.90
CA PRO A 224 25.10 -1.43 -27.51
C PRO A 224 25.31 0.08 -27.38
N ASP A 225 24.51 0.72 -26.51
CA ASP A 225 24.48 2.17 -26.36
C ASP A 225 24.32 2.86 -27.70
N GLY A 226 23.68 2.21 -28.66
CA GLY A 226 23.37 2.78 -29.96
C GLY A 226 24.46 2.59 -31.01
N ASN A 227 25.50 1.84 -30.70
CA ASN A 227 26.60 1.61 -31.62
C ASN A 227 26.29 0.37 -32.52
N PRO A 228 26.27 0.54 -33.83
CA PRO A 228 25.67 -0.52 -34.70
C PRO A 228 26.68 -1.55 -35.13
N ASP A 229 27.17 -2.25 -34.14
CA ASP A 229 28.17 -3.27 -34.32
C ASP A 229 27.45 -4.64 -33.94
N PRO A 230 27.13 -5.46 -34.93
CA PRO A 230 26.45 -6.76 -34.65
C PRO A 230 27.19 -7.73 -33.77
N VAL A 231 28.54 -7.72 -33.86
CA VAL A 231 29.37 -8.54 -33.01
C VAL A 231 29.23 -8.19 -31.52
N ALA A 232 29.36 -6.90 -31.24
CA ALA A 232 29.23 -6.40 -29.88
C ALA A 232 27.73 -6.56 -29.43
N ALA A 233 26.78 -6.35 -30.32
CA ALA A 233 25.39 -6.48 -29.95
C ALA A 233 25.16 -7.93 -29.47
N ALA A 234 25.78 -8.89 -30.15
CA ALA A 234 25.63 -10.31 -29.79
C ALA A 234 26.03 -10.63 -28.36
N ARG A 235 27.01 -9.93 -27.85
CA ARG A 235 27.41 -10.13 -26.45
C ARG A 235 26.29 -9.72 -25.48
N ASP A 236 25.64 -8.60 -25.76
CA ASP A 236 24.52 -8.13 -24.97
C ASP A 236 23.32 -9.04 -25.07
N ILE A 237 23.08 -9.55 -26.32
CA ILE A 237 21.98 -10.52 -26.53
C ILE A 237 22.24 -11.74 -25.69
N ARG A 238 23.46 -12.28 -25.77
CA ARG A 238 23.75 -13.51 -25.06
C ARG A 238 23.57 -13.32 -23.51
N ASP A 239 24.05 -12.19 -23.03
CA ASP A 239 24.06 -11.89 -21.58
C ASP A 239 22.61 -11.75 -21.05
N THR A 240 21.85 -10.90 -21.70
CA THR A 240 20.50 -10.65 -21.28
C THR A 240 19.56 -11.83 -21.45
N PHE A 241 19.70 -12.59 -22.58
CA PHE A 241 18.91 -13.76 -22.74
C PHE A 241 19.28 -14.81 -21.71
N ALA A 242 20.55 -14.95 -21.38
CA ALA A 242 20.92 -15.89 -20.32
C ALA A 242 20.29 -15.51 -18.94
N ARG A 243 20.20 -14.25 -18.71
CA ARG A 243 19.51 -13.73 -17.50
C ARG A 243 18.03 -13.85 -17.53
N MET A 244 17.49 -14.24 -18.69
CA MET A 244 16.10 -14.67 -18.86
C MET A 244 15.92 -16.16 -19.04
N ALA A 245 16.96 -16.92 -18.67
CA ALA A 245 16.93 -18.35 -18.75
C ALA A 245 16.95 -18.98 -20.09
N MET A 246 17.52 -18.30 -21.07
CA MET A 246 17.55 -18.85 -22.48
C MET A 246 19.04 -19.04 -22.90
N ASN A 247 19.33 -20.19 -23.49
CA ASN A 247 20.65 -20.50 -23.98
C ASN A 247 20.79 -20.00 -25.48
N ASP A 248 21.90 -20.35 -26.15
CA ASP A 248 22.14 -19.86 -27.48
C ASP A 248 21.09 -20.38 -28.52
N GLU A 249 20.77 -21.63 -28.49
CA GLU A 249 19.84 -22.23 -29.45
C GLU A 249 18.48 -21.59 -29.26
N GLU A 250 18.05 -21.47 -28.03
CA GLU A 250 16.77 -20.90 -27.74
C GLU A 250 16.68 -19.44 -28.16
N THR A 251 17.77 -18.72 -27.93
CA THR A 251 17.83 -17.31 -28.32
C THR A 251 17.74 -17.07 -29.85
N VAL A 252 18.52 -17.88 -30.60
CA VAL A 252 18.45 -17.77 -32.04
C VAL A 252 17.07 -18.14 -32.54
N ALA A 253 16.51 -19.23 -31.98
CA ALA A 253 15.18 -19.65 -32.38
C ALA A 253 14.12 -18.60 -32.17
N LEU A 254 14.17 -17.94 -31.03
CA LEU A 254 13.19 -16.95 -30.67
C LEU A 254 13.29 -15.69 -31.54
N ILE A 255 14.53 -15.17 -31.74
CA ILE A 255 14.64 -13.86 -32.42
C ILE A 255 14.27 -14.07 -33.91
N ALA A 256 14.83 -15.14 -34.52
CA ALA A 256 14.54 -15.42 -35.93
C ALA A 256 13.10 -15.84 -36.14
N GLY A 257 12.57 -16.55 -35.19
CA GLY A 257 11.15 -16.91 -35.22
C GLY A 257 10.27 -15.72 -35.14
N GLY A 258 10.49 -14.85 -34.18
CA GLY A 258 9.63 -13.58 -34.02
C GLY A 258 9.68 -12.75 -35.29
N HIS A 259 10.89 -12.55 -35.76
CA HIS A 259 11.17 -11.62 -36.90
C HIS A 259 10.92 -12.30 -38.29
N THR A 260 10.30 -13.49 -38.29
CA THR A 260 9.68 -14.05 -39.49
C THR A 260 8.38 -13.28 -39.77
N PHE A 261 7.82 -12.59 -38.75
CA PHE A 261 6.53 -11.95 -38.91
C PHE A 261 6.57 -10.44 -38.81
N GLY A 262 5.67 -9.82 -39.53
CA GLY A 262 5.39 -8.40 -39.27
C GLY A 262 6.44 -7.38 -39.72
N LYS A 263 6.53 -6.29 -39.02
CA LYS A 263 7.42 -5.17 -39.33
C LYS A 263 7.62 -4.25 -38.14
N THR A 264 8.65 -3.41 -38.22
CA THR A 264 8.85 -2.32 -37.26
C THR A 264 8.16 -1.04 -37.79
N HIS A 265 8.17 0.06 -37.02
CA HIS A 265 7.45 1.30 -37.41
C HIS A 265 8.32 2.51 -37.06
N GLY A 266 8.71 3.21 -38.14
CA GLY A 266 9.65 4.37 -38.00
C GLY A 266 9.43 5.39 -39.17
N ALA A 267 8.20 5.71 -39.46
CA ALA A 267 7.89 6.38 -40.73
C ALA A 267 8.32 7.85 -40.75
N GLY A 268 8.59 8.43 -39.58
CA GLY A 268 8.90 9.85 -39.48
C GLY A 268 9.67 10.08 -38.20
N PRO A 269 10.09 11.35 -37.96
CA PRO A 269 10.90 11.66 -36.79
C PRO A 269 10.18 11.38 -35.47
N ALA A 270 10.94 10.89 -34.51
CA ALA A 270 10.42 10.51 -33.20
C ALA A 270 9.92 11.68 -32.43
N SER A 271 10.37 12.90 -32.77
CA SER A 271 9.85 14.04 -32.02
C SER A 271 8.38 14.26 -32.36
N ASN A 272 7.81 13.61 -33.36
CA ASN A 272 6.35 13.64 -33.51
C ASN A 272 5.51 12.89 -32.42
N VAL A 273 6.19 12.06 -31.59
CA VAL A 273 5.43 11.12 -30.75
C VAL A 273 5.22 11.76 -29.42
N GLY A 274 4.01 11.84 -28.91
CA GLY A 274 3.71 12.42 -27.59
C GLY A 274 3.85 11.46 -26.41
N ALA A 275 3.29 11.88 -25.30
CA ALA A 275 3.40 11.26 -24.01
C ALA A 275 3.02 9.77 -23.94
N GLU A 276 3.85 9.03 -23.26
CA GLU A 276 3.55 7.63 -22.84
C GLU A 276 2.23 7.58 -22.01
N PRO A 277 1.56 6.38 -21.97
CA PRO A 277 0.21 6.31 -21.40
C PRO A 277 0.07 6.92 -20.00
N GLU A 278 1.00 6.61 -19.08
CA GLU A 278 0.94 7.15 -17.68
C GLU A 278 1.06 8.69 -17.62
N ALA A 279 1.53 9.34 -18.66
CA ALA A 279 1.72 10.81 -18.69
C ALA A 279 0.76 11.43 -19.59
N ALA A 280 -0.06 10.71 -20.32
CA ALA A 280 -1.00 11.33 -21.32
C ALA A 280 -2.17 11.99 -20.63
N GLY A 281 -2.88 12.80 -21.36
CA GLY A 281 -4.07 13.38 -20.79
C GLY A 281 -5.18 12.33 -20.57
N ILE A 282 -6.11 12.75 -19.76
CA ILE A 282 -7.26 11.93 -19.42
C ILE A 282 -8.10 11.52 -20.59
N GLU A 283 -8.16 12.39 -21.60
CA GLU A 283 -8.91 12.12 -22.77
C GLU A 283 -8.36 10.99 -23.65
N ALA A 284 -7.07 10.67 -23.50
CA ALA A 284 -6.46 9.58 -24.29
C ALA A 284 -7.01 8.19 -23.79
N GLN A 285 -7.72 8.17 -22.65
CA GLN A 285 -8.39 6.92 -22.13
C GLN A 285 -7.45 5.71 -22.14
N GLY A 286 -6.30 5.97 -21.56
CA GLY A 286 -5.34 4.93 -21.26
C GLY A 286 -4.41 4.56 -22.41
N LEU A 287 -4.51 5.25 -23.53
CA LEU A 287 -3.60 5.07 -24.64
C LEU A 287 -2.54 6.19 -24.58
N GLY A 288 -1.47 6.00 -25.31
CA GLY A 288 -0.32 6.92 -25.32
C GLY A 288 0.39 6.95 -26.67
N TRP A 289 1.54 7.69 -26.64
CA TRP A 289 2.40 7.83 -27.83
C TRP A 289 1.63 8.41 -29.02
N LYS A 290 0.75 9.36 -28.74
CA LYS A 290 -0.07 9.88 -29.84
C LYS A 290 0.88 10.63 -30.80
N SER A 291 0.73 10.41 -32.07
CA SER A 291 1.74 10.90 -33.02
C SER A 291 1.13 12.05 -33.95
N ALA A 292 1.90 13.11 -34.12
CA ALA A 292 1.51 14.20 -35.03
C ALA A 292 2.08 13.96 -36.43
N TYR A 293 2.70 12.83 -36.69
CA TYR A 293 3.24 12.59 -38.07
C TYR A 293 2.16 12.06 -39.02
N ARG A 294 1.76 12.92 -40.01
CA ARG A 294 0.75 12.50 -40.97
C ARG A 294 -0.49 11.93 -40.30
N THR A 295 -1.04 10.79 -40.68
CA THR A 295 -2.26 10.27 -40.01
C THR A 295 -1.99 9.76 -38.57
N GLY A 296 -0.74 9.66 -38.13
CA GLY A 296 -0.43 9.10 -36.76
C GLY A 296 -0.50 7.59 -36.58
N LYS A 297 -0.77 6.85 -37.66
CA LYS A 297 -1.11 5.39 -37.57
C LYS A 297 -0.92 4.71 -38.87
N GLY A 298 -1.02 3.39 -38.88
CA GLY A 298 -1.00 2.68 -40.13
C GLY A 298 0.31 2.88 -40.92
N ALA A 299 0.18 3.29 -42.17
CA ALA A 299 1.35 3.55 -42.97
C ALA A 299 2.25 4.59 -42.39
N ASP A 300 1.74 5.50 -41.55
CA ASP A 300 2.53 6.54 -40.96
C ASP A 300 2.99 6.21 -39.54
N ALA A 301 2.82 4.95 -39.08
CA ALA A 301 3.11 4.65 -37.68
C ALA A 301 4.56 4.88 -37.29
N ILE A 302 4.75 5.36 -36.07
CA ILE A 302 6.08 5.43 -35.42
C ILE A 302 6.04 4.78 -34.05
N THR A 303 6.82 3.75 -33.89
CA THR A 303 6.89 2.95 -32.63
C THR A 303 8.29 2.98 -32.08
N SER A 304 9.21 2.27 -32.69
CA SER A 304 10.57 2.21 -32.28
C SER A 304 11.40 3.30 -33.03
N GLY A 305 10.95 3.83 -34.16
CA GLY A 305 11.80 4.68 -34.97
C GLY A 305 12.56 3.92 -36.05
N LEU A 306 12.56 2.58 -36.04
CA LEU A 306 13.18 1.76 -37.05
C LEU A 306 12.16 1.46 -38.12
N GLU A 307 12.61 1.23 -39.36
CA GLU A 307 11.69 0.93 -40.46
C GLU A 307 12.21 -0.27 -41.24
N VAL A 308 11.92 -1.46 -40.75
CA VAL A 308 12.40 -2.77 -41.27
C VAL A 308 11.19 -3.69 -41.43
N THR A 309 11.19 -4.44 -42.52
CA THR A 309 10.26 -5.53 -42.77
C THR A 309 11.09 -6.72 -43.22
N TRP A 310 11.10 -7.80 -42.40
CA TRP A 310 12.09 -8.87 -42.61
C TRP A 310 11.87 -9.80 -43.75
N THR A 311 10.64 -10.20 -44.06
CA THR A 311 10.37 -11.27 -45.00
C THR A 311 9.42 -10.87 -46.15
N THR A 312 9.42 -11.70 -47.21
CA THR A 312 8.51 -11.45 -48.33
C THR A 312 7.11 -11.88 -48.08
N THR A 313 6.84 -12.55 -46.95
CA THR A 313 5.45 -12.91 -46.59
C THR A 313 5.28 -12.63 -45.06
N PRO A 314 5.15 -11.38 -44.66
CA PRO A 314 5.14 -11.02 -43.19
C PRO A 314 3.95 -11.60 -42.47
N THR A 315 2.93 -12.09 -43.20
CA THR A 315 1.79 -12.66 -42.53
C THR A 315 1.72 -14.21 -42.65
N GLN A 316 2.82 -14.84 -42.95
CA GLN A 316 2.90 -16.34 -43.05
C GLN A 316 4.19 -16.88 -42.57
N TRP A 317 4.12 -17.99 -41.85
CA TRP A 317 5.33 -18.63 -41.40
C TRP A 317 6.14 -19.11 -42.66
N SER A 318 7.45 -18.99 -42.62
CA SER A 318 8.30 -19.30 -43.74
C SER A 318 9.68 -19.55 -43.15
N HIS A 319 10.66 -19.86 -44.01
CA HIS A 319 12.07 -19.75 -43.63
C HIS A 319 12.82 -18.64 -44.38
N ASN A 320 12.09 -17.56 -44.66
CA ASN A 320 12.62 -16.46 -45.48
C ASN A 320 13.53 -15.52 -44.60
N PHE A 321 13.40 -15.57 -43.24
CA PHE A 321 14.27 -14.79 -42.43
C PHE A 321 15.74 -15.25 -42.64
N PHE A 322 15.99 -16.56 -42.51
CA PHE A 322 17.36 -16.97 -42.76
C PHE A 322 17.81 -16.90 -44.27
N GLU A 323 16.91 -17.18 -45.17
CA GLU A 323 17.25 -17.05 -46.60
C GLU A 323 17.71 -15.65 -46.83
N ASN A 324 17.03 -14.64 -46.27
CA ASN A 324 17.51 -13.29 -46.43
C ASN A 324 18.81 -13.01 -45.68
N LEU A 325 18.92 -13.48 -44.43
CA LEU A 325 20.03 -13.10 -43.63
C LEU A 325 21.35 -13.59 -44.28
N PHE A 326 21.30 -14.81 -44.80
CA PHE A 326 22.48 -15.46 -45.44
C PHE A 326 22.58 -15.15 -46.96
N GLY A 327 21.48 -14.81 -47.63
CA GLY A 327 21.49 -14.68 -49.09
C GLY A 327 21.89 -13.27 -49.50
N TYR A 328 21.99 -12.29 -48.63
CA TYR A 328 22.44 -10.92 -48.97
C TYR A 328 23.59 -10.43 -48.17
N GLU A 329 24.29 -9.40 -48.67
CA GLU A 329 25.22 -8.64 -47.86
C GLU A 329 24.52 -7.36 -47.41
N TRP A 330 24.88 -6.83 -46.27
CA TRP A 330 24.13 -5.80 -45.60
C TRP A 330 24.88 -4.48 -45.46
N GLU A 331 24.20 -3.37 -45.70
CA GLU A 331 24.74 -2.03 -45.65
C GLU A 331 24.06 -1.17 -44.62
N LEU A 332 24.89 -0.45 -43.85
CA LEU A 332 24.38 0.40 -42.76
C LEU A 332 23.64 1.57 -43.32
N THR A 333 22.44 1.87 -42.82
CA THR A 333 21.61 2.92 -43.35
C THR A 333 20.82 3.53 -42.17
N LYS A 334 19.95 4.45 -42.45
CA LYS A 334 19.14 5.15 -41.45
C LYS A 334 17.68 5.09 -41.84
N SER A 335 16.80 4.91 -40.85
CA SER A 335 15.36 4.94 -41.14
C SER A 335 14.95 6.43 -41.33
N PRO A 336 13.71 6.70 -41.69
CA PRO A 336 13.20 8.09 -41.66
C PRO A 336 13.21 8.78 -40.33
N ALA A 337 13.35 8.08 -39.21
CA ALA A 337 13.49 8.72 -37.92
C ALA A 337 14.94 8.90 -37.54
N GLY A 338 15.87 8.44 -38.35
CA GLY A 338 17.27 8.61 -37.96
C GLY A 338 17.88 7.44 -37.27
N ALA A 339 17.17 6.29 -37.14
CA ALA A 339 17.77 5.17 -36.42
C ALA A 339 18.68 4.33 -37.31
N HIS A 340 19.76 3.76 -36.75
CA HIS A 340 20.61 2.88 -37.57
C HIS A 340 19.91 1.49 -37.82
N GLN A 341 19.96 1.05 -39.05
CA GLN A 341 19.44 -0.21 -39.50
C GLN A 341 20.14 -0.59 -40.82
N TRP A 342 19.81 -1.75 -41.39
CA TRP A 342 20.62 -2.34 -42.46
C TRP A 342 19.75 -2.69 -43.62
N VAL A 343 20.29 -2.58 -44.87
CA VAL A 343 19.53 -2.88 -46.04
C VAL A 343 20.38 -3.81 -46.91
N ALA A 344 19.72 -4.64 -47.68
CA ALA A 344 20.35 -5.62 -48.50
C ALA A 344 20.95 -4.92 -49.76
N LYS A 345 22.22 -5.13 -49.92
CA LYS A 345 23.00 -4.56 -51.09
C LYS A 345 22.52 -5.17 -52.35
N GLY A 346 22.18 -4.32 -53.32
CA GLY A 346 21.89 -4.83 -54.69
C GLY A 346 20.58 -5.57 -54.84
N ALA A 347 19.68 -5.51 -53.87
CA ALA A 347 18.57 -6.40 -53.95
C ALA A 347 17.46 -5.75 -54.77
N ASP A 348 16.63 -6.57 -55.34
CA ASP A 348 15.31 -6.18 -55.85
C ASP A 348 14.34 -5.83 -54.74
N ALA A 349 13.34 -5.01 -55.09
CA ALA A 349 12.23 -4.68 -54.26
C ALA A 349 11.27 -5.87 -54.14
N VAL A 350 11.51 -6.79 -53.21
CA VAL A 350 10.72 -8.03 -53.11
C VAL A 350 9.81 -8.07 -51.85
N ILE A 351 9.95 -7.10 -50.94
CA ILE A 351 9.21 -7.10 -49.70
C ILE A 351 7.96 -6.27 -49.90
N PRO A 352 6.78 -6.84 -49.55
CA PRO A 352 5.57 -6.04 -49.74
C PRO A 352 5.47 -4.87 -48.77
N ASP A 353 4.74 -3.87 -49.23
CA ASP A 353 4.38 -2.74 -48.46
C ASP A 353 3.16 -3.09 -47.60
N ALA A 354 3.05 -2.45 -46.43
CA ALA A 354 1.99 -2.83 -45.49
C ALA A 354 0.61 -2.30 -45.87
N PHE A 355 0.55 -1.21 -46.70
CA PHE A 355 -0.73 -0.62 -47.12
C PHE A 355 -0.96 -0.40 -48.64
N ASP A 356 0.11 -0.28 -49.37
CA ASP A 356 0.00 0.09 -50.81
C ASP A 356 0.47 -1.07 -51.65
N PRO A 357 -0.46 -1.78 -52.34
CA PRO A 357 -0.06 -2.98 -53.06
C PRO A 357 0.73 -2.62 -54.33
N SER A 358 0.94 -1.38 -54.67
CA SER A 358 1.79 -1.18 -55.84
C SER A 358 3.22 -0.78 -55.41
N LYS A 359 3.56 -0.79 -54.10
CA LYS A 359 4.94 -0.51 -53.63
C LYS A 359 5.57 -1.76 -53.08
N LYS A 360 6.90 -1.89 -53.28
CA LYS A 360 7.74 -2.96 -52.74
C LYS A 360 8.99 -2.37 -52.23
N HIS A 361 9.73 -3.13 -51.38
CA HIS A 361 10.88 -2.61 -50.73
C HIS A 361 11.96 -3.62 -50.78
N ARG A 362 13.20 -3.14 -50.48
CA ARG A 362 14.31 -4.07 -50.39
C ARG A 362 14.25 -4.76 -48.99
N PRO A 363 14.84 -5.92 -48.87
CA PRO A 363 15.03 -6.52 -47.55
C PRO A 363 15.85 -5.68 -46.63
N THR A 364 15.40 -5.65 -45.35
CA THR A 364 16.09 -4.94 -44.29
C THR A 364 16.29 -5.84 -43.05
N MET A 365 17.17 -5.41 -42.16
CA MET A 365 17.51 -6.06 -40.92
C MET A 365 17.88 -5.06 -39.85
N LEU A 366 17.68 -5.46 -38.55
CA LEU A 366 18.26 -4.75 -37.43
C LEU A 366 19.69 -5.18 -37.19
N THR A 367 20.46 -4.32 -36.54
CA THR A 367 21.77 -4.70 -36.06
C THR A 367 21.77 -6.08 -35.33
N THR A 368 20.79 -6.22 -34.41
CA THR A 368 20.63 -7.40 -33.58
C THR A 368 20.20 -8.64 -34.35
N ASP A 369 19.53 -8.49 -35.50
CA ASP A 369 19.34 -9.61 -36.42
C ASP A 369 20.62 -10.09 -36.99
N LEU A 370 21.44 -9.13 -37.41
CA LEU A 370 22.73 -9.51 -38.01
C LEU A 370 23.67 -10.18 -37.02
N SER A 371 23.53 -9.89 -35.70
CA SER A 371 24.21 -10.69 -34.66
C SER A 371 24.05 -12.18 -34.87
N LEU A 372 22.93 -12.63 -35.42
CA LEU A 372 22.71 -14.07 -35.53
C LEU A 372 23.61 -14.74 -36.61
N ARG A 373 24.07 -13.90 -37.50
CA ARG A 373 25.03 -14.30 -38.54
C ARG A 373 26.51 -13.99 -38.22
N PHE A 374 26.79 -12.90 -37.56
CA PHE A 374 28.17 -12.44 -37.33
C PHE A 374 28.79 -12.80 -36.02
N ASP A 375 28.02 -13.24 -35.01
CA ASP A 375 28.60 -13.90 -33.90
C ASP A 375 28.92 -15.33 -34.28
N PRO A 376 30.12 -15.83 -33.98
CA PRO A 376 30.48 -17.17 -34.44
C PRO A 376 29.69 -18.32 -33.84
N ALA A 377 29.28 -18.25 -32.57
CA ALA A 377 28.49 -19.32 -32.05
C ALA A 377 27.05 -19.26 -32.59
N TYR A 378 26.47 -18.07 -32.68
CA TYR A 378 25.13 -17.96 -33.31
C TYR A 378 25.09 -18.43 -34.75
N GLU A 379 26.12 -18.07 -35.50
CA GLU A 379 26.19 -18.40 -36.89
C GLU A 379 26.05 -19.88 -37.15
N LYS A 380 26.63 -20.72 -36.33
CA LYS A 380 26.56 -22.16 -36.53
C LYS A 380 25.15 -22.66 -36.34
N ILE A 381 24.44 -22.07 -35.33
CA ILE A 381 23.06 -22.46 -35.09
C ILE A 381 22.14 -21.94 -36.23
N SER A 382 22.29 -20.69 -36.56
CA SER A 382 21.55 -20.07 -37.64
C SER A 382 21.73 -20.81 -38.95
N ARG A 383 22.93 -21.26 -39.23
CA ARG A 383 23.17 -22.06 -40.43
CA ARG A 383 23.19 -22.06 -40.44
C ARG A 383 22.46 -23.40 -40.39
N ARG A 384 22.50 -24.08 -39.27
CA ARG A 384 21.79 -25.32 -39.11
C ARG A 384 20.24 -25.10 -39.30
N PHE A 385 19.72 -23.98 -38.72
CA PHE A 385 18.31 -23.69 -38.84
C PHE A 385 17.92 -23.29 -40.30
N HIS A 386 18.81 -22.61 -40.98
CA HIS A 386 18.66 -22.28 -42.41
C HIS A 386 18.60 -23.54 -43.28
N GLU A 387 19.52 -24.46 -43.07
CA GLU A 387 19.57 -25.69 -43.81
C GLU A 387 18.48 -26.68 -43.44
N ASN A 388 17.97 -26.58 -42.20
CA ASN A 388 16.93 -27.53 -41.69
C ASN A 388 15.81 -26.77 -41.04
N PRO A 389 14.89 -26.17 -41.82
CA PRO A 389 13.93 -25.29 -41.22
C PRO A 389 12.99 -26.07 -40.30
N GLU A 390 12.88 -27.39 -40.44
CA GLU A 390 12.01 -28.20 -39.53
C GLU A 390 12.64 -28.19 -38.09
N GLN A 391 13.93 -28.12 -38.05
CA GLN A 391 14.67 -28.00 -36.74
C GLN A 391 14.46 -26.62 -36.13
N PHE A 392 14.45 -25.63 -36.98
CA PHE A 392 14.12 -24.27 -36.63
C PHE A 392 12.72 -24.22 -36.05
N ALA A 393 11.74 -24.73 -36.76
CA ALA A 393 10.38 -24.67 -36.30
C ALA A 393 10.20 -25.34 -34.92
N ASP A 394 10.75 -26.51 -34.75
CA ASP A 394 10.63 -27.22 -33.52
C ASP A 394 11.29 -26.46 -32.34
N ALA A 395 12.48 -25.93 -32.58
CA ALA A 395 13.18 -25.13 -31.55
C ALA A 395 12.45 -23.87 -31.17
N PHE A 396 11.83 -23.21 -32.15
CA PHE A 396 11.09 -22.02 -31.90
C PHE A 396 9.83 -22.42 -31.13
N ALA A 397 9.16 -23.47 -31.50
CA ALA A 397 7.92 -23.81 -30.77
C ALA A 397 8.24 -24.11 -29.25
N ARG A 398 9.32 -24.88 -29.03
CA ARG A 398 9.68 -25.24 -27.68
C ARG A 398 10.06 -23.99 -26.89
N ALA A 399 10.89 -23.15 -27.51
CA ALA A 399 11.26 -21.93 -26.88
C ALA A 399 10.18 -20.93 -26.61
N TRP A 400 9.22 -20.81 -27.51
CA TRP A 400 8.10 -19.95 -27.33
C TRP A 400 7.25 -20.45 -26.11
N PHE A 401 7.04 -21.77 -26.05
CA PHE A 401 6.31 -22.35 -24.90
C PHE A 401 7.08 -21.98 -23.59
N LYS A 402 8.35 -22.24 -23.56
CA LYS A 402 9.15 -21.92 -22.37
C LYS A 402 9.10 -20.43 -22.00
N LEU A 403 9.40 -19.56 -22.95
CA LEU A 403 9.29 -18.15 -22.77
C LEU A 403 7.99 -17.74 -22.02
N THR A 404 6.89 -18.26 -22.52
CA THR A 404 5.58 -17.78 -22.17
C THR A 404 5.01 -18.54 -20.94
N HIS A 405 5.68 -19.61 -20.49
CA HIS A 405 5.24 -20.37 -19.33
C HIS A 405 6.32 -20.41 -18.18
N ARG A 406 7.47 -19.78 -18.38
CA ARG A 406 8.61 -20.00 -17.49
CA ARG A 406 8.63 -19.92 -17.50
C ARG A 406 8.32 -19.60 -16.02
N ASP A 407 7.41 -18.70 -15.82
CA ASP A 407 7.03 -18.22 -14.50
C ASP A 407 5.74 -18.77 -13.97
N MET A 408 5.20 -19.76 -14.59
CA MET A 408 3.92 -20.33 -14.13
C MET A 408 4.00 -21.30 -12.98
N GLY A 409 5.15 -21.86 -12.72
CA GLY A 409 5.33 -22.74 -11.65
C GLY A 409 5.18 -24.21 -11.97
N PRO A 410 4.92 -24.97 -10.97
CA PRO A 410 4.78 -26.39 -11.17
C PRO A 410 3.68 -26.72 -12.16
N ARG A 411 3.85 -27.86 -12.87
CA ARG A 411 2.83 -28.35 -13.86
C ARG A 411 1.46 -28.51 -13.26
N ALA A 412 1.35 -28.68 -12.00
CA ALA A 412 0.02 -28.77 -11.34
C ALA A 412 -0.80 -27.52 -11.55
N ARG A 413 -0.18 -26.37 -11.79
CA ARG A 413 -0.94 -25.18 -12.02
C ARG A 413 -1.45 -25.00 -13.46
N TYR A 414 -1.00 -25.86 -14.37
CA TYR A 414 -1.35 -25.72 -15.79
C TYR A 414 -2.75 -26.19 -16.04
N LEU A 415 -3.57 -25.37 -16.67
CA LEU A 415 -4.96 -25.68 -16.95
C LEU A 415 -5.32 -25.76 -18.39
N GLY A 416 -6.38 -26.52 -18.70
CA GLY A 416 -7.03 -26.51 -20.02
C GLY A 416 -6.65 -27.67 -20.91
N PRO A 417 -7.19 -27.71 -22.08
CA PRO A 417 -7.04 -28.81 -23.01
C PRO A 417 -5.85 -28.77 -23.88
N GLU A 418 -4.98 -27.77 -23.82
CA GLU A 418 -3.79 -27.68 -24.71
C GLU A 418 -2.50 -27.81 -24.01
N VAL A 419 -2.53 -28.31 -22.76
CA VAL A 419 -1.30 -28.45 -21.98
C VAL A 419 -0.48 -29.52 -22.61
N PRO A 420 0.78 -29.27 -22.90
CA PRO A 420 1.52 -30.36 -23.51
C PRO A 420 1.79 -31.50 -22.54
N ALA A 421 1.76 -32.71 -23.05
CA ALA A 421 2.06 -33.88 -22.20
C ALA A 421 3.53 -34.09 -21.96
N GLU A 422 4.44 -33.59 -22.79
CA GLU A 422 5.85 -33.75 -22.55
C GLU A 422 6.29 -32.96 -21.33
N VAL A 423 7.09 -33.58 -20.45
CA VAL A 423 7.60 -32.95 -19.27
C VAL A 423 8.91 -32.41 -19.61
N LEU A 424 9.15 -31.14 -19.32
CA LEU A 424 10.40 -30.49 -19.69
C LEU A 424 11.29 -30.28 -18.51
N LEU A 425 12.57 -30.46 -18.70
CA LEU A 425 13.54 -30.25 -17.56
C LEU A 425 13.48 -28.95 -16.84
N TRP A 426 13.23 -27.85 -17.62
CA TRP A 426 13.16 -26.56 -17.02
C TRP A 426 12.02 -26.37 -16.07
N GLN A 427 10.98 -27.21 -16.13
CA GLN A 427 9.84 -27.21 -15.22
C GLN A 427 10.15 -27.71 -13.75
N ASP A 428 11.37 -28.11 -13.51
CA ASP A 428 11.80 -28.78 -12.22
C ASP A 428 10.80 -29.84 -11.82
N PRO A 429 10.57 -30.80 -12.69
CA PRO A 429 9.46 -31.68 -12.52
C PRO A 429 9.54 -32.64 -11.27
N ILE A 430 8.38 -32.96 -10.80
CA ILE A 430 8.14 -33.76 -9.58
C ILE A 430 7.36 -35.00 -10.01
N PRO A 431 7.85 -36.20 -9.74
CA PRO A 431 7.09 -37.43 -10.21
C PRO A 431 5.71 -37.52 -9.51
N ALA A 432 4.79 -38.20 -10.18
CA ALA A 432 3.46 -38.43 -9.68
C ALA A 432 3.56 -39.35 -8.51
N VAL A 433 2.64 -39.24 -7.58
CA VAL A 433 2.65 -40.15 -6.44
C VAL A 433 1.86 -41.37 -6.86
N ASP A 434 2.30 -42.55 -6.64
CA ASP A 434 1.48 -43.73 -7.14
C ASP A 434 1.24 -44.74 -6.00
N HIS A 435 1.07 -44.27 -4.76
CA HIS A 435 0.86 -45.14 -3.64
C HIS A 435 0.02 -44.39 -2.59
N PRO A 436 -0.60 -45.13 -1.68
CA PRO A 436 -1.35 -44.49 -0.61
C PRO A 436 -0.44 -43.61 0.23
N LEU A 437 -0.98 -42.52 0.77
CA LEU A 437 -0.21 -41.63 1.66
C LEU A 437 -0.35 -41.96 3.12
N ILE A 438 0.62 -41.52 3.92
CA ILE A 438 0.51 -41.64 5.37
C ILE A 438 -0.69 -40.88 5.88
N ASP A 439 -1.28 -41.44 6.95
CA ASP A 439 -2.38 -40.81 7.65
C ASP A 439 -1.89 -40.14 8.94
N ALA A 440 -2.83 -39.59 9.76
CA ALA A 440 -2.45 -38.82 10.92
C ALA A 440 -1.75 -39.68 11.96
N ALA A 441 -2.16 -40.93 12.10
CA ALA A 441 -1.53 -41.81 13.07
C ALA A 441 -0.08 -42.17 12.62
N ASP A 442 0.12 -42.40 11.34
CA ASP A 442 1.48 -42.59 10.82
C ASP A 442 2.33 -41.37 10.99
N ALA A 443 1.78 -40.18 10.74
CA ALA A 443 2.51 -38.96 10.98
C ALA A 443 2.95 -38.83 12.46
N ALA A 444 2.06 -39.13 13.39
CA ALA A 444 2.42 -39.11 14.81
C ALA A 444 3.54 -40.08 15.15
N GLU A 445 3.51 -41.24 14.54
CA GLU A 445 4.47 -42.26 14.76
C GLU A 445 5.79 -41.80 14.24
N LEU A 446 5.84 -41.33 12.98
CA LEU A 446 7.09 -40.74 12.41
C LEU A 446 7.67 -39.62 13.22
N LYS A 447 6.85 -38.68 13.71
CA LYS A 447 7.36 -37.54 14.50
C LYS A 447 8.01 -38.15 15.76
N ALA A 448 7.38 -39.16 16.37
CA ALA A 448 8.01 -39.65 17.63
C ALA A 448 9.32 -40.38 17.33
N LYS A 449 9.40 -41.15 16.25
CA LYS A 449 10.66 -41.71 15.86
C LYS A 449 11.72 -40.70 15.55
N VAL A 450 11.34 -39.57 14.90
CA VAL A 450 12.37 -38.58 14.58
C VAL A 450 12.92 -38.06 15.91
N LEU A 451 12.00 -37.74 16.83
CA LEU A 451 12.41 -37.15 18.13
C LEU A 451 13.28 -38.18 18.98
N ALA A 452 13.00 -39.45 18.84
CA ALA A 452 13.74 -40.53 19.54
C ALA A 452 15.07 -40.72 18.92
N SER A 453 15.36 -40.27 17.70
CA SER A 453 16.60 -40.57 17.07
C SER A 453 17.73 -39.77 17.73
N GLY A 454 17.45 -38.70 18.46
CA GLY A 454 18.42 -37.78 18.93
C GLY A 454 18.67 -36.49 18.07
N LEU A 455 18.02 -36.37 16.91
CA LEU A 455 18.11 -35.10 16.16
C LEU A 455 17.59 -33.97 17.04
N THR A 456 18.24 -32.83 17.11
CA THR A 456 17.77 -31.76 17.99
C THR A 456 16.73 -30.84 17.29
N VAL A 457 16.03 -30.07 18.09
CA VAL A 457 15.12 -29.06 17.60
C VAL A 457 15.81 -28.22 16.56
N SER A 458 16.99 -27.71 16.89
CA SER A 458 17.72 -26.89 15.97
C SER A 458 18.06 -27.54 14.66
N GLN A 459 18.48 -28.79 14.68
CA GLN A 459 18.73 -29.48 13.43
C GLN A 459 17.44 -29.77 12.56
N LEU A 460 16.37 -30.07 13.22
CA LEU A 460 15.14 -30.45 12.54
C LEU A 460 14.55 -29.12 11.89
N VAL A 461 14.43 -28.09 12.70
CA VAL A 461 13.97 -26.77 12.19
C VAL A 461 14.85 -26.24 11.05
N SER A 462 16.19 -26.27 11.24
CA SER A 462 17.11 -25.75 10.27
C SER A 462 16.97 -26.53 8.94
N THR A 463 16.82 -27.85 9.01
CA THR A 463 16.80 -28.64 7.77
C THR A 463 15.50 -28.37 6.97
N ALA A 464 14.38 -28.35 7.69
CA ALA A 464 13.07 -28.10 7.05
C ALA A 464 13.03 -26.63 6.48
N TRP A 465 13.59 -25.68 7.19
CA TRP A 465 13.59 -24.29 6.76
C TRP A 465 14.46 -24.21 5.46
N ALA A 466 15.59 -24.85 5.46
CA ALA A 466 16.44 -24.91 4.25
C ALA A 466 15.74 -25.49 3.05
N ALA A 467 15.00 -26.58 3.25
CA ALA A 467 14.32 -27.22 2.15
C ALA A 467 13.15 -26.36 1.63
N ALA A 468 12.33 -25.78 2.55
CA ALA A 468 11.10 -25.07 2.13
C ALA A 468 11.31 -23.63 1.66
N SER A 469 12.36 -23.01 2.13
CA SER A 469 12.51 -21.53 1.96
C SER A 469 13.18 -21.12 0.69
N THR A 470 13.44 -22.11 -0.21
CA THR A 470 13.87 -21.82 -1.59
C THR A 470 12.71 -21.36 -2.47
N PHE A 471 11.49 -21.51 -2.00
CA PHE A 471 10.32 -21.03 -2.78
C PHE A 471 10.33 -19.51 -2.99
N ARG A 472 9.94 -19.14 -4.17
CA ARG A 472 9.74 -17.71 -4.47
C ARG A 472 8.46 -17.54 -5.28
N GLY A 473 7.58 -16.67 -4.83
CA GLY A 473 6.25 -16.57 -5.44
C GLY A 473 6.29 -15.78 -6.79
N SER A 474 7.41 -15.12 -7.05
CA SER A 474 7.64 -14.42 -8.29
C SER A 474 7.50 -15.31 -9.59
N ASP A 475 8.13 -16.45 -9.54
CA ASP A 475 8.00 -17.47 -10.62
C ASP A 475 7.57 -18.85 -10.12
N LYS A 476 7.21 -18.93 -8.85
CA LYS A 476 6.74 -20.15 -8.24
C LYS A 476 7.69 -21.35 -8.33
N ARG A 477 8.96 -21.04 -8.42
CA ARG A 477 9.98 -22.10 -8.37
C ARG A 477 10.42 -22.28 -6.91
N GLY A 478 11.04 -23.43 -6.65
CA GLY A 478 11.55 -23.77 -5.35
C GLY A 478 10.51 -24.40 -4.38
N GLY A 479 10.94 -24.57 -3.15
CA GLY A 479 10.11 -25.19 -2.08
C GLY A 479 10.55 -26.62 -1.73
N ALA A 480 9.85 -27.22 -0.78
CA ALA A 480 10.33 -28.55 -0.21
C ALA A 480 9.89 -29.73 -1.09
N ASN A 481 8.85 -29.59 -1.93
CA ASN A 481 8.46 -30.65 -2.82
C ASN A 481 9.66 -31.06 -3.71
N GLY A 482 9.86 -32.37 -3.89
CA GLY A 482 10.98 -32.88 -4.70
C GLY A 482 12.16 -33.35 -3.92
N ALA A 483 12.25 -32.95 -2.66
CA ALA A 483 13.45 -33.21 -1.84
C ALA A 483 14.78 -32.92 -2.58
N ARG A 484 14.81 -31.77 -3.23
CA ARG A 484 16.03 -31.39 -3.97
C ARG A 484 17.10 -30.91 -3.09
N ILE A 485 16.84 -30.75 -1.81
CA ILE A 485 17.88 -30.39 -0.84
C ILE A 485 18.91 -31.50 -0.75
N ARG A 486 18.51 -32.75 -1.04
CA ARG A 486 19.49 -33.88 -1.01
C ARG A 486 20.36 -34.01 -2.29
N LEU A 487 20.07 -33.21 -3.31
CA LEU A 487 20.67 -33.29 -4.60
C LEU A 487 21.65 -32.19 -4.80
N ALA A 488 22.48 -32.27 -5.84
CA ALA A 488 23.26 -31.14 -6.32
C ALA A 488 22.30 -30.14 -6.98
N PRO A 489 22.48 -28.83 -6.82
CA PRO A 489 23.54 -28.21 -6.02
C PRO A 489 23.12 -27.82 -4.60
N GLN A 490 21.82 -28.04 -4.25
CA GLN A 490 21.34 -27.60 -2.91
C GLN A 490 22.10 -28.19 -1.78
N LYS A 491 22.49 -29.46 -1.88
CA LYS A 491 23.16 -30.12 -0.79
C LYS A 491 24.51 -29.53 -0.40
N ASP A 492 25.11 -28.79 -1.31
CA ASP A 492 26.40 -28.15 -1.10
C ASP A 492 26.35 -26.67 -0.93
N TRP A 493 25.17 -26.06 -0.88
CA TRP A 493 25.12 -24.61 -0.61
C TRP A 493 25.58 -24.28 0.79
N GLU A 494 26.40 -23.26 0.90
CA GLU A 494 26.96 -22.90 2.21
C GLU A 494 25.88 -22.59 3.27
N ALA A 495 24.78 -21.93 2.85
CA ALA A 495 23.70 -21.60 3.77
C ALA A 495 23.04 -22.84 4.32
N ASN A 496 23.19 -23.97 3.62
CA ASN A 496 22.54 -25.21 4.03
C ASN A 496 23.44 -26.07 4.92
N GLN A 497 24.65 -25.61 5.22
CA GLN A 497 25.53 -26.31 6.16
C GLN A 497 25.81 -27.74 5.76
N PRO A 498 26.57 -27.95 4.68
CA PRO A 498 26.56 -29.27 4.05
C PRO A 498 26.86 -30.43 4.88
N GLU A 499 27.82 -30.29 5.83
CA GLU A 499 28.13 -31.45 6.66
C GLU A 499 27.03 -31.79 7.67
N GLN A 500 26.49 -30.78 8.34
CA GLN A 500 25.40 -31.00 9.21
C GLN A 500 24.18 -31.60 8.39
N LEU A 501 23.89 -31.02 7.24
CA LEU A 501 22.77 -31.48 6.46
C LEU A 501 22.89 -32.95 6.08
N ALA A 502 24.09 -33.32 5.64
CA ALA A 502 24.28 -34.71 5.22
C ALA A 502 23.99 -35.70 6.38
N ALA A 503 24.39 -35.34 7.58
CA ALA A 503 24.18 -36.20 8.77
C ALA A 503 22.72 -36.24 9.13
N VAL A 504 22.02 -35.11 9.07
CA VAL A 504 20.57 -35.13 9.32
C VAL A 504 19.86 -36.02 8.28
N LEU A 505 20.14 -35.78 6.99
CA LEU A 505 19.50 -36.51 5.96
C LEU A 505 19.76 -38.05 6.07
N GLU A 506 20.93 -38.42 6.47
CA GLU A 506 21.22 -39.89 6.60
C GLU A 506 20.37 -40.50 7.75
N THR A 507 20.18 -39.77 8.87
CA THR A 507 19.34 -40.24 9.93
C THR A 507 17.89 -40.31 9.44
N LEU A 508 17.39 -39.27 8.76
CA LEU A 508 16.01 -39.34 8.31
C LEU A 508 15.82 -40.44 7.26
N GLU A 509 16.80 -40.65 6.36
CA GLU A 509 16.65 -41.68 5.32
C GLU A 509 16.54 -43.10 6.01
N ALA A 510 17.24 -43.31 7.14
CA ALA A 510 17.22 -44.62 7.82
C ALA A 510 15.86 -44.79 8.49
N ILE A 511 15.30 -43.67 9.02
CA ILE A 511 13.94 -43.73 9.58
C ILE A 511 12.94 -44.03 8.50
N ARG A 512 13.09 -43.40 7.35
CA ARG A 512 12.14 -43.62 6.29
C ARG A 512 12.21 -45.12 5.78
N THR A 513 13.42 -45.63 5.62
CA THR A 513 13.61 -46.97 5.07
C THR A 513 12.97 -47.97 6.07
N ALA A 514 13.12 -47.76 7.36
CA ALA A 514 12.51 -48.63 8.31
C ALA A 514 10.97 -48.54 8.36
N PHE A 515 10.44 -47.31 8.27
CA PHE A 515 9.00 -47.15 8.13
C PHE A 515 8.48 -47.77 6.88
N ASN A 516 9.08 -47.50 5.74
CA ASN A 516 8.53 -47.97 4.48
C ASN A 516 8.62 -49.51 4.39
N GLY A 517 9.66 -50.06 4.98
CA GLY A 517 9.83 -51.52 4.92
C GLY A 517 8.82 -52.25 5.82
N ALA A 518 8.16 -51.58 6.74
CA ALA A 518 7.23 -52.26 7.59
C ALA A 518 5.84 -52.16 7.10
N GLN A 519 5.58 -51.47 6.01
CA GLN A 519 4.19 -51.26 5.61
C GLN A 519 3.58 -52.40 4.82
N ARG A 520 2.25 -52.46 4.82
CA ARG A 520 1.46 -53.03 3.70
C ARG A 520 0.65 -52.05 2.88
N GLY A 521 0.08 -52.59 1.84
CA GLY A 521 -0.86 -51.83 1.04
C GLY A 521 -0.12 -50.98 0.02
N GLY A 522 1.21 -51.03 0.05
CA GLY A 522 1.99 -50.13 -0.74
C GLY A 522 2.12 -48.71 -0.13
N LYS A 523 1.61 -48.44 1.07
CA LYS A 523 1.88 -47.17 1.69
C LYS A 523 3.36 -46.89 1.90
N GLN A 524 3.79 -45.67 1.56
CA GLN A 524 5.13 -45.25 1.87
C GLN A 524 5.17 -43.75 2.04
N VAL A 525 6.22 -43.28 2.64
CA VAL A 525 6.52 -41.88 2.84
C VAL A 525 7.73 -41.47 2.00
N SER A 526 7.58 -40.36 1.27
CA SER A 526 8.67 -39.74 0.59
C SER A 526 9.65 -39.07 1.54
N LEU A 527 10.89 -38.95 1.13
CA LEU A 527 11.80 -38.12 1.91
C LEU A 527 11.45 -36.66 1.92
N ALA A 528 10.86 -36.13 0.85
CA ALA A 528 10.40 -34.78 0.92
C ALA A 528 9.37 -34.51 1.99
N ASP A 529 8.35 -35.41 2.07
CA ASP A 529 7.38 -35.33 3.17
C ASP A 529 8.05 -35.47 4.54
N LEU A 530 8.99 -36.41 4.65
CA LEU A 530 9.58 -36.65 5.98
C LEU A 530 10.47 -35.51 6.45
N ILE A 531 11.18 -34.81 5.54
CA ILE A 531 11.96 -33.65 5.96
C ILE A 531 11.04 -32.58 6.59
N VAL A 532 9.90 -32.37 5.90
CA VAL A 532 8.92 -31.36 6.39
C VAL A 532 8.31 -31.84 7.69
N LEU A 533 7.87 -33.09 7.73
CA LEU A 533 7.32 -33.66 8.99
C LEU A 533 8.28 -33.63 10.20
N ALA A 534 9.52 -33.83 9.95
CA ALA A 534 10.55 -33.78 10.97
C ALA A 534 10.73 -32.36 11.48
N GLY A 535 10.67 -31.36 10.58
CA GLY A 535 10.62 -29.98 10.97
C GLY A 535 9.44 -29.64 11.86
N CYS A 536 8.27 -30.18 11.51
CA CYS A 536 7.04 -30.08 12.33
C CYS A 536 7.27 -30.66 13.73
N ALA A 537 7.91 -31.82 13.80
CA ALA A 537 8.22 -32.42 15.09
C ALA A 537 9.11 -31.55 15.93
N GLY A 538 10.12 -31.00 15.28
CA GLY A 538 10.99 -30.03 15.92
C GLY A 538 10.27 -28.80 16.54
N VAL A 539 9.35 -28.24 15.76
CA VAL A 539 8.60 -27.13 16.26
C VAL A 539 7.71 -27.54 17.47
N GLU A 540 7.05 -28.73 17.35
CA GLU A 540 6.21 -29.25 18.43
C GLU A 540 7.00 -29.47 19.71
N GLN A 541 8.16 -30.05 19.55
CA GLN A 541 9.04 -30.27 20.68
C GLN A 541 9.53 -28.94 21.34
N ALA A 542 9.86 -27.94 20.51
CA ALA A 542 10.20 -26.62 21.02
C ALA A 542 9.06 -26.01 21.82
N ALA A 543 7.83 -26.12 21.36
CA ALA A 543 6.69 -25.66 22.07
C ALA A 543 6.52 -26.43 23.38
N LYS A 544 6.75 -27.74 23.38
CA LYS A 544 6.68 -28.53 24.61
C LYS A 544 7.75 -28.11 25.59
N ASN A 545 8.96 -27.89 25.11
CA ASN A 545 10.07 -27.37 25.94
C ASN A 545 9.71 -26.04 26.64
N ALA A 546 8.80 -25.26 26.14
CA ALA A 546 8.37 -24.03 26.74
C ALA A 546 7.09 -24.22 27.54
N GLY A 547 6.61 -25.46 27.67
CA GLY A 547 5.33 -25.74 28.38
C GLY A 547 4.05 -25.60 27.59
N HIS A 548 4.05 -25.71 26.27
CA HIS A 548 2.88 -25.57 25.41
C HIS A 548 2.66 -26.88 24.63
N ALA A 549 1.42 -27.30 24.50
CA ALA A 549 1.10 -28.51 23.76
C ALA A 549 0.50 -28.00 22.46
N VAL A 550 1.21 -28.27 21.36
CA VAL A 550 0.57 -27.89 20.08
C VAL A 550 0.78 -28.95 19.12
N THR A 551 -0.11 -29.04 18.16
CA THR A 551 0.07 -29.84 17.02
C THR A 551 0.40 -28.92 15.82
N VAL A 552 1.46 -29.22 15.09
CA VAL A 552 1.74 -28.46 13.88
C VAL A 552 1.08 -29.14 12.71
N PRO A 553 0.21 -28.50 11.96
CA PRO A 553 -0.43 -29.15 10.86
C PRO A 553 0.66 -29.69 9.81
N PHE A 554 0.28 -30.73 9.10
CA PHE A 554 1.17 -31.39 8.11
C PHE A 554 0.31 -31.94 7.03
N ALA A 555 0.68 -31.71 5.78
CA ALA A 555 -0.13 -32.30 4.69
C ALA A 555 0.86 -33.14 3.85
N PRO A 556 0.64 -34.41 3.77
CA PRO A 556 1.51 -35.23 2.91
C PRO A 556 1.18 -35.11 1.44
N GLY A 557 2.02 -35.74 0.62
CA GLY A 557 1.81 -35.79 -0.79
C GLY A 557 2.95 -35.30 -1.61
N ARG A 558 4.00 -34.81 -0.99
CA ARG A 558 5.19 -34.46 -1.74
C ARG A 558 5.86 -35.77 -2.30
N ALA A 559 6.60 -35.60 -3.41
CA ALA A 559 7.33 -36.70 -4.00
C ALA A 559 8.79 -36.35 -4.14
N ASP A 560 9.63 -37.36 -4.39
CA ASP A 560 11.10 -37.14 -4.49
C ASP A 560 11.54 -37.07 -5.97
N ALA A 561 12.22 -36.01 -6.36
CA ALA A 561 12.68 -35.86 -7.76
C ALA A 561 14.07 -36.51 -7.81
N SER A 562 14.50 -36.95 -8.98
CA SER A 562 15.86 -37.44 -9.14
C SER A 562 16.82 -36.38 -9.53
N GLN A 563 18.09 -36.72 -9.46
CA GLN A 563 19.13 -35.85 -9.97
C GLN A 563 18.99 -35.60 -11.49
N GLU A 564 18.61 -36.62 -12.22
CA GLU A 564 18.39 -36.49 -13.68
C GLU A 564 17.19 -35.61 -14.02
N GLN A 565 16.26 -35.40 -13.10
CA GLN A 565 15.16 -34.45 -13.31
C GLN A 565 15.47 -33.10 -12.74
N THR A 566 16.71 -32.81 -12.42
CA THR A 566 17.07 -31.58 -11.81
C THR A 566 18.24 -30.95 -12.61
N ASP A 567 17.94 -29.84 -13.27
CA ASP A 567 19.00 -29.01 -13.93
C ASP A 567 19.79 -28.25 -12.94
N VAL A 568 21.03 -28.65 -12.76
CA VAL A 568 21.88 -28.05 -11.76
C VAL A 568 22.13 -26.53 -12.02
N GLU A 569 22.30 -26.14 -13.29
CA GLU A 569 22.67 -24.75 -13.56
C GLU A 569 21.50 -23.81 -13.26
N SER A 570 20.29 -24.20 -13.68
CA SER A 570 19.07 -23.52 -13.44
C SER A 570 18.69 -23.36 -11.94
N MET A 571 19.17 -24.27 -11.13
CA MET A 571 18.95 -24.28 -9.71
C MET A 571 19.85 -23.23 -8.98
N ALA A 572 20.91 -22.82 -9.62
CA ALA A 572 21.86 -21.87 -9.04
C ALA A 572 21.25 -20.57 -8.65
N VAL A 573 20.25 -20.09 -9.40
CA VAL A 573 19.63 -18.84 -8.94
C VAL A 573 18.79 -18.92 -7.72
N LEU A 574 18.45 -20.13 -7.24
CA LEU A 574 17.70 -20.25 -6.02
C LEU A 574 18.59 -20.27 -4.79
N GLU A 575 19.90 -20.23 -4.98
CA GLU A 575 20.81 -20.28 -3.80
C GLU A 575 20.58 -18.99 -2.96
N PRO A 576 20.30 -19.14 -1.71
CA PRO A 576 20.07 -17.95 -0.90
C PRO A 576 21.33 -17.33 -0.43
N VAL A 577 21.83 -16.37 -1.16
CA VAL A 577 22.94 -15.58 -0.74
C VAL A 577 22.70 -14.56 0.41
N ALA A 578 21.46 -14.23 0.66
CA ALA A 578 21.11 -13.44 1.84
C ALA A 578 19.88 -14.12 2.45
N ASP A 579 19.92 -14.55 3.69
CA ASP A 579 18.72 -15.14 4.27
C ASP A 579 18.66 -14.65 5.70
N GLY A 580 17.96 -13.54 5.89
CA GLY A 580 17.87 -13.02 7.21
C GLY A 580 17.20 -13.89 8.26
N PHE A 581 16.35 -14.80 7.81
CA PHE A 581 15.73 -15.74 8.73
C PHE A 581 16.71 -16.69 9.37
N ARG A 582 17.88 -16.87 8.77
CA ARG A 582 18.96 -17.68 9.35
C ARG A 582 20.20 -16.80 9.65
N ASN A 583 19.99 -15.49 9.70
CA ASN A 583 21.02 -14.51 9.94
C ASN A 583 22.29 -14.71 9.04
N TYR A 584 22.01 -14.95 7.77
CA TYR A 584 23.04 -15.31 6.85
C TYR A 584 23.25 -14.26 5.76
N LEU A 585 24.49 -13.98 5.50
CA LEU A 585 24.86 -13.15 4.36
C LEU A 585 26.14 -13.75 3.80
N LYS A 586 26.09 -14.14 2.53
CA LYS A 586 27.21 -14.89 1.95
C LYS A 586 28.40 -13.95 1.71
N GLY A 587 28.19 -12.66 1.40
CA GLY A 587 29.29 -11.69 1.31
C GLY A 587 28.83 -10.32 1.62
N LYS A 588 29.62 -9.33 1.30
CA LYS A 588 29.41 -7.90 1.66
C LYS A 588 28.73 -7.31 0.40
N TYR A 589 27.53 -6.74 0.55
CA TYR A 589 26.74 -6.27 -0.56
C TYR A 589 26.51 -4.81 -0.34
N ARG A 590 26.16 -4.15 -1.40
CA ARG A 590 25.84 -2.74 -1.40
C ARG A 590 24.47 -2.54 -0.79
N VAL A 591 23.60 -3.50 -0.94
CA VAL A 591 22.23 -3.34 -0.36
C VAL A 591 22.25 -3.67 1.15
N PRO A 592 21.80 -2.77 2.03
CA PRO A 592 21.81 -3.15 3.49
C PRO A 592 21.00 -4.50 3.73
N ALA A 593 21.43 -5.22 4.74
CA ALA A 593 20.86 -6.55 4.98
C ALA A 593 19.38 -6.53 5.31
N GLU A 594 18.89 -5.47 5.95
CA GLU A 594 17.45 -5.37 6.25
C GLU A 594 16.61 -5.22 5.01
N VAL A 595 17.16 -4.57 3.97
CA VAL A 595 16.49 -4.43 2.73
C VAL A 595 16.36 -5.84 2.06
N LEU A 596 17.42 -6.62 2.18
CA LEU A 596 17.47 -7.98 1.65
C LEU A 596 16.52 -8.89 2.39
N LEU A 597 16.37 -8.67 3.66
CA LEU A 597 15.33 -9.39 4.46
C LEU A 597 13.95 -9.16 3.87
N VAL A 598 13.54 -7.91 3.73
CA VAL A 598 12.26 -7.57 3.21
C VAL A 598 12.05 -8.18 1.78
N ASP A 599 13.08 -8.12 0.98
CA ASP A 599 13.06 -8.74 -0.34
C ASP A 599 12.76 -10.25 -0.33
N LYS A 600 13.45 -10.93 0.58
CA LYS A 600 13.20 -12.39 0.80
C LYS A 600 11.79 -12.64 1.36
N ALA A 601 11.34 -11.81 2.31
CA ALA A 601 10.03 -11.92 2.81
C ALA A 601 8.97 -11.78 1.66
N GLN A 602 9.17 -10.82 0.76
CA GLN A 602 8.24 -10.61 -0.35
C GLN A 602 8.21 -11.90 -1.27
N LEU A 603 9.35 -12.47 -1.55
CA LEU A 603 9.40 -13.71 -2.32
C LEU A 603 8.70 -14.92 -1.65
N LEU A 604 8.81 -15.00 -0.32
CA LEU A 604 8.06 -15.95 0.47
C LEU A 604 6.58 -15.71 0.64
N THR A 605 6.12 -14.57 0.17
CA THR A 605 4.73 -14.16 0.22
C THR A 605 4.31 -13.74 1.66
N LEU A 606 5.24 -13.32 2.47
CA LEU A 606 4.93 -13.02 3.85
C LEU A 606 4.56 -11.54 4.04
N SER A 607 3.59 -11.31 4.89
CA SER A 607 3.31 -9.93 5.38
C SER A 607 4.34 -9.46 6.39
N ALA A 608 4.35 -8.20 6.82
CA ALA A 608 5.26 -7.75 7.80
C ALA A 608 5.02 -8.47 9.19
N PRO A 609 3.74 -8.65 9.61
CA PRO A 609 3.55 -9.44 10.84
C PRO A 609 4.03 -10.85 10.75
N GLU A 610 3.77 -11.51 9.62
CA GLU A 610 4.31 -12.92 9.40
C GLU A 610 5.86 -12.93 9.44
N MET A 611 6.54 -12.02 8.71
CA MET A 611 7.99 -11.93 8.74
C MET A 611 8.48 -11.78 10.18
N THR A 612 7.83 -10.92 10.96
CA THR A 612 8.30 -10.60 12.33
C THR A 612 8.21 -11.80 13.22
N VAL A 613 7.02 -12.45 13.24
CA VAL A 613 6.87 -13.60 14.09
CA VAL A 613 6.81 -13.65 14.05
C VAL A 613 7.77 -14.74 13.69
N LEU A 614 7.92 -14.96 12.39
CA LEU A 614 8.75 -16.04 11.89
C LEU A 614 10.23 -15.88 12.32
N LEU A 615 10.75 -14.68 12.11
CA LEU A 615 12.11 -14.40 12.45
C LEU A 615 12.39 -14.54 13.92
N GLY A 616 11.49 -13.99 14.75
CA GLY A 616 11.69 -14.07 16.22
C GLY A 616 11.66 -15.51 16.73
N GLY A 617 10.87 -16.34 16.10
CA GLY A 617 10.83 -17.72 16.50
C GLY A 617 12.03 -18.52 16.01
N LEU A 618 12.40 -18.36 14.76
CA LEU A 618 13.53 -19.03 14.22
C LEU A 618 14.82 -18.74 15.03
N ARG A 619 14.97 -17.49 15.49
CA ARG A 619 16.18 -17.11 16.30
C ARG A 619 16.30 -18.00 17.56
N VAL A 620 15.18 -18.18 18.29
CA VAL A 620 15.25 -18.90 19.52
C VAL A 620 15.19 -20.43 19.33
N LEU A 621 14.81 -20.92 18.16
CA LEU A 621 14.87 -22.34 17.87
C LEU A 621 16.22 -22.83 17.42
N GLY A 622 17.13 -21.93 17.13
CA GLY A 622 18.50 -22.32 16.70
C GLY A 622 18.64 -22.45 15.21
N ALA A 623 17.91 -21.66 14.44
CA ALA A 623 18.04 -21.80 12.99
C ALA A 623 19.17 -21.03 12.34
N ASN A 624 19.92 -20.24 13.08
CA ASN A 624 21.01 -19.46 12.50
C ASN A 624 22.05 -20.40 11.88
N VAL A 625 22.58 -20.00 10.75
CA VAL A 625 23.71 -20.67 10.11
C VAL A 625 24.89 -20.58 11.05
N GLY A 626 25.60 -21.75 11.22
CA GLY A 626 26.88 -21.82 12.00
C GLY A 626 26.63 -21.72 13.45
N GLN A 627 25.39 -21.91 13.91
CA GLN A 627 25.09 -21.70 15.32
C GLN A 627 25.54 -20.29 15.91
N SER A 628 25.56 -19.26 15.09
CA SER A 628 25.78 -17.90 15.54
C SER A 628 24.82 -17.58 16.64
N ARG A 629 25.31 -16.82 17.63
CA ARG A 629 24.46 -16.32 18.71
C ARG A 629 23.89 -14.96 18.37
N HIS A 630 24.21 -14.41 17.22
CA HIS A 630 23.61 -13.12 16.82
C HIS A 630 22.07 -13.19 16.80
N GLY A 631 21.42 -12.31 17.59
CA GLY A 631 19.96 -12.27 17.66
C GLY A 631 19.32 -13.37 18.49
N VAL A 632 20.11 -14.26 19.09
CA VAL A 632 19.56 -15.32 19.87
C VAL A 632 19.36 -14.80 21.25
N PHE A 633 18.33 -14.00 21.42
CA PHE A 633 18.12 -13.31 22.67
C PHE A 633 17.26 -14.09 23.62
N THR A 634 17.80 -15.19 24.07
CA THR A 634 17.10 -16.03 25.05
C THR A 634 18.07 -16.82 25.91
N ALA A 635 17.67 -17.23 27.11
CA ALA A 635 18.50 -18.19 27.88
C ALA A 635 17.87 -19.55 27.84
N ARG A 636 16.91 -19.77 26.94
CA ARG A 636 16.33 -21.10 26.68
C ARG A 636 16.17 -21.37 25.22
N GLU A 637 17.31 -21.46 24.61
CA GLU A 637 17.39 -21.84 23.25
C GLU A 637 16.70 -23.19 23.02
N GLN A 638 16.04 -23.31 21.87
CA GLN A 638 15.27 -24.55 21.53
C GLN A 638 13.98 -24.72 22.27
N ALA A 639 13.55 -23.68 22.93
CA ALA A 639 12.22 -23.57 23.42
C ALA A 639 11.52 -22.40 22.65
N LEU A 640 10.28 -22.66 22.25
CA LEU A 640 9.52 -21.72 21.45
C LEU A 640 8.86 -20.72 22.35
N THR A 641 9.51 -19.58 22.54
CA THR A 641 8.94 -18.50 23.38
C THR A 641 9.10 -17.18 22.58
N ASN A 642 8.50 -16.12 23.12
CA ASN A 642 8.59 -14.78 22.58
C ASN A 642 9.85 -14.01 23.14
N ASP A 643 10.83 -14.72 23.70
CA ASP A 643 12.01 -14.09 24.31
C ASP A 643 12.75 -13.13 23.34
N PHE A 644 12.80 -13.38 22.05
CA PHE A 644 13.47 -12.46 21.14
C PHE A 644 12.93 -11.02 21.31
N PHE A 645 11.61 -10.93 21.33
CA PHE A 645 10.91 -9.63 21.37
C PHE A 645 11.03 -9.01 22.72
N VAL A 646 10.82 -9.79 23.77
CA VAL A 646 10.87 -9.24 25.14
C VAL A 646 12.28 -8.68 25.38
N ASN A 647 13.34 -9.41 25.02
CA ASN A 647 14.69 -8.98 25.25
C ASN A 647 15.14 -7.86 24.29
N LEU A 648 14.70 -7.93 23.04
CA LEU A 648 15.01 -6.89 22.10
C LEU A 648 14.54 -5.55 22.61
N LEU A 649 13.33 -5.52 23.16
CA LEU A 649 12.68 -4.26 23.50
C LEU A 649 13.03 -3.72 24.89
N ASP A 650 13.87 -4.45 25.60
CA ASP A 650 14.24 -4.07 26.98
C ASP A 650 15.12 -2.82 27.02
N MET A 651 14.57 -1.73 27.49
CA MET A 651 15.35 -0.47 27.48
C MET A 651 16.58 -0.52 28.51
N GLY A 652 16.59 -1.52 29.41
CA GLY A 652 17.81 -1.80 30.27
C GLY A 652 19.04 -2.15 29.46
N THR A 653 18.92 -2.40 28.16
CA THR A 653 20.07 -2.74 27.29
C THR A 653 20.33 -1.64 26.30
N GLU A 654 21.58 -1.24 26.18
CA GLU A 654 22.05 -0.27 25.22
C GLU A 654 22.90 -0.89 24.14
N TRP A 655 22.74 -0.42 22.89
CA TRP A 655 23.32 -1.09 21.77
C TRP A 655 24.32 -0.13 21.03
N LYS A 656 25.43 -0.69 20.58
CA LYS A 656 26.49 -0.01 19.84
C LYS A 656 27.14 -0.86 18.83
N PRO A 657 27.43 -0.30 17.67
CA PRO A 657 28.21 -1.05 16.64
C PRO A 657 29.59 -1.44 17.15
N THR A 658 30.08 -2.62 16.77
CA THR A 658 31.41 -3.06 17.16
C THR A 658 32.46 -2.34 16.36
N ALA A 659 33.61 -2.20 16.99
CA ALA A 659 34.94 -1.74 16.33
C ALA A 659 35.36 -2.60 15.14
N ALA A 660 35.47 -3.93 15.36
CA ALA A 660 35.69 -4.97 14.25
C ALA A 660 34.73 -4.83 13.03
N ASP A 661 33.43 -4.54 13.29
CA ASP A 661 32.36 -4.64 12.27
C ASP A 661 31.12 -3.68 12.55
N ALA A 662 30.90 -2.63 11.72
CA ALA A 662 29.76 -1.62 11.86
C ALA A 662 28.37 -2.27 11.70
N ASP A 663 28.33 -3.51 11.16
CA ASP A 663 27.19 -4.34 10.92
C ASP A 663 26.81 -5.34 12.00
N VAL A 664 27.58 -5.36 13.08
CA VAL A 664 27.33 -6.20 14.26
C VAL A 664 27.27 -5.25 15.45
N PHE A 665 26.39 -5.52 16.40
CA PHE A 665 26.10 -4.63 17.51
C PHE A 665 26.21 -5.39 18.79
N GLU A 666 26.75 -4.74 19.81
CA GLU A 666 26.76 -5.31 21.17
C GLU A 666 25.68 -4.66 22.03
N GLY A 667 24.87 -5.49 22.73
CA GLY A 667 23.91 -5.02 23.66
C GLY A 667 24.48 -5.19 25.07
N ARG A 668 24.66 -4.09 25.78
CA ARG A 668 25.17 -4.05 27.13
C ARG A 668 24.20 -3.52 28.10
N ASP A 669 24.27 -4.07 29.31
CA ASP A 669 23.50 -3.51 30.45
C ASP A 669 23.87 -2.03 30.59
N ARG A 670 22.84 -1.20 30.62
CA ARG A 670 23.01 0.22 30.62
C ARG A 670 23.60 0.66 31.95
N ALA A 671 23.24 0.00 33.06
CA ALA A 671 23.67 0.35 34.42
C ALA A 671 25.07 -0.17 34.67
N THR A 672 25.41 -1.43 34.31
CA THR A 672 26.78 -2.02 34.56
C THR A 672 27.71 -2.10 33.46
N GLY A 673 27.31 -2.05 32.21
CA GLY A 673 28.22 -2.22 31.13
C GLY A 673 28.45 -3.68 30.76
N GLU A 674 27.84 -4.59 31.45
CA GLU A 674 28.02 -6.00 31.13
C GLU A 674 27.43 -6.38 29.70
N LEU A 675 28.13 -7.22 28.97
CA LEU A 675 27.76 -7.64 27.65
C LEU A 675 26.61 -8.65 27.80
N LYS A 676 25.44 -8.40 27.22
CA LYS A 676 24.30 -9.35 27.27
C LYS A 676 24.07 -10.10 25.98
N TRP A 677 24.23 -9.46 24.85
CA TRP A 677 23.83 -9.97 23.56
C TRP A 677 24.67 -9.40 22.48
N THR A 678 24.71 -10.06 21.31
CA THR A 678 25.15 -9.44 20.10
C THR A 678 24.03 -9.64 19.01
N GLY A 679 24.01 -8.79 18.00
CA GLY A 679 23.03 -8.84 16.91
C GLY A 679 23.53 -8.19 15.68
N THR A 680 22.90 -8.52 14.54
CA THR A 680 23.15 -7.94 13.22
C THR A 680 22.14 -6.81 12.98
N ARG A 681 22.30 -6.18 11.84
CA ARG A 681 21.30 -5.19 11.34
C ARG A 681 19.90 -5.86 11.19
N VAL A 682 19.84 -7.11 10.73
CA VAL A 682 18.59 -7.83 10.62
C VAL A 682 17.90 -8.05 11.96
N ASP A 683 18.65 -8.34 13.00
CA ASP A 683 18.06 -8.47 14.33
C ASP A 683 17.57 -7.14 14.85
N LEU A 684 18.44 -6.11 14.77
CA LEU A 684 18.11 -4.83 15.42
C LEU A 684 17.14 -3.96 14.67
N VAL A 685 16.93 -4.19 13.39
CA VAL A 685 15.96 -3.37 12.65
C VAL A 685 14.55 -3.45 13.30
N PHE A 686 14.20 -4.59 13.91
CA PHE A 686 12.92 -4.79 14.62
C PHE A 686 12.75 -3.92 15.82
N GLY A 687 13.88 -3.39 16.38
CA GLY A 687 13.79 -2.42 17.47
C GLY A 687 14.06 -0.98 17.01
N SER A 688 14.17 -0.76 15.71
CA SER A 688 14.52 0.55 15.17
C SER A 688 13.43 1.12 14.25
N HIS A 689 13.04 0.37 13.22
CA HIS A 689 12.05 0.78 12.23
C HIS A 689 10.72 0.97 12.96
N SER A 690 10.07 2.13 12.78
CA SER A 690 8.89 2.37 13.65
C SER A 690 7.71 1.43 13.41
N GLN A 691 7.53 0.93 12.19
CA GLN A 691 6.45 -0.02 11.95
CA GLN A 691 6.46 -0.03 11.96
C GLN A 691 6.83 -1.43 12.46
N LEU A 692 8.08 -1.91 12.20
CA LEU A 692 8.47 -3.18 12.70
C LEU A 692 8.47 -3.24 14.30
N ARG A 693 8.89 -2.13 14.90
CA ARG A 693 8.95 -2.11 16.37
C ARG A 693 7.52 -2.15 16.91
N ALA A 694 6.54 -1.55 16.21
CA ALA A 694 5.21 -1.67 16.71
C ALA A 694 4.72 -3.17 16.65
N LEU A 695 5.16 -3.91 15.66
CA LEU A 695 4.82 -5.32 15.59
C LEU A 695 5.54 -6.10 16.69
N ALA A 696 6.85 -5.88 16.83
CA ALA A 696 7.60 -6.50 17.92
C ALA A 696 6.95 -6.27 19.28
N GLU A 697 6.43 -5.09 19.51
CA GLU A 697 5.80 -4.79 20.80
C GLU A 697 4.58 -5.70 21.09
N VAL A 698 3.81 -6.01 20.06
CA VAL A 698 2.65 -6.88 20.26
C VAL A 698 3.15 -8.27 20.72
N TYR A 699 4.18 -8.80 20.08
CA TYR A 699 4.68 -10.10 20.48
C TYR A 699 5.55 -10.12 21.68
N GLY A 700 6.02 -8.96 22.13
CA GLY A 700 6.78 -8.79 23.34
C GLY A 700 6.01 -8.38 24.54
N SER A 701 4.71 -8.34 24.43
CA SER A 701 3.90 -7.96 25.57
C SER A 701 3.64 -9.14 26.51
N ALA A 702 3.18 -8.84 27.70
CA ALA A 702 3.03 -9.91 28.74
C ALA A 702 1.86 -10.83 28.42
N ASP A 703 0.91 -10.45 27.62
CA ASP A 703 -0.19 -11.24 27.29
C ASP A 703 -0.01 -12.05 25.98
N ALA A 704 1.17 -12.08 25.43
CA ALA A 704 1.34 -12.54 24.03
C ALA A 704 1.92 -13.92 23.84
N GLN A 705 2.21 -14.66 24.90
CA GLN A 705 3.05 -15.95 24.66
C GLN A 705 2.25 -16.97 23.84
N GLU A 706 0.97 -17.12 24.18
CA GLU A 706 0.11 -18.00 23.44
C GLU A 706 -0.15 -17.52 21.98
N LYS A 707 -0.43 -16.22 21.82
CA LYS A 707 -0.52 -15.69 20.49
C LYS A 707 0.74 -15.89 19.64
N PHE A 708 1.89 -15.68 20.21
CA PHE A 708 3.13 -15.85 19.57
C PHE A 708 3.28 -17.33 19.07
N VAL A 709 2.98 -18.30 19.92
CA VAL A 709 3.10 -19.71 19.54
C VAL A 709 2.17 -19.98 18.40
N ARG A 710 0.91 -19.59 18.56
CA ARG A 710 -0.10 -19.89 17.49
C ARG A 710 0.23 -19.23 16.16
N ASP A 711 0.65 -17.97 16.17
CA ASP A 711 1.02 -17.29 14.97
C ASP A 711 2.27 -17.85 14.32
N PHE A 712 3.22 -18.28 15.17
CA PHE A 712 4.43 -18.90 14.65
C PHE A 712 4.11 -20.20 13.94
N VAL A 713 3.29 -21.05 14.57
CA VAL A 713 2.93 -22.32 13.97
C VAL A 713 2.20 -22.05 12.62
N ALA A 714 1.29 -21.09 12.56
CA ALA A 714 0.58 -20.86 11.36
C ALA A 714 1.52 -20.40 10.20
N VAL A 715 2.50 -19.53 10.53
CA VAL A 715 3.45 -19.05 9.49
C VAL A 715 4.42 -20.14 9.06
N TRP A 716 4.87 -20.98 10.00
CA TRP A 716 5.72 -22.15 9.69
C TRP A 716 4.99 -23.06 8.68
N ASN A 717 3.73 -23.38 8.97
CA ASN A 717 2.93 -24.21 8.11
C ASN A 717 2.74 -23.56 6.73
N LYS A 718 2.56 -22.23 6.73
CA LYS A 718 2.37 -21.52 5.43
C LYS A 718 3.66 -21.74 4.60
N VAL A 719 4.82 -21.55 5.21
CA VAL A 719 6.05 -21.71 4.43
C VAL A 719 6.27 -23.15 3.94
N MET A 720 5.93 -24.12 4.80
CA MET A 720 6.03 -25.51 4.42
C MET A 720 5.16 -25.87 3.23
N ASN A 721 4.06 -25.15 3.03
CA ASN A 721 3.08 -25.46 1.98
C ASN A 721 3.17 -24.57 0.72
N LEU A 722 4.18 -23.72 0.59
CA LEU A 722 4.15 -22.66 -0.41
C LEU A 722 4.10 -23.25 -1.85
N ASP A 723 4.70 -24.41 -2.08
CA ASP A 723 4.74 -25.01 -3.40
C ASP A 723 3.67 -26.04 -3.62
N ARG A 724 2.74 -26.21 -2.68
CA ARG A 724 1.79 -27.29 -2.74
C ARG A 724 0.56 -27.02 -3.62
N PHE A 725 0.82 -26.77 -4.87
CA PHE A 725 -0.23 -26.49 -5.83
C PHE A 725 -1.04 -27.74 -6.16
N ASP A 726 -0.51 -28.92 -5.87
CA ASP A 726 -1.27 -30.21 -5.90
C ASP A 726 -2.38 -30.24 -4.94
N LEU A 727 -2.45 -29.39 -3.94
CA LEU A 727 -3.58 -29.30 -2.99
C LEU A 727 -4.47 -28.11 -3.28
N ALA A 728 -4.08 -27.21 -4.19
CA ALA A 728 -4.94 -26.05 -4.63
C ALA A 728 -6.24 -26.61 -5.28
N GLY B 16 16.45 2.91 -6.25
CA GLY B 16 15.35 2.16 -7.01
C GLY B 16 14.32 3.13 -7.59
N THR B 17 14.23 3.37 -8.89
CA THR B 17 13.20 4.37 -9.38
C THR B 17 11.79 3.72 -9.35
N SER B 18 10.78 4.44 -8.88
CA SER B 18 9.42 3.92 -8.67
C SER B 18 8.42 4.70 -9.60
N ASN B 19 7.14 4.21 -9.60
CA ASN B 19 6.13 4.86 -10.43
C ASN B 19 5.91 6.33 -10.03
N ARG B 20 5.90 6.60 -8.69
CA ARG B 20 5.75 8.05 -8.22
C ARG B 20 6.94 8.95 -8.68
N ASP B 21 8.13 8.36 -8.93
CA ASP B 21 9.25 9.14 -9.49
C ASP B 21 8.94 9.46 -10.98
N TRP B 22 8.51 8.44 -11.78
CA TRP B 22 8.29 8.72 -13.18
C TRP B 22 7.07 9.55 -13.43
N TRP B 23 5.97 9.37 -12.67
CA TRP B 23 4.67 10.03 -12.99
C TRP B 23 4.23 10.68 -11.67
N PRO B 24 4.91 11.82 -11.27
CA PRO B 24 4.73 12.31 -9.86
C PRO B 24 3.38 12.95 -9.71
N ASN B 25 2.65 13.20 -10.78
CA ASN B 25 1.26 13.65 -10.66
C ASN B 25 0.19 12.62 -10.82
N GLN B 26 0.48 11.31 -11.06
CA GLN B 26 -0.62 10.28 -11.26
C GLN B 26 -1.32 10.19 -9.89
N LEU B 27 -2.48 9.59 -9.91
CA LEU B 27 -3.37 9.56 -8.74
C LEU B 27 -2.79 8.41 -7.96
N ASP B 28 -2.71 8.54 -6.67
CA ASP B 28 -2.32 7.46 -5.78
C ASP B 28 -3.43 6.73 -5.06
N LEU B 29 -3.73 5.52 -5.52
CA LEU B 29 -4.80 4.72 -4.97
C LEU B 29 -4.42 3.99 -3.73
N SER B 30 -3.12 3.91 -3.36
CA SER B 30 -2.70 3.10 -2.18
CA SER B 30 -2.69 3.12 -2.19
C SER B 30 -3.32 3.68 -0.92
N ILE B 31 -3.70 4.96 -0.95
CA ILE B 31 -4.33 5.51 0.22
C ILE B 31 -5.69 4.88 0.53
N LEU B 32 -6.36 4.28 -0.43
CA LEU B 32 -7.62 3.58 -0.14
C LEU B 32 -7.39 2.15 0.43
N HIS B 33 -6.17 1.67 0.33
CA HIS B 33 -5.85 0.21 0.56
C HIS B 33 -4.91 0.11 1.72
N ARG B 34 -4.76 1.18 2.49
CA ARG B 34 -4.12 1.11 3.79
C ARG B 34 -5.11 0.46 4.74
N HIS B 35 -4.49 0.00 5.85
CA HIS B 35 -5.21 -0.50 7.02
C HIS B 35 -5.90 -1.85 6.61
N SER B 36 -5.22 -2.59 5.70
CA SER B 36 -5.67 -3.95 5.35
C SER B 36 -5.34 -4.88 6.51
N SER B 37 -5.98 -6.02 6.44
CA SER B 37 -5.70 -7.03 7.42
C SER B 37 -4.23 -7.57 7.22
N LEU B 38 -3.58 -7.34 6.05
CA LEU B 38 -2.19 -7.83 5.89
C LEU B 38 -1.22 -7.19 6.89
N SER B 39 -1.34 -5.88 7.15
CA SER B 39 -0.40 -5.14 7.98
C SER B 39 -0.72 -5.20 9.52
N ASP B 40 -1.88 -5.67 9.87
CA ASP B 40 -2.40 -5.69 11.24
C ASP B 40 -2.02 -7.00 11.92
N PRO B 41 -1.33 -6.97 13.05
CA PRO B 41 -0.93 -8.21 13.65
C PRO B 41 -2.03 -8.90 14.45
N MET B 42 -3.13 -8.18 14.75
CA MET B 42 -4.17 -8.64 15.61
C MET B 42 -5.06 -9.54 14.74
N GLY B 43 -5.70 -10.48 15.33
CA GLY B 43 -6.62 -11.32 14.31
C GLY B 43 -7.65 -10.43 13.50
N LYS B 44 -8.29 -10.93 12.43
CA LYS B 44 -9.36 -10.02 11.87
C LYS B 44 -10.61 -10.07 12.82
N ASP B 45 -10.67 -11.01 13.70
CA ASP B 45 -11.68 -11.10 14.71
C ASP B 45 -11.35 -10.20 15.97
N PHE B 46 -10.22 -9.53 16.02
CA PHE B 46 -9.86 -8.80 17.27
C PHE B 46 -10.83 -7.63 17.40
N ASN B 47 -11.34 -7.46 18.60
CA ASN B 47 -12.25 -6.34 18.77
C ASN B 47 -11.65 -5.55 19.99
N TYR B 48 -11.06 -4.38 19.70
CA TYR B 48 -10.37 -3.62 20.75
C TYR B 48 -11.36 -3.22 21.86
N ALA B 49 -12.58 -2.81 21.52
CA ALA B 49 -13.57 -2.41 22.59
C ALA B 49 -13.78 -3.48 23.53
N GLN B 50 -13.84 -4.73 23.05
CA GLN B 50 -14.04 -5.83 24.04
C GLN B 50 -12.85 -6.06 24.94
N ALA B 51 -11.64 -5.91 24.40
CA ALA B 51 -10.39 -6.06 25.21
C ALA B 51 -10.36 -4.99 26.22
N PHE B 52 -10.64 -3.72 25.83
CA PHE B 52 -10.55 -2.62 26.75
C PHE B 52 -11.53 -2.74 27.91
N GLU B 53 -12.69 -3.25 27.60
CA GLU B 53 -13.73 -3.46 28.61
C GLU B 53 -13.28 -4.38 29.71
N LYS B 54 -12.34 -5.28 29.49
CA LYS B 54 -11.81 -6.08 30.51
C LYS B 54 -10.56 -5.48 31.21
N LEU B 55 -10.06 -4.33 30.80
CA LEU B 55 -8.85 -3.75 31.39
C LEU B 55 -9.24 -3.30 32.80
N ASP B 56 -8.37 -3.54 33.73
CA ASP B 56 -8.47 -2.92 35.06
C ASP B 56 -7.90 -1.44 35.01
N LEU B 57 -8.73 -0.52 34.62
CA LEU B 57 -8.30 0.81 34.33
C LEU B 57 -7.65 1.46 35.60
N ALA B 58 -8.20 1.14 36.75
CA ALA B 58 -7.74 1.66 38.03
C ALA B 58 -6.25 1.25 38.28
N ALA B 59 -5.95 0.00 37.97
CA ALA B 59 -4.57 -0.53 38.09
C ALA B 59 -3.60 0.22 37.14
N VAL B 60 -4.06 0.45 35.91
CA VAL B 60 -3.21 1.18 34.94
C VAL B 60 -2.92 2.58 35.52
N LYS B 61 -3.94 3.22 36.05
CA LYS B 61 -3.80 4.61 36.56
C LYS B 61 -2.81 4.62 37.78
N ARG B 62 -2.88 3.58 38.60
CA ARG B 62 -1.91 3.51 39.71
C ARG B 62 -0.47 3.41 39.17
N ASP B 63 -0.27 2.53 38.20
CA ASP B 63 1.08 2.41 37.61
C ASP B 63 1.51 3.69 37.01
N LEU B 64 0.60 4.39 36.34
CA LEU B 64 1.00 5.66 35.72
C LEU B 64 1.38 6.72 36.77
N HIS B 65 0.60 6.76 37.85
CA HIS B 65 0.91 7.67 38.99
C HIS B 65 2.37 7.36 39.53
N ALA B 66 2.71 6.08 39.68
CA ALA B 66 4.02 5.66 40.15
C ALA B 66 5.10 6.14 39.17
N LEU B 67 4.80 6.02 37.89
CA LEU B 67 5.79 6.39 36.88
C LEU B 67 6.18 7.84 36.92
N MET B 68 5.24 8.69 37.25
CA MET B 68 5.46 10.13 37.27
C MET B 68 6.76 10.51 37.95
N THR B 69 7.10 9.85 39.05
CA THR B 69 8.29 10.25 39.78
C THR B 69 9.32 9.16 39.81
N THR B 70 9.30 8.22 38.88
CA THR B 70 10.28 7.23 38.78
C THR B 70 11.27 7.61 37.66
N SER B 71 12.25 8.44 38.01
CA SER B 71 13.15 9.04 37.01
C SER B 71 14.10 7.99 36.41
N GLN B 72 14.25 7.92 35.12
CA GLN B 72 15.21 7.01 34.47
C GLN B 72 16.44 7.87 34.07
N ASP B 73 17.64 7.34 34.34
CA ASP B 73 18.86 8.02 34.03
C ASP B 73 19.13 8.43 32.59
N TRP B 74 18.60 7.68 31.66
CA TRP B 74 18.70 8.02 30.25
C TRP B 74 17.85 9.22 29.82
N TRP B 75 16.94 9.67 30.66
CA TRP B 75 16.15 10.92 30.42
C TRP B 75 15.53 11.44 31.71
N PRO B 76 16.37 11.99 32.54
CA PRO B 76 15.94 12.29 33.92
C PRO B 76 14.83 13.26 33.97
N ALA B 77 13.92 13.04 34.92
CA ALA B 77 12.75 13.88 35.10
C ALA B 77 13.05 15.28 35.65
N ASP B 78 12.64 16.34 34.92
CA ASP B 78 12.72 17.70 35.44
C ASP B 78 11.99 17.81 36.77
N PHE B 79 12.54 18.51 37.78
CA PHE B 79 11.84 18.64 39.08
C PHE B 79 11.52 17.29 39.73
N GLY B 80 12.09 16.21 39.29
CA GLY B 80 11.74 14.92 39.74
C GLY B 80 10.38 14.41 39.28
N HIS B 81 9.73 15.02 38.25
CA HIS B 81 8.33 14.67 37.96
C HIS B 81 8.12 14.85 36.43
N TYR B 82 7.79 13.76 35.78
CA TYR B 82 7.58 13.71 34.27
C TYR B 82 6.20 14.32 33.84
N GLY B 83 5.45 14.91 34.78
CA GLY B 83 4.12 15.32 34.47
C GLY B 83 4.04 16.31 33.30
N GLY B 84 4.87 17.34 33.34
CA GLY B 84 4.90 18.32 32.24
C GLY B 84 5.22 17.65 30.89
N LEU B 85 6.26 16.81 30.86
CA LEU B 85 6.58 16.12 29.62
C LEU B 85 5.36 15.34 29.06
N PHE B 86 4.69 14.61 29.95
CA PHE B 86 3.52 13.85 29.50
C PHE B 86 2.31 14.68 29.06
N ILE B 87 2.08 15.83 29.70
CA ILE B 87 1.06 16.71 29.28
C ILE B 87 1.35 17.23 27.86
N ARG B 88 2.59 17.64 27.61
CA ARG B 88 2.99 18.06 26.29
C ARG B 88 2.79 16.89 25.30
N MET B 89 3.22 15.69 25.66
CA MET B 89 3.02 14.49 24.82
C MET B 89 1.55 14.26 24.39
N ALA B 90 0.62 14.34 25.36
CA ALA B 90 -0.78 14.12 25.05
C ALA B 90 -1.35 15.27 24.23
N TRP B 91 -1.00 16.51 24.61
CA TRP B 91 -1.36 17.68 23.85
C TRP B 91 -0.87 17.59 22.33
N HIS B 92 0.36 17.16 22.14
CA HIS B 92 0.82 16.94 20.76
C HIS B 92 0.12 15.83 19.99
N SER B 93 -0.19 14.74 20.69
CA SER B 93 -0.91 13.64 20.11
C SER B 93 -2.26 14.18 19.52
N ALA B 94 -3.01 14.91 20.34
CA ALA B 94 -4.25 15.53 19.92
C ALA B 94 -4.16 16.68 18.98
N GLY B 95 -3.07 17.39 19.08
CA GLY B 95 -2.91 18.71 18.46
C GLY B 95 -2.66 18.78 16.92
N THR B 96 -2.54 17.66 16.27
CA THR B 96 -2.36 17.59 14.83
C THR B 96 -3.73 17.68 14.10
N TYR B 97 -4.82 17.62 14.88
CA TYR B 97 -6.20 17.59 14.34
C TYR B 97 -6.53 18.82 13.45
N ARG B 98 -7.28 18.59 12.36
CA ARG B 98 -7.70 19.65 11.47
C ARG B 98 -9.22 19.50 11.28
N THR B 99 -10.03 20.51 11.56
CA THR B 99 -11.47 20.37 11.37
CA THR B 99 -11.45 20.37 11.34
C THR B 99 -11.82 20.30 9.91
N ALA B 100 -10.98 20.81 9.02
CA ALA B 100 -11.28 20.77 7.60
C ALA B 100 -11.57 19.37 6.99
N ASP B 101 -10.83 18.37 7.43
CA ASP B 101 -10.97 17.01 6.97
C ASP B 101 -11.06 15.98 8.04
N GLY B 102 -10.98 16.44 9.31
CA GLY B 102 -10.94 15.55 10.46
C GLY B 102 -9.70 14.68 10.66
N ARG B 103 -8.71 14.92 9.79
CA ARG B 103 -7.54 14.10 9.81
C ARG B 103 -6.62 14.63 10.96
N GLY B 104 -5.66 13.78 11.34
CA GLY B 104 -4.87 14.07 12.58
C GLY B 104 -5.73 13.87 13.83
N GLY B 105 -5.18 14.27 14.98
CA GLY B 105 -5.73 13.93 16.25
C GLY B 105 -5.12 12.73 16.93
N ALA B 106 -5.58 12.48 18.15
CA ALA B 106 -4.98 11.44 19.03
C ALA B 106 -5.56 10.06 18.76
N GLY B 107 -6.68 10.05 18.02
CA GLY B 107 -7.51 8.85 17.97
C GLY B 107 -6.97 7.60 17.28
N GLU B 108 -5.83 7.68 16.55
CA GLU B 108 -5.26 6.51 15.96
C GLU B 108 -3.83 6.23 16.48
N GLY B 109 -3.37 7.02 17.47
CA GLY B 109 -2.00 6.83 18.03
C GLY B 109 -0.90 7.01 17.01
N GLN B 110 -1.15 7.88 16.04
CA GLN B 110 -0.21 8.04 14.93
C GLN B 110 1.07 8.75 15.32
N GLN B 111 1.14 9.32 16.55
CA GLN B 111 2.40 9.94 16.99
C GLN B 111 3.57 8.94 16.98
N ARG B 112 3.28 7.68 17.04
CA ARG B 112 4.33 6.64 17.12
C ARG B 112 4.91 6.21 15.73
N PHE B 113 4.34 6.73 14.65
CA PHE B 113 4.73 6.40 13.31
C PHE B 113 5.30 7.63 12.59
N ALA B 114 5.96 7.42 11.45
CA ALA B 114 6.36 8.48 10.58
C ALA B 114 5.13 9.15 9.92
N PRO B 115 5.16 10.46 9.68
CA PRO B 115 6.26 11.37 9.97
C PRO B 115 6.16 12.02 11.36
N LEU B 116 5.05 11.82 12.04
CA LEU B 116 4.82 12.58 13.27
C LEU B 116 5.82 12.21 14.37
N ASN B 117 6.33 10.99 14.38
CA ASN B 117 7.30 10.64 15.38
C ASN B 117 8.57 11.41 15.29
N SER B 118 8.77 12.11 14.15
CA SER B 118 10.01 12.79 13.83
C SER B 118 9.83 14.22 13.49
N TRP B 119 8.62 14.75 13.71
CA TRP B 119 8.43 16.17 13.49
C TRP B 119 9.27 16.95 14.48
N PRO B 120 9.82 18.07 14.06
CA PRO B 120 10.62 18.88 15.06
C PRO B 120 9.85 19.26 16.28
N ALA B 121 8.60 19.63 16.15
CA ALA B 121 7.83 19.93 17.35
C ALA B 121 7.58 18.76 18.26
N ASN B 122 7.83 17.53 17.80
CA ASN B 122 7.72 16.35 18.65
C ASN B 122 8.99 15.88 19.23
N ALA B 123 10.03 16.69 19.14
CA ALA B 123 11.36 16.32 19.66
C ALA B 123 11.27 15.93 21.15
N ASN B 124 11.95 14.83 21.45
CA ASN B 124 12.06 14.22 22.75
C ASN B 124 10.75 13.60 23.29
N LEU B 125 9.68 13.65 22.51
CA LEU B 125 8.51 12.88 22.89
C LEU B 125 8.73 11.41 22.59
N ASP B 126 9.72 11.08 21.81
CA ASP B 126 10.18 9.72 21.71
C ASP B 126 10.63 9.14 23.08
N LYS B 127 11.27 9.97 23.88
CA LYS B 127 11.62 9.60 25.27
C LYS B 127 10.36 9.35 26.12
N ALA B 128 9.42 10.23 26.02
CA ALA B 128 8.17 10.06 26.74
C ALA B 128 7.46 8.75 26.44
N ARG B 129 7.35 8.43 25.14
CA ARG B 129 6.69 7.19 24.76
C ARG B 129 7.47 5.99 25.23
N ARG B 130 8.82 6.05 25.21
CA ARG B 130 9.60 4.94 25.61
C ARG B 130 9.46 4.70 27.18
N LEU B 131 9.30 5.76 27.95
CA LEU B 131 9.01 5.62 29.40
C LEU B 131 7.76 4.85 29.65
N LEU B 132 6.82 4.87 28.68
CA LEU B 132 5.54 4.14 28.83
C LEU B 132 5.57 2.66 28.40
N TRP B 133 6.62 2.27 27.69
CA TRP B 133 6.72 0.87 27.26
C TRP B 133 6.46 -0.17 28.38
N PRO B 134 7.07 0.00 29.58
CA PRO B 134 6.83 -1.09 30.52
C PRO B 134 5.33 -1.27 30.87
N ILE B 135 4.61 -0.15 31.00
CA ILE B 135 3.15 -0.23 31.22
C ILE B 135 2.37 -0.84 30.03
N LYS B 136 2.68 -0.38 28.83
CA LYS B 136 2.10 -0.93 27.64
C LYS B 136 2.35 -2.47 27.57
N GLN B 137 3.58 -2.88 27.86
CA GLN B 137 3.95 -4.31 27.83
C GLN B 137 3.14 -5.09 28.86
N LYS B 138 3.02 -4.52 30.06
CA LYS B 138 2.26 -5.16 31.10
C LYS B 138 0.78 -5.45 30.79
N TYR B 139 0.11 -4.48 30.23
CA TYR B 139 -1.32 -4.61 29.96
C TYR B 139 -1.66 -5.09 28.60
N GLY B 140 -0.74 -5.04 27.69
CA GLY B 140 -0.86 -5.63 26.34
C GLY B 140 -1.96 -5.07 25.51
N ARG B 141 -2.72 -5.94 24.85
CA ARG B 141 -3.70 -5.49 23.90
C ARG B 141 -4.90 -4.82 24.52
N ALA B 142 -5.06 -4.92 25.83
CA ALA B 142 -6.22 -4.39 26.55
C ALA B 142 -6.13 -2.83 26.73
N ILE B 143 -4.98 -2.23 26.44
CA ILE B 143 -4.90 -0.80 26.26
C ILE B 143 -4.08 -0.40 25.06
N SER B 144 -4.67 0.32 24.14
CA SER B 144 -3.97 0.77 22.96
C SER B 144 -2.95 1.84 23.33
N TRP B 145 -1.95 1.98 22.50
CA TRP B 145 -1.10 3.14 22.57
C TRP B 145 -1.88 4.44 22.52
N ALA B 146 -2.84 4.47 21.62
CA ALA B 146 -3.61 5.68 21.41
C ALA B 146 -4.33 6.13 22.69
N ASP B 147 -5.01 5.19 23.35
CA ASP B 147 -5.64 5.41 24.65
C ASP B 147 -4.59 5.78 25.70
N LEU B 148 -3.53 5.05 25.76
CA LEU B 148 -2.44 5.25 26.76
C LEU B 148 -1.84 6.65 26.71
N LEU B 149 -1.61 7.20 25.53
CA LEU B 149 -1.02 8.49 25.49
C LEU B 149 -1.93 9.52 26.19
N ILE B 150 -3.23 9.46 25.89
CA ILE B 150 -4.20 10.40 26.50
C ILE B 150 -4.32 10.12 27.97
N LEU B 151 -4.51 8.86 28.37
CA LEU B 151 -4.68 8.51 29.79
C LEU B 151 -3.49 9.04 30.59
N THR B 152 -2.29 8.92 30.04
CA THR B 152 -1.08 9.38 30.70
C THR B 152 -1.12 10.89 30.92
N GLY B 153 -1.57 11.63 29.95
CA GLY B 153 -1.77 13.08 30.16
C GLY B 153 -2.76 13.40 31.23
N ASN B 154 -3.88 12.71 31.27
CA ASN B 154 -4.85 12.80 32.36
C ASN B 154 -4.20 12.53 33.73
N VAL B 155 -3.45 11.41 33.81
CA VAL B 155 -2.90 11.05 35.07
C VAL B 155 -1.83 12.11 35.51
N ALA B 156 -1.06 12.61 34.61
CA ALA B 156 -0.15 13.74 34.91
C ALA B 156 -0.83 14.96 35.53
N LEU B 157 -1.92 15.39 34.92
CA LEU B 157 -2.72 16.46 35.47
C LEU B 157 -3.24 16.13 36.87
N GLU B 158 -3.75 14.89 37.06
CA GLU B 158 -4.28 14.50 38.39
C GLU B 158 -3.17 14.44 39.41
N SER B 159 -2.04 13.84 39.07
CA SER B 159 -0.90 13.73 39.94
C SER B 159 -0.48 15.10 40.41
N MET B 160 -0.58 16.14 39.55
CA MET B 160 -0.14 17.48 39.88
C MET B 160 -1.24 18.35 40.42
N GLY B 161 -2.36 17.76 40.82
CA GLY B 161 -3.33 18.50 41.56
C GLY B 161 -4.53 19.01 40.79
N PHE B 162 -4.73 18.56 39.55
CA PHE B 162 -5.80 19.12 38.70
C PHE B 162 -6.78 18.02 38.44
N LYS B 163 -8.04 18.25 38.78
CA LYS B 163 -9.10 17.24 38.58
C LYS B 163 -9.64 17.30 37.11
N THR B 164 -9.52 16.23 36.38
CA THR B 164 -10.01 16.24 35.01
C THR B 164 -11.50 16.09 34.90
N PHE B 165 -12.04 16.40 33.73
CA PHE B 165 -13.46 16.27 33.42
C PHE B 165 -13.83 14.84 33.16
N GLY B 166 -12.89 13.95 32.87
CA GLY B 166 -13.21 12.58 32.53
C GLY B 166 -12.31 11.99 31.44
N PHE B 167 -12.57 10.75 31.05
CA PHE B 167 -11.72 10.05 30.07
C PHE B 167 -12.58 8.99 29.46
N ALA B 168 -12.44 8.78 28.17
CA ALA B 168 -13.07 7.62 27.47
C ALA B 168 -11.96 6.83 26.76
N GLY B 169 -12.01 5.51 26.90
CA GLY B 169 -11.24 4.63 26.07
C GLY B 169 -11.97 4.32 24.76
N GLY B 170 -11.27 3.62 23.86
CA GLY B 170 -11.85 3.09 22.62
C GLY B 170 -11.10 3.50 21.38
N ARG B 171 -9.96 4.17 21.48
CA ARG B 171 -9.12 4.49 20.31
C ARG B 171 -8.34 3.25 19.93
N ALA B 172 -8.81 2.52 18.91
CA ALA B 172 -8.08 1.30 18.49
C ALA B 172 -6.71 1.69 17.91
N ASP B 173 -5.65 0.95 18.20
CA ASP B 173 -4.40 1.22 17.53
C ASP B 173 -4.48 1.00 16.03
N THR B 174 -3.57 1.62 15.28
CA THR B 174 -3.35 1.45 13.83
C THR B 174 -1.94 0.96 13.68
N TRP B 175 -1.60 0.46 12.51
CA TRP B 175 -0.39 -0.35 12.37
C TRP B 175 0.54 0.10 11.22
N GLU B 176 0.13 1.11 10.56
CA GLU B 176 0.98 1.82 9.61
C GLU B 176 0.67 3.33 9.56
N PRO B 177 1.57 4.13 9.01
CA PRO B 177 1.29 5.54 8.89
C PRO B 177 0.06 5.85 8.02
N GLU B 178 -0.76 6.78 8.42
CA GLU B 178 -1.77 7.37 7.64
C GLU B 178 -1.19 8.22 6.50
N ASP B 179 -1.87 8.31 5.36
CA ASP B 179 -1.50 9.19 4.24
C ASP B 179 -2.26 10.47 4.36
N VAL B 180 -1.55 11.43 4.94
CA VAL B 180 -2.21 12.76 5.22
C VAL B 180 -1.40 13.82 4.42
N TYR B 181 -2.06 14.75 3.84
CA TYR B 181 -1.42 15.97 3.30
C TYR B 181 -1.07 16.94 4.41
N TRP B 182 0.22 17.03 4.79
CA TRP B 182 0.66 17.95 5.87
C TRP B 182 1.22 19.25 5.28
N GLY B 183 1.21 19.32 3.93
CA GLY B 183 1.82 20.49 3.23
C GLY B 183 2.79 20.02 2.13
N SER B 184 3.25 20.96 1.30
CA SER B 184 4.14 20.69 0.10
C SER B 184 5.54 21.14 0.29
N GLU B 185 5.87 21.71 1.45
CA GLU B 185 7.29 22.16 1.65
C GLU B 185 8.21 20.95 1.71
N LYS B 186 9.45 21.16 1.19
CA LYS B 186 10.50 20.12 1.17
C LYS B 186 11.57 20.38 2.18
N ILE B 187 11.39 21.38 3.08
CA ILE B 187 12.31 21.73 4.11
C ILE B 187 11.52 21.82 5.45
N TRP B 188 11.99 21.10 6.49
CA TRP B 188 11.36 21.15 7.82
C TRP B 188 11.32 22.61 8.27
N LEU B 189 10.19 23.02 8.78
CA LEU B 189 10.03 24.33 9.44
C LEU B 189 10.18 25.54 8.45
N GLU B 190 10.05 25.27 7.15
CA GLU B 190 10.34 26.31 6.20
C GLU B 190 9.44 27.56 6.52
N LEU B 191 10.00 28.76 6.43
CA LEU B 191 9.31 29.98 6.66
C LEU B 191 8.42 30.30 5.46
N SER B 192 7.39 31.10 5.68
CA SER B 192 6.41 31.37 4.63
C SER B 192 7.04 32.09 3.33
N GLY B 193 6.30 32.02 2.21
CA GLY B 193 6.72 32.70 0.99
C GLY B 193 7.72 31.86 0.12
N GLY B 194 8.08 30.62 0.50
CA GLY B 194 8.90 29.77 -0.35
C GLY B 194 8.22 29.27 -1.57
N PRO B 195 8.91 28.40 -2.31
CA PRO B 195 8.29 27.82 -3.56
C PRO B 195 7.07 26.99 -3.32
N ASN B 196 6.95 26.43 -2.15
CA ASN B 196 5.73 25.63 -1.77
C ASN B 196 4.95 26.24 -0.55
N SER B 197 4.84 27.55 -0.52
CA SER B 197 4.33 28.30 0.59
C SER B 197 2.95 27.80 0.89
N ARG B 198 2.66 27.52 2.12
CA ARG B 198 1.27 27.27 2.59
C ARG B 198 0.45 28.53 2.81
N TYR B 199 1.08 29.68 2.66
CA TYR B 199 0.36 30.97 2.81
C TYR B 199 0.25 31.69 1.46
N SER B 200 -0.88 32.30 1.24
CA SER B 200 -1.05 33.30 0.12
C SER B 200 -1.92 34.44 0.60
N GLY B 201 -1.92 35.52 -0.19
CA GLY B 201 -2.70 36.71 0.06
C GLY B 201 -2.32 37.35 1.33
N ASP B 202 -3.33 37.74 2.09
CA ASP B 202 -3.10 38.39 3.36
C ASP B 202 -2.90 37.32 4.52
N ARG B 203 -1.82 36.62 4.53
CA ARG B 203 -1.55 35.54 5.51
C ARG B 203 -2.73 34.49 5.61
N GLN B 204 -3.18 33.99 4.47
CA GLN B 204 -4.30 33.06 4.37
C GLN B 204 -3.65 31.69 4.33
N LEU B 205 -4.02 30.88 5.28
CA LEU B 205 -3.39 29.52 5.38
C LEU B 205 -4.15 28.57 4.44
N GLU B 206 -3.52 27.77 3.60
CA GLU B 206 -4.31 26.91 2.70
C GLU B 206 -5.11 25.82 3.46
N ASN B 207 -6.34 25.57 3.03
CA ASN B 207 -7.06 24.36 3.51
C ASN B 207 -6.45 23.14 2.98
N PRO B 208 -6.33 22.01 3.66
CA PRO B 208 -6.92 21.72 4.93
C PRO B 208 -5.86 21.90 6.06
N LEU B 209 -4.85 22.70 5.86
CA LEU B 209 -3.72 22.77 6.89
C LEU B 209 -4.15 23.54 8.11
N ALA B 210 -3.49 23.26 9.24
CA ALA B 210 -3.86 23.89 10.48
C ALA B 210 -2.64 24.22 11.36
N ALA B 211 -1.48 24.27 10.71
CA ALA B 211 -0.22 24.70 11.29
C ALA B 211 0.48 25.68 10.42
N VAL B 212 1.32 26.55 11.04
CA VAL B 212 1.94 27.73 10.28
C VAL B 212 3.19 27.33 9.51
N GLN B 213 3.82 26.19 9.93
CA GLN B 213 5.11 25.68 9.27
C GLN B 213 5.09 24.16 9.37
N MET B 214 5.76 23.51 8.42
CA MET B 214 5.84 22.09 8.28
C MET B 214 6.63 21.56 9.45
N GLY B 215 6.02 20.69 10.24
CA GLY B 215 6.62 20.08 11.43
C GLY B 215 6.22 20.76 12.75
N LEU B 216 5.37 21.84 12.71
CA LEU B 216 4.87 22.43 13.93
C LEU B 216 3.45 21.89 14.16
N ILE B 217 2.98 22.09 15.40
CA ILE B 217 1.67 21.66 15.85
C ILE B 217 0.61 22.71 15.46
N TYR B 218 0.72 23.92 16.05
CA TYR B 218 -0.09 25.02 15.64
C TYR B 218 0.77 26.20 15.13
N VAL B 219 1.45 26.89 16.06
CA VAL B 219 2.24 28.09 15.73
C VAL B 219 3.67 28.01 16.15
N ASN B 220 4.40 29.06 15.78
CA ASN B 220 5.82 29.21 16.10
C ASN B 220 5.90 29.97 17.44
N PRO B 221 6.50 29.34 18.45
CA PRO B 221 6.57 29.96 19.78
C PRO B 221 7.41 31.22 19.86
N GLU B 222 8.27 31.46 18.88
CA GLU B 222 9.01 32.73 18.81
C GLU B 222 8.19 33.87 18.13
N GLY B 223 7.12 33.54 17.42
CA GLY B 223 6.23 34.47 16.74
C GLY B 223 6.19 34.11 15.25
N PRO B 224 5.33 34.84 14.49
CA PRO B 224 5.10 34.46 13.07
C PRO B 224 6.38 34.54 12.25
N ASP B 225 6.75 33.41 11.61
CA ASP B 225 8.00 33.30 10.86
C ASP B 225 9.18 33.71 11.74
N GLY B 226 9.06 33.48 13.04
CA GLY B 226 10.14 33.80 13.97
C GLY B 226 10.28 35.27 14.40
N ASN B 227 9.32 36.11 14.07
CA ASN B 227 9.34 37.50 14.44
C ASN B 227 8.59 37.63 15.80
N PRO B 228 9.22 38.20 16.82
CA PRO B 228 8.64 38.14 18.20
C PRO B 228 7.69 39.25 18.50
N ASP B 229 6.61 39.26 17.75
CA ASP B 229 5.49 40.22 17.93
C ASP B 229 4.28 39.47 18.49
N PRO B 230 3.98 39.65 19.80
CA PRO B 230 2.83 38.89 20.41
C PRO B 230 1.49 39.15 19.83
N VAL B 231 1.26 40.39 19.28
CA VAL B 231 -0.04 40.66 18.67
C VAL B 231 -0.24 39.95 17.39
N ALA B 232 0.78 40.01 16.54
CA ALA B 232 0.77 39.25 15.32
C ALA B 232 0.72 37.71 15.62
N ALA B 233 1.42 37.26 16.65
CA ALA B 233 1.41 35.86 16.98
C ALA B 233 0.00 35.46 17.33
N ALA B 234 -0.73 36.35 18.02
CA ALA B 234 -2.11 36.04 18.39
C ALA B 234 -3.04 35.77 17.20
N ARG B 235 -2.79 36.41 16.10
CA ARG B 235 -3.58 36.17 14.91
C ARG B 235 -3.38 34.73 14.41
N ASP B 236 -2.13 34.28 14.39
CA ASP B 236 -1.83 32.92 14.01
C ASP B 236 -2.42 31.90 14.97
N ILE B 237 -2.31 32.15 16.27
CA ILE B 237 -2.92 31.32 17.31
C ILE B 237 -4.40 31.22 17.04
N ARG B 238 -5.07 32.34 16.86
CA ARG B 238 -6.53 32.32 16.67
C ARG B 238 -6.94 31.47 15.42
N ASP B 239 -6.23 31.69 14.34
CA ASP B 239 -6.54 31.03 13.04
C ASP B 239 -6.27 29.52 13.18
N THR B 240 -5.07 29.12 13.66
CA THR B 240 -4.79 27.70 13.79
C THR B 240 -5.63 26.95 14.80
N PHE B 241 -5.92 27.56 15.95
CA PHE B 241 -6.78 26.96 16.92
C PHE B 241 -8.18 26.85 16.35
N ALA B 242 -8.65 27.85 15.61
CA ALA B 242 -10.01 27.73 14.99
C ALA B 242 -10.04 26.57 13.99
N ARG B 243 -8.93 26.35 13.31
CA ARG B 243 -8.82 25.24 12.40
C ARG B 243 -8.64 23.88 13.09
N MET B 244 -8.49 23.91 14.42
CA MET B 244 -8.54 22.73 15.26
C MET B 244 -9.81 22.66 16.14
N ALA B 245 -10.79 23.48 15.78
CA ALA B 245 -12.08 23.47 16.45
C ALA B 245 -12.18 24.10 17.76
N MET B 246 -11.30 25.03 18.06
CA MET B 246 -11.29 25.70 19.35
C MET B 246 -11.56 27.23 19.18
N ASN B 247 -12.41 27.78 20.06
CA ASN B 247 -12.72 29.19 20.08
C ASN B 247 -11.75 29.93 20.98
N ASP B 248 -11.99 31.23 21.18
CA ASP B 248 -11.06 32.03 22.00
C ASP B 248 -10.97 31.58 23.48
N GLU B 249 -12.09 31.29 24.09
CA GLU B 249 -12.09 30.92 25.49
C GLU B 249 -11.30 29.58 25.66
N GLU B 250 -11.59 28.65 24.77
CA GLU B 250 -10.93 27.31 24.85
C GLU B 250 -9.44 27.42 24.62
N THR B 251 -9.07 28.30 23.71
CA THR B 251 -7.66 28.54 23.36
C THR B 251 -6.87 29.13 24.53
N VAL B 252 -7.43 30.14 25.18
CA VAL B 252 -6.76 30.76 26.30
C VAL B 252 -6.64 29.74 27.42
N ALA B 253 -7.74 29.01 27.67
CA ALA B 253 -7.76 28.05 28.75
C ALA B 253 -6.71 26.94 28.55
N LEU B 254 -6.57 26.50 27.32
CA LEU B 254 -5.64 25.44 26.96
C LEU B 254 -4.17 25.90 27.10
N ILE B 255 -3.85 27.08 26.55
CA ILE B 255 -2.44 27.49 26.51
C ILE B 255 -2.00 27.80 27.96
N ALA B 256 -2.81 28.57 28.67
CA ALA B 256 -2.50 28.96 30.06
C ALA B 256 -2.56 27.80 31.02
N GLY B 257 -3.47 26.89 30.77
CA GLY B 257 -3.54 25.68 31.55
C GLY B 257 -2.32 24.80 31.33
N GLY B 258 -1.97 24.52 30.07
CA GLY B 258 -0.77 23.73 29.78
C GLY B 258 0.48 24.33 30.43
N HIS B 259 0.65 25.65 30.19
CA HIS B 259 1.91 26.35 30.62
C HIS B 259 1.87 26.76 32.10
N THR B 260 0.91 26.24 32.86
CA THR B 260 0.97 26.16 34.34
C THR B 260 1.99 25.13 34.79
N PHE B 261 2.34 24.19 33.90
CA PHE B 261 3.19 23.07 34.28
C PHE B 261 4.48 23.04 33.51
N GLY B 262 5.54 22.60 34.17
CA GLY B 262 6.68 22.15 33.43
C GLY B 262 7.62 23.26 32.95
N LYS B 263 8.36 22.98 31.86
CA LYS B 263 9.30 23.92 31.29
C LYS B 263 9.69 23.56 29.89
N THR B 264 10.31 24.50 29.19
CA THR B 264 10.91 24.22 27.89
C THR B 264 12.37 23.80 28.03
N HIS B 265 13.07 23.44 26.94
CA HIS B 265 14.43 22.98 27.02
C HIS B 265 15.26 23.58 25.88
N GLY B 266 16.27 24.38 26.27
CA GLY B 266 17.11 25.10 25.28
C GLY B 266 18.51 25.45 25.89
N ALA B 267 19.12 24.47 26.52
CA ALA B 267 20.29 24.72 27.38
C ALA B 267 21.55 25.11 26.58
N GLY B 268 21.58 24.81 25.31
CA GLY B 268 22.74 25.05 24.45
C GLY B 268 22.28 25.17 23.00
N PRO B 269 23.22 25.48 22.06
CA PRO B 269 22.93 25.64 20.69
C PRO B 269 22.30 24.38 20.05
N ALA B 270 21.37 24.61 19.17
CA ALA B 270 20.62 23.51 18.48
C ALA B 270 21.51 22.72 17.57
N SER B 271 22.64 23.28 17.15
CA SER B 271 23.52 22.51 16.30
C SER B 271 24.09 21.32 17.06
N ASN B 272 24.03 21.25 18.40
CA ASN B 272 24.40 20.04 19.06
C ASN B 272 23.42 18.79 18.88
N VAL B 273 22.24 19.03 18.38
CA VAL B 273 21.19 17.99 18.33
C VAL B 273 21.28 17.21 17.04
N GLY B 274 21.35 15.88 17.12
CA GLY B 274 21.48 15.01 15.96
C GLY B 274 20.16 14.59 15.34
N ALA B 275 20.25 13.59 14.54
CA ALA B 275 19.17 13.11 13.67
C ALA B 275 17.87 12.75 14.40
N GLU B 276 16.77 13.17 13.82
CA GLU B 276 15.43 12.77 14.22
C GLU B 276 15.28 11.25 14.15
N PRO B 277 14.25 10.68 14.84
CA PRO B 277 14.18 9.18 14.92
C PRO B 277 14.20 8.44 13.58
N GLU B 278 13.42 8.90 12.59
CA GLU B 278 13.40 8.17 11.29
C GLU B 278 14.74 8.26 10.52
N ALA B 279 15.65 9.16 10.89
CA ALA B 279 16.96 9.29 10.28
C ALA B 279 18.02 8.78 11.10
N ALA B 280 17.79 8.32 12.35
CA ALA B 280 18.90 7.91 13.19
C ALA B 280 19.41 6.54 12.86
N GLY B 281 20.56 6.20 13.35
CA GLY B 281 21.12 4.90 13.13
C GLY B 281 20.31 3.82 13.89
N ILE B 282 20.47 2.61 13.44
CA ILE B 282 19.73 1.46 13.96
C ILE B 282 20.04 1.21 15.40
N GLU B 283 21.26 1.52 15.87
CA GLU B 283 21.59 1.37 17.25
C GLU B 283 20.80 2.29 18.22
N ALA B 284 20.25 3.40 17.70
CA ALA B 284 19.43 4.28 18.54
C ALA B 284 18.11 3.62 18.95
N GLN B 285 17.75 2.49 18.29
CA GLN B 285 16.53 1.69 18.69
C GLN B 285 15.30 2.58 18.84
N GLY B 286 15.10 3.36 17.79
CA GLY B 286 13.84 4.08 17.65
C GLY B 286 13.80 5.45 18.34
N LEU B 287 14.89 5.83 19.01
CA LEU B 287 14.95 7.15 19.59
C LEU B 287 15.77 8.11 18.65
N GLY B 288 15.68 9.39 18.88
CA GLY B 288 16.39 10.40 18.07
C GLY B 288 16.78 11.65 18.82
N TRP B 289 17.23 12.66 18.07
CA TRP B 289 17.67 13.93 18.60
C TRP B 289 18.75 13.81 19.64
N LYS B 290 19.65 12.87 19.44
CA LYS B 290 20.70 12.71 20.45
C LYS B 290 21.56 13.96 20.49
N SER B 291 21.86 14.44 21.66
CA SER B 291 22.55 15.77 21.77
C SER B 291 24.01 15.60 22.27
N ALA B 292 24.90 16.37 21.63
CA ALA B 292 26.34 16.43 22.03
C ALA B 292 26.54 17.53 23.06
N TYR B 293 25.48 18.25 23.51
CA TYR B 293 25.68 19.31 24.50
C TYR B 293 25.75 18.80 25.95
N ARG B 294 26.95 18.86 26.55
CA ARG B 294 27.19 18.33 27.87
C ARG B 294 26.68 16.95 28.08
N THR B 295 25.84 16.63 29.09
CA THR B 295 25.33 15.24 29.21
C THR B 295 24.25 14.93 28.18
N GLY B 296 23.72 15.90 27.43
CA GLY B 296 22.66 15.58 26.43
C GLY B 296 21.26 15.40 26.90
N LYS B 297 21.01 15.69 28.16
CA LYS B 297 19.80 15.30 28.86
C LYS B 297 19.65 16.08 30.13
N GLY B 298 18.47 15.98 30.75
CA GLY B 298 18.20 16.61 32.04
C GLY B 298 18.49 18.07 32.05
N ALA B 299 19.39 18.50 32.96
CA ALA B 299 19.69 19.94 33.02
C ALA B 299 20.26 20.47 31.73
N ASP B 300 20.86 19.63 30.91
CA ASP B 300 21.47 20.02 29.65
C ASP B 300 20.54 19.81 28.42
N ALA B 301 19.27 19.46 28.65
CA ALA B 301 18.37 19.09 27.55
C ALA B 301 18.14 20.24 26.55
N ILE B 302 18.05 19.83 25.27
CA ILE B 302 17.65 20.72 24.18
C ILE B 302 16.52 20.13 23.37
N THR B 303 15.36 20.80 23.39
CA THR B 303 14.18 20.31 22.71
C THR B 303 13.74 21.36 21.70
N SER B 304 13.14 22.45 22.16
CA SER B 304 12.72 23.53 21.26
C SER B 304 13.87 24.56 21.05
N GLY B 305 14.87 24.66 21.93
CA GLY B 305 15.80 25.74 21.85
C GLY B 305 15.42 26.92 22.76
N LEU B 306 14.22 26.94 23.31
CA LEU B 306 13.80 27.99 24.25
C LEU B 306 14.09 27.52 25.66
N GLU B 307 14.27 28.48 26.58
CA GLU B 307 14.60 28.18 27.95
C GLU B 307 13.69 28.98 28.91
N VAL B 308 12.47 28.49 29.12
CA VAL B 308 11.39 29.17 29.81
C VAL B 308 10.81 28.20 30.85
N THR B 309 10.63 28.69 32.07
CA THR B 309 9.84 27.98 33.07
C THR B 309 8.80 28.99 33.60
N TRP B 310 7.49 28.65 33.48
CA TRP B 310 6.49 29.66 33.63
C TRP B 310 6.14 29.94 35.10
N THR B 311 6.14 28.96 35.99
CA THR B 311 5.53 29.18 37.32
C THR B 311 6.53 28.88 38.47
N THR B 312 6.17 29.34 39.64
CA THR B 312 6.97 29.05 40.85
C THR B 312 6.75 27.64 41.40
N THR B 313 5.80 26.88 40.89
CA THR B 313 5.58 25.52 41.31
C THR B 313 5.24 24.68 39.99
N PRO B 314 6.27 24.33 39.22
CA PRO B 314 6.00 23.68 37.91
C PRO B 314 5.45 22.30 37.99
N THR B 315 5.40 21.69 39.20
CA THR B 315 4.85 20.43 39.34
C THR B 315 3.53 20.37 40.10
N GLN B 316 2.90 21.53 40.23
CA GLN B 316 1.58 21.66 40.94
C GLN B 316 0.72 22.65 40.26
N TRP B 317 -0.55 22.30 40.14
CA TRP B 317 -1.54 23.20 39.65
C TRP B 317 -1.55 24.47 40.51
N SER B 318 -1.66 25.63 39.90
CA SER B 318 -1.54 26.91 40.61
C SER B 318 -2.33 27.92 39.77
N HIS B 319 -2.43 29.16 40.25
CA HIS B 319 -2.92 30.30 39.48
C HIS B 319 -1.77 31.26 39.07
N ASN B 320 -0.52 30.73 39.15
CA ASN B 320 0.67 31.53 38.98
C ASN B 320 0.93 31.99 37.51
N PHE B 321 0.37 31.27 36.53
CA PHE B 321 0.59 31.67 35.16
C PHE B 321 0.06 33.12 34.90
N PHE B 322 -1.20 33.36 35.22
CA PHE B 322 -1.74 34.65 35.02
C PHE B 322 -1.20 35.74 36.01
N GLU B 323 -0.91 35.36 37.23
CA GLU B 323 -0.26 36.30 38.16
C GLU B 323 1.02 36.80 37.54
N ASN B 324 1.84 35.89 36.96
CA ASN B 324 3.04 36.33 36.32
C ASN B 324 2.78 37.15 35.05
N LEU B 325 1.83 36.69 34.22
CA LEU B 325 1.67 37.31 32.92
C LEU B 325 1.31 38.81 33.06
N PHE B 326 0.41 39.05 33.99
CA PHE B 326 -0.12 40.41 34.32
C PHE B 326 0.73 41.19 35.34
N GLY B 327 1.54 40.52 36.16
CA GLY B 327 2.16 41.16 37.29
C GLY B 327 3.48 41.73 36.94
N TYR B 328 4.07 41.35 35.80
CA TYR B 328 5.32 41.95 35.39
C TYR B 328 5.23 42.64 34.04
N GLU B 329 6.22 43.50 33.75
CA GLU B 329 6.49 43.94 32.42
C GLU B 329 7.57 43.08 31.79
N TRP B 330 7.58 42.92 30.48
CA TRP B 330 8.38 41.84 29.83
C TRP B 330 9.39 42.50 28.88
N GLU B 331 10.58 41.95 28.84
CA GLU B 331 11.63 42.38 28.03
C GLU B 331 12.11 41.22 27.14
N LEU B 332 12.33 41.55 25.89
CA LEU B 332 12.78 40.61 24.89
C LEU B 332 14.18 40.21 25.16
N THR B 333 14.49 38.92 25.12
CA THR B 333 15.81 38.44 25.35
C THR B 333 16.01 37.14 24.49
N LYS B 334 17.10 36.44 24.67
CA LYS B 334 17.41 35.24 23.96
C LYS B 334 17.77 34.11 24.88
N SER B 335 17.37 32.88 24.53
CA SER B 335 17.80 31.71 25.26
C SER B 335 19.27 31.40 25.01
N PRO B 336 19.84 30.41 25.70
CA PRO B 336 21.21 29.96 25.34
C PRO B 336 21.35 29.37 23.96
N ALA B 337 20.26 29.00 23.26
CA ALA B 337 20.37 28.54 21.91
C ALA B 337 20.16 29.68 20.91
N GLY B 338 19.92 30.89 21.35
CA GLY B 338 19.67 31.95 20.42
C GLY B 338 18.22 32.22 20.07
N ALA B 339 17.27 31.60 20.73
CA ALA B 339 15.85 31.76 20.38
C ALA B 339 15.25 32.97 21.10
N HIS B 340 14.32 33.67 20.47
CA HIS B 340 13.65 34.79 21.14
C HIS B 340 12.64 34.33 22.24
N GLN B 341 12.67 34.96 23.36
CA GLN B 341 11.83 34.72 24.48
C GLN B 341 11.85 35.99 25.39
N TRP B 342 11.07 35.98 26.46
CA TRP B 342 10.80 37.18 27.23
C TRP B 342 11.14 36.90 28.72
N VAL B 343 11.66 37.93 29.43
CA VAL B 343 12.00 37.86 30.85
C VAL B 343 11.33 39.03 31.57
N ALA B 344 10.94 38.80 32.80
CA ALA B 344 10.23 39.74 33.62
C ALA B 344 11.23 40.84 34.15
N LYS B 345 10.92 42.05 33.80
CA LYS B 345 11.81 43.24 34.17
C LYS B 345 11.74 43.45 35.66
N GLY B 346 12.87 43.54 36.26
CA GLY B 346 12.99 43.85 37.69
C GLY B 346 12.59 42.75 38.64
N ALA B 347 12.36 41.53 38.18
CA ALA B 347 11.84 40.54 39.07
C ALA B 347 12.98 39.94 39.91
N ASP B 348 12.63 39.43 41.06
CA ASP B 348 13.52 38.48 41.80
C ASP B 348 13.56 37.09 41.12
N ALA B 349 14.58 36.36 41.44
CA ALA B 349 14.75 34.96 41.07
C ALA B 349 13.85 34.04 41.91
N VAL B 350 12.59 33.89 41.52
CA VAL B 350 11.59 33.12 42.24
C VAL B 350 11.25 31.74 41.63
N ILE B 351 11.70 31.47 40.43
CA ILE B 351 11.30 30.21 39.72
C ILE B 351 12.35 29.14 40.05
N PRO B 352 11.92 27.97 40.45
CA PRO B 352 12.92 26.92 40.73
C PRO B 352 13.58 26.39 39.58
N ASP B 353 14.76 25.87 39.83
CA ASP B 353 15.55 25.20 38.81
C ASP B 353 15.08 23.70 38.79
N ALA B 354 15.23 23.02 37.67
CA ALA B 354 14.73 21.64 37.52
C ALA B 354 15.61 20.61 38.14
N PHE B 355 16.90 20.94 38.40
CA PHE B 355 17.87 20.01 38.94
C PHE B 355 18.74 20.47 40.12
N ASP B 356 18.91 21.76 40.23
CA ASP B 356 19.85 22.33 41.23
C ASP B 356 19.09 23.13 42.24
N PRO B 357 18.93 22.62 43.50
CA PRO B 357 18.14 23.41 44.52
C PRO B 357 18.84 24.69 44.92
N SER B 358 20.05 24.98 44.51
CA SER B 358 20.57 26.29 44.94
C SER B 358 20.42 27.35 43.81
N LYS B 359 19.76 27.01 42.67
CA LYS B 359 19.53 27.98 41.61
C LYS B 359 18.07 28.33 41.56
N LYS B 360 17.79 29.63 41.32
CA LYS B 360 16.48 30.19 40.99
C LYS B 360 16.58 31.07 39.81
N HIS B 361 15.46 31.33 39.18
CA HIS B 361 15.47 32.05 37.91
C HIS B 361 14.36 33.10 37.96
N ARG B 362 14.49 34.08 37.11
CA ARG B 362 13.43 35.05 36.90
C ARG B 362 12.27 34.42 36.09
N PRO B 363 11.06 34.92 36.31
CA PRO B 363 9.95 34.57 35.40
C PRO B 363 10.26 34.85 33.93
N THR B 364 9.87 33.88 33.09
CA THR B 364 10.01 33.96 31.67
C THR B 364 8.68 33.55 30.97
N MET B 365 8.56 33.98 29.73
CA MET B 365 7.40 33.74 28.89
C MET B 365 7.84 33.57 27.41
N LEU B 366 7.02 32.82 26.66
CA LEU B 366 7.12 32.80 25.20
C LEU B 366 6.38 34.01 24.59
N THR B 367 6.77 34.41 23.41
CA THR B 367 5.97 35.35 22.63
C THR B 367 4.48 35.02 22.61
N THR B 368 4.19 33.76 22.32
CA THR B 368 2.84 33.20 22.24
C THR B 368 2.08 33.17 23.59
N ASP B 369 2.77 33.15 24.71
CA ASP B 369 2.12 33.38 26.03
C ASP B 369 1.73 34.82 26.18
N LEU B 370 2.61 35.73 25.72
CA LEU B 370 2.29 37.17 25.79
C LEU B 370 1.12 37.55 24.92
N SER B 371 0.88 36.81 23.83
CA SER B 371 -0.35 36.96 23.01
C SER B 371 -1.62 36.99 23.89
N LEU B 372 -1.60 36.21 24.99
CA LEU B 372 -2.81 36.09 25.83
C LEU B 372 -3.15 37.37 26.55
N ARG B 373 -2.11 38.18 26.70
CA ARG B 373 -2.25 39.54 27.33
C ARG B 373 -2.37 40.69 26.34
N PHE B 374 -1.68 40.64 25.18
CA PHE B 374 -1.62 41.79 24.30
C PHE B 374 -2.57 41.75 23.15
N ASP B 375 -3.20 40.60 22.83
CA ASP B 375 -4.32 40.60 21.94
C ASP B 375 -5.52 41.07 22.71
N PRO B 376 -6.30 42.03 22.17
CA PRO B 376 -7.41 42.57 22.98
C PRO B 376 -8.52 41.61 23.32
N ALA B 377 -8.88 40.67 22.47
CA ALA B 377 -9.91 39.75 22.81
C ALA B 377 -9.39 38.70 23.79
N TYR B 378 -8.15 38.22 23.59
CA TYR B 378 -7.59 37.29 24.64
C TYR B 378 -7.43 37.93 26.04
N GLU B 379 -7.03 39.20 26.04
CA GLU B 379 -6.79 39.91 27.27
C GLU B 379 -8.00 39.92 28.17
N LYS B 380 -9.18 40.08 27.60
CA LYS B 380 -10.39 40.13 28.41
C LYS B 380 -10.65 38.78 29.05
N ILE B 381 -10.34 37.67 28.32
CA ILE B 381 -10.54 36.33 28.83
C ILE B 381 -9.52 36.03 29.93
N SER B 382 -8.24 36.31 29.61
CA SER B 382 -7.16 36.11 30.52
C SER B 382 -7.40 36.86 31.87
N ARG B 383 -7.92 38.08 31.73
CA ARG B 383 -8.23 38.84 32.93
C ARG B 383 -9.32 38.20 33.77
N ARG B 384 -10.40 37.77 33.14
CA ARG B 384 -11.46 37.09 33.83
C ARG B 384 -10.96 35.80 34.49
N PHE B 385 -10.08 35.02 33.80
CA PHE B 385 -9.53 33.84 34.40
C PHE B 385 -8.58 34.13 35.61
N HIS B 386 -7.83 35.22 35.49
CA HIS B 386 -7.01 35.74 36.61
C HIS B 386 -7.87 36.13 37.86
N GLU B 387 -8.92 36.85 37.61
CA GLU B 387 -9.85 37.28 38.68
C GLU B 387 -10.76 36.16 39.18
N ASN B 388 -11.02 35.12 38.38
CA ASN B 388 -11.91 34.02 38.76
C ASN B 388 -11.31 32.68 38.43
N PRO B 389 -10.40 32.21 39.23
CA PRO B 389 -9.65 31.03 38.88
C PRO B 389 -10.46 29.78 38.78
N GLU B 390 -11.60 29.71 39.46
CA GLU B 390 -12.52 28.57 39.32
C GLU B 390 -13.08 28.51 37.92
N GLN B 391 -13.28 29.65 37.26
CA GLN B 391 -13.78 29.67 35.88
C GLN B 391 -12.64 29.19 34.93
N PHE B 392 -11.42 29.57 35.22
CA PHE B 392 -10.25 29.13 34.44
C PHE B 392 -10.17 27.60 34.60
N ALA B 393 -10.22 27.05 35.83
CA ALA B 393 -10.07 25.68 36.02
C ALA B 393 -11.13 24.86 35.24
N ASP B 394 -12.38 25.26 35.35
CA ASP B 394 -13.46 24.56 34.74
C ASP B 394 -13.32 24.65 33.18
N ALA B 395 -12.96 25.82 32.69
CA ALA B 395 -12.72 25.98 31.26
C ALA B 395 -11.60 25.09 30.70
N PHE B 396 -10.49 25.01 31.44
CA PHE B 396 -9.36 24.21 31.03
C PHE B 396 -9.79 22.73 31.09
N ALA B 397 -10.50 22.31 32.15
CA ALA B 397 -10.88 20.89 32.21
C ALA B 397 -11.79 20.49 31.01
N ARG B 398 -12.76 21.36 30.69
CA ARG B 398 -13.66 21.06 29.59
C ARG B 398 -12.88 21.05 28.26
N ALA B 399 -12.05 22.08 28.07
CA ALA B 399 -11.22 22.15 26.86
C ALA B 399 -10.25 21.00 26.65
N TRP B 400 -9.61 20.56 27.73
CA TRP B 400 -8.72 19.42 27.65
C TRP B 400 -9.49 18.15 27.24
N PHE B 401 -10.67 17.92 27.84
CA PHE B 401 -11.52 16.81 27.43
C PHE B 401 -11.84 16.89 25.89
N LYS B 402 -12.30 18.05 25.46
CA LYS B 402 -12.57 18.27 24.06
C LYS B 402 -11.38 18.02 23.14
N LEU B 403 -10.27 18.67 23.46
CA LEU B 403 -8.99 18.53 22.73
C LEU B 403 -8.73 17.00 22.50
N THR B 404 -8.87 16.24 23.55
CA THR B 404 -8.37 14.88 23.58
C THR B 404 -9.42 13.85 23.11
N HIS B 405 -10.64 14.27 22.90
CA HIS B 405 -11.71 13.39 22.42
C HIS B 405 -12.40 13.87 21.13
N ARG B 406 -11.94 15.01 20.58
CA ARG B 406 -12.68 15.64 19.46
CA ARG B 406 -12.60 15.67 19.44
C ARG B 406 -12.82 14.77 18.23
N ASP B 407 -11.95 13.82 18.04
CA ASP B 407 -11.90 12.91 16.93
C ASP B 407 -12.43 11.54 17.21
N MET B 408 -13.06 11.33 18.36
CA MET B 408 -13.53 10.01 18.72
C MET B 408 -14.91 9.63 18.18
N GLY B 409 -15.68 10.58 17.76
CA GLY B 409 -16.95 10.32 17.13
C GLY B 409 -18.12 10.34 18.12
N PRO B 410 -19.16 9.66 17.74
CA PRO B 410 -20.30 9.63 18.63
C PRO B 410 -20.01 9.05 20.00
N ARG B 411 -20.75 9.54 20.99
CA ARG B 411 -20.69 9.00 22.36
C ARG B 411 -20.82 7.50 22.48
N ALA B 412 -21.53 6.83 21.60
CA ALA B 412 -21.58 5.38 21.60
C ALA B 412 -20.23 4.70 21.55
N ARG B 413 -19.20 5.36 21.01
CA ARG B 413 -17.90 4.73 20.93
C ARG B 413 -17.08 4.92 22.26
N TYR B 414 -17.57 5.73 23.21
CA TYR B 414 -16.80 6.03 24.47
C TYR B 414 -16.86 4.88 25.43
N LEU B 415 -15.73 4.35 25.87
CA LEU B 415 -15.66 3.21 26.74
C LEU B 415 -15.10 3.52 28.17
N GLY B 416 -15.55 2.71 29.13
CA GLY B 416 -14.98 2.69 30.44
C GLY B 416 -15.73 3.42 31.51
N PRO B 417 -15.20 3.41 32.71
CA PRO B 417 -15.89 3.93 33.87
C PRO B 417 -15.70 5.40 34.11
N GLU B 418 -14.93 6.16 33.30
CA GLU B 418 -14.72 7.59 33.55
C GLU B 418 -15.29 8.49 32.51
N VAL B 419 -16.21 7.96 31.72
CA VAL B 419 -16.88 8.73 30.67
C VAL B 419 -17.73 9.75 31.33
N PRO B 420 -17.60 11.03 31.01
CA PRO B 420 -18.48 11.99 31.58
C PRO B 420 -19.92 11.83 31.14
N ALA B 421 -20.81 12.03 32.07
CA ALA B 421 -22.28 11.89 31.72
C ALA B 421 -22.83 13.12 31.00
N GLU B 422 -22.23 14.30 31.18
CA GLU B 422 -22.70 15.48 30.52
C GLU B 422 -22.45 15.33 28.94
N VAL B 423 -23.47 15.66 28.18
CA VAL B 423 -23.49 15.69 26.75
C VAL B 423 -23.05 17.01 26.33
N LEU B 424 -22.08 17.11 25.43
CA LEU B 424 -21.59 18.36 24.98
C LEU B 424 -21.98 18.63 23.55
N LEU B 425 -22.20 19.91 23.21
CA LEU B 425 -22.59 20.27 21.87
C LEU B 425 -21.67 19.85 20.78
N TRP B 426 -20.36 19.90 21.05
CA TRP B 426 -19.40 19.54 20.05
C TRP B 426 -19.40 18.08 19.67
N GLN B 427 -20.00 17.20 20.49
CA GLN B 427 -20.17 15.76 20.20
C GLN B 427 -21.28 15.45 19.14
N ASP B 428 -21.95 16.49 18.62
CA ASP B 428 -23.06 16.36 17.64
C ASP B 428 -24.04 15.31 18.18
N PRO B 429 -24.59 15.56 19.35
CA PRO B 429 -25.28 14.46 20.06
C PRO B 429 -26.60 14.03 19.36
N ILE B 430 -26.94 12.79 19.58
CA ILE B 430 -28.13 12.15 18.98
C ILE B 430 -28.95 11.66 20.18
N PRO B 431 -30.19 12.00 20.29
CA PRO B 431 -31.04 11.51 21.46
C PRO B 431 -31.14 10.02 21.50
N ALA B 432 -31.27 9.47 22.69
CA ALA B 432 -31.47 8.00 22.84
C ALA B 432 -32.81 7.62 22.29
N VAL B 433 -32.94 6.46 21.75
CA VAL B 433 -34.24 6.02 21.24
C VAL B 433 -35.02 5.45 22.45
N ASP B 434 -36.23 5.82 22.66
CA ASP B 434 -36.92 5.27 23.84
C ASP B 434 -38.29 4.65 23.46
N HIS B 435 -38.40 4.04 22.29
CA HIS B 435 -39.63 3.46 21.84
C HIS B 435 -39.29 2.24 20.96
N PRO B 436 -40.26 1.33 20.77
CA PRO B 436 -40.03 0.18 19.90
C PRO B 436 -39.65 0.67 18.52
N LEU B 437 -38.78 -0.07 17.83
CA LEU B 437 -38.45 0.20 16.43
C LEU B 437 -39.32 -0.49 15.43
N ILE B 438 -39.39 0.01 14.19
CA ILE B 438 -40.01 -0.69 13.14
C ILE B 438 -39.38 -2.05 12.85
N ASP B 439 -40.22 -2.97 12.45
CA ASP B 439 -39.80 -4.34 12.12
C ASP B 439 -39.86 -4.52 10.59
N ALA B 440 -39.55 -5.73 10.07
CA ALA B 440 -39.55 -5.92 8.65
C ALA B 440 -40.85 -5.72 7.94
N ALA B 441 -41.95 -6.05 8.62
CA ALA B 441 -43.28 -5.78 8.01
C ALA B 441 -43.55 -4.24 7.84
N ASP B 442 -43.20 -3.50 8.89
CA ASP B 442 -43.32 -2.04 8.88
C ASP B 442 -42.43 -1.44 7.83
N ALA B 443 -41.22 -1.97 7.70
CA ALA B 443 -40.29 -1.46 6.69
C ALA B 443 -40.88 -1.67 5.25
N ALA B 444 -41.42 -2.84 4.99
CA ALA B 444 -42.06 -3.10 3.71
C ALA B 444 -43.22 -2.15 3.43
N GLU B 445 -43.99 -1.87 4.46
CA GLU B 445 -45.13 -1.03 4.31
C GLU B 445 -44.67 0.41 4.02
N LEU B 446 -43.73 0.92 4.81
CA LEU B 446 -43.14 2.29 4.52
C LEU B 446 -42.53 2.43 3.13
N LYS B 447 -41.81 1.41 2.65
CA LYS B 447 -41.22 1.49 1.31
C LYS B 447 -42.30 1.53 0.29
N ALA B 448 -43.37 0.77 0.52
CA ALA B 448 -44.46 0.83 -0.52
C ALA B 448 -45.13 2.22 -0.52
N LYS B 449 -45.35 2.78 0.62
CA LYS B 449 -45.88 4.12 0.67
C LYS B 449 -44.95 5.17 0.00
N VAL B 450 -43.66 5.06 0.25
CA VAL B 450 -42.71 5.99 -0.38
C VAL B 450 -42.84 5.88 -1.90
N LEU B 451 -42.88 4.65 -2.39
CA LEU B 451 -42.93 4.42 -3.86
C LEU B 451 -44.30 4.87 -4.44
N ALA B 452 -45.36 4.76 -3.69
CA ALA B 452 -46.72 5.19 -4.16
C ALA B 452 -46.79 6.68 -4.11
N SER B 453 -45.91 7.42 -3.42
CA SER B 453 -46.11 8.83 -3.29
C SER B 453 -45.79 9.55 -4.54
N GLY B 454 -45.08 8.98 -5.53
CA GLY B 454 -44.63 9.81 -6.64
C GLY B 454 -43.15 10.28 -6.57
N LEU B 455 -42.48 10.06 -5.43
CA LEU B 455 -41.06 10.39 -5.39
C LEU B 455 -40.31 9.52 -6.44
N THR B 456 -39.34 10.05 -7.15
CA THR B 456 -38.65 9.24 -8.14
C THR B 456 -37.40 8.52 -7.59
N VAL B 457 -36.90 7.54 -8.36
CA VAL B 457 -35.60 6.93 -8.01
C VAL B 457 -34.57 7.96 -7.75
N SER B 458 -34.44 8.88 -8.72
CA SER B 458 -33.42 9.95 -8.58
C SER B 458 -33.57 10.79 -7.33
N GLN B 459 -34.80 11.19 -6.98
CA GLN B 459 -34.96 11.92 -5.77
C GLN B 459 -34.63 11.12 -4.41
N LEU B 460 -35.04 9.86 -4.40
CA LEU B 460 -34.91 9.00 -3.24
C LEU B 460 -33.39 8.75 -3.03
N VAL B 461 -32.73 8.32 -4.10
CA VAL B 461 -31.30 8.05 -4.04
C VAL B 461 -30.51 9.29 -3.65
N SER B 462 -30.77 10.38 -4.33
CA SER B 462 -30.01 11.64 -4.10
C SER B 462 -30.19 12.07 -2.64
N THR B 463 -31.39 11.98 -2.09
CA THR B 463 -31.64 12.52 -0.74
C THR B 463 -30.87 11.63 0.32
N ALA B 464 -30.95 10.32 0.13
CA ALA B 464 -30.27 9.39 1.06
C ALA B 464 -28.77 9.50 0.96
N TRP B 465 -28.26 9.65 -0.25
CA TRP B 465 -26.84 9.86 -0.48
C TRP B 465 -26.39 11.13 0.24
N ALA B 466 -27.15 12.22 0.04
CA ALA B 466 -26.83 13.50 0.69
C ALA B 466 -26.79 13.42 2.21
N ALA B 467 -27.70 12.66 2.77
CA ALA B 467 -27.81 12.45 4.23
C ALA B 467 -26.64 11.65 4.75
N ALA B 468 -26.31 10.57 4.09
CA ALA B 468 -25.32 9.60 4.64
C ALA B 468 -23.86 9.90 4.34
N SER B 469 -23.64 10.60 3.21
CA SER B 469 -22.27 10.75 2.71
C SER B 469 -21.51 11.93 3.32
N THR B 470 -22.09 12.60 4.32
CA THR B 470 -21.36 13.53 5.14
C THR B 470 -20.40 12.89 6.13
N PHE B 471 -20.51 11.56 6.33
CA PHE B 471 -19.61 10.87 7.25
C PHE B 471 -18.16 10.88 6.78
N ARG B 472 -17.29 11.04 7.73
CA ARG B 472 -15.88 10.93 7.48
C ARG B 472 -15.27 10.09 8.63
N GLY B 473 -14.49 9.08 8.26
CA GLY B 473 -13.91 8.19 9.23
C GLY B 473 -12.72 8.78 9.97
N SER B 474 -12.19 9.86 9.46
CA SER B 474 -11.03 10.54 10.07
C SER B 474 -11.33 11.00 11.56
N ASP B 475 -12.50 11.59 11.77
CA ASP B 475 -12.97 11.97 13.11
C ASP B 475 -14.34 11.45 13.44
N LYS B 476 -14.88 10.61 12.56
CA LYS B 476 -16.16 9.92 12.78
C LYS B 476 -17.35 10.90 12.96
N ARG B 477 -17.21 12.07 12.39
CA ARG B 477 -18.35 13.01 12.30
C ARG B 477 -19.15 12.78 11.08
N GLY B 478 -20.41 13.24 11.14
CA GLY B 478 -21.29 13.10 9.98
C GLY B 478 -22.09 11.81 9.91
N GLY B 479 -22.79 11.63 8.78
CA GLY B 479 -23.63 10.45 8.52
C GLY B 479 -25.14 10.79 8.66
N ALA B 480 -25.98 9.78 8.37
CA ALA B 480 -27.42 9.96 8.30
C ALA B 480 -28.09 9.95 9.66
N ASN B 481 -27.43 9.41 10.72
CA ASN B 481 -28.02 9.44 12.05
C ASN B 481 -28.22 10.92 12.46
N GLY B 482 -29.33 11.24 13.09
CA GLY B 482 -29.62 12.59 13.54
C GLY B 482 -30.53 13.38 12.58
N ALA B 483 -30.70 12.88 11.36
CA ALA B 483 -31.46 13.65 10.34
C ALA B 483 -31.10 15.13 10.26
N ARG B 484 -29.83 15.41 10.32
CA ARG B 484 -29.35 16.77 10.25
C ARG B 484 -29.47 17.41 8.90
N ILE B 485 -29.79 16.59 7.88
CA ILE B 485 -30.00 17.07 6.57
C ILE B 485 -31.24 18.01 6.55
N ARG B 486 -32.17 17.83 7.48
CA ARG B 486 -33.31 18.71 7.60
C ARG B 486 -33.09 20.02 8.31
N LEU B 487 -31.93 20.21 8.95
CA LEU B 487 -31.61 21.34 9.79
C LEU B 487 -30.71 22.28 9.05
N ALA B 488 -30.52 23.48 9.59
CA ALA B 488 -29.41 24.37 9.18
C ALA B 488 -28.05 23.75 9.70
N PRO B 489 -26.99 23.79 8.94
CA PRO B 489 -26.89 24.39 7.60
C PRO B 489 -27.04 23.36 6.46
N GLN B 490 -27.18 22.03 6.80
CA GLN B 490 -27.16 21.04 5.70
C GLN B 490 -28.29 21.28 4.71
N LYS B 491 -29.49 21.70 5.20
CA LYS B 491 -30.61 21.84 4.30
C LYS B 491 -30.43 22.93 3.24
N ASP B 492 -29.47 23.80 3.42
CA ASP B 492 -29.23 24.92 2.53
C ASP B 492 -27.96 24.73 1.69
N TRP B 493 -27.19 23.63 1.87
CA TRP B 493 -25.99 23.45 1.05
C TRP B 493 -26.32 23.29 -0.40
N GLU B 494 -25.58 23.97 -1.27
CA GLU B 494 -25.88 23.85 -2.72
C GLU B 494 -25.79 22.41 -3.23
N ALA B 495 -24.82 21.64 -2.75
CA ALA B 495 -24.67 20.22 -3.14
C ALA B 495 -25.90 19.39 -2.80
N ASN B 496 -26.66 19.83 -1.79
CA ASN B 496 -27.88 19.14 -1.39
C ASN B 496 -29.12 19.54 -2.12
N GLN B 497 -29.02 20.54 -3.03
CA GLN B 497 -30.18 20.92 -3.88
C GLN B 497 -31.38 21.36 -3.05
N PRO B 498 -31.28 22.47 -2.33
CA PRO B 498 -32.24 22.81 -1.31
C PRO B 498 -33.66 22.78 -1.66
N GLU B 499 -34.00 23.19 -2.89
CA GLU B 499 -35.43 23.15 -3.27
C GLU B 499 -35.95 21.77 -3.47
N GLN B 500 -35.20 20.96 -4.19
CA GLN B 500 -35.57 19.54 -4.35
C GLN B 500 -35.64 18.85 -2.99
N LEU B 501 -34.65 19.10 -2.14
CA LEU B 501 -34.61 18.46 -0.85
C LEU B 501 -35.80 18.80 -0.03
N ALA B 502 -36.18 20.07 -0.03
CA ALA B 502 -37.33 20.46 0.78
C ALA B 502 -38.60 19.74 0.33
N ALA B 503 -38.79 19.59 -0.98
CA ALA B 503 -40.01 18.88 -1.48
C ALA B 503 -39.96 17.37 -1.09
N VAL B 504 -38.78 16.74 -1.20
CA VAL B 504 -38.68 15.33 -0.74
C VAL B 504 -39.00 15.23 0.76
N LEU B 505 -38.33 16.06 1.56
CA LEU B 505 -38.51 15.98 3.00
C LEU B 505 -39.93 16.22 3.42
N GLU B 506 -40.64 17.15 2.74
CA GLU B 506 -42.05 17.35 3.13
C GLU B 506 -42.89 16.13 2.84
N THR B 507 -42.67 15.44 1.69
CA THR B 507 -43.37 14.19 1.41
C THR B 507 -43.06 13.12 2.42
N LEU B 508 -41.79 12.97 2.76
CA LEU B 508 -41.44 11.97 3.77
C LEU B 508 -41.98 12.27 5.12
N GLU B 509 -41.92 13.53 5.58
CA GLU B 509 -42.50 13.91 6.90
C GLU B 509 -44.01 13.57 6.91
N ALA B 510 -44.76 13.73 5.79
CA ALA B 510 -46.20 13.45 5.79
C ALA B 510 -46.41 11.94 5.91
N ILE B 511 -45.55 11.16 5.22
CA ILE B 511 -45.57 9.71 5.37
C ILE B 511 -45.31 9.26 6.78
N ARG B 512 -44.31 9.90 7.38
CA ARG B 512 -43.94 9.53 8.72
C ARG B 512 -45.10 9.84 9.72
N THR B 513 -45.67 11.03 9.59
CA THR B 513 -46.67 11.51 10.52
C THR B 513 -47.90 10.53 10.39
N ALA B 514 -48.25 10.13 9.19
CA ALA B 514 -49.35 9.23 9.04
C ALA B 514 -49.06 7.76 9.62
N PHE B 515 -47.86 7.26 9.38
CA PHE B 515 -47.41 6.04 10.01
C PHE B 515 -47.41 6.13 11.50
N ASN B 516 -46.81 7.15 12.08
CA ASN B 516 -46.63 7.20 13.49
C ASN B 516 -48.02 7.40 14.16
N GLY B 517 -48.91 8.10 13.45
CA GLY B 517 -50.28 8.39 14.08
C GLY B 517 -51.12 7.12 14.08
N ALA B 518 -50.78 6.10 13.33
CA ALA B 518 -51.57 4.92 13.31
C ALA B 518 -51.02 3.89 14.29
N GLN B 519 -49.91 4.10 14.94
CA GLN B 519 -49.35 3.02 15.76
C GLN B 519 -49.96 2.90 17.16
N ARG B 520 -49.85 1.73 17.79
CA ARG B 520 -49.80 1.71 19.26
C ARG B 520 -48.60 1.07 19.85
N GLY B 521 -48.55 1.22 21.16
CA GLY B 521 -47.45 0.63 21.92
C GLY B 521 -46.23 1.55 21.90
N GLY B 522 -46.43 2.79 21.43
CA GLY B 522 -45.36 3.72 21.34
C GLY B 522 -44.40 3.53 20.14
N LYS B 523 -44.63 2.61 19.26
CA LYS B 523 -43.77 2.46 18.10
C LYS B 523 -43.83 3.74 17.23
N GLN B 524 -42.67 4.16 16.74
CA GLN B 524 -42.64 5.20 15.77
C GLN B 524 -41.35 5.03 14.95
N VAL B 525 -41.32 5.73 13.83
CA VAL B 525 -40.16 5.82 12.94
C VAL B 525 -39.62 7.24 12.99
N SER B 526 -38.30 7.34 13.16
CA SER B 526 -37.66 8.61 13.04
C SER B 526 -37.56 9.05 11.53
N LEU B 527 -37.44 10.36 11.32
CA LEU B 527 -37.13 10.83 10.00
C LEU B 527 -35.77 10.41 9.49
N ALA B 528 -34.78 10.30 10.38
CA ALA B 528 -33.51 9.81 9.96
C ALA B 528 -33.60 8.41 9.36
N ASP B 529 -34.29 7.49 10.07
CA ASP B 529 -34.50 6.16 9.52
C ASP B 529 -35.32 6.17 8.21
N LEU B 530 -36.37 6.99 8.15
CA LEU B 530 -37.17 7.02 6.93
C LEU B 530 -36.45 7.57 5.67
N ILE B 531 -35.53 8.56 5.85
CA ILE B 531 -34.72 9.03 4.75
C ILE B 531 -33.94 7.87 4.15
N VAL B 532 -33.28 7.15 5.03
CA VAL B 532 -32.42 6.00 4.64
C VAL B 532 -33.29 4.91 3.99
N LEU B 533 -34.37 4.53 4.66
CA LEU B 533 -35.28 3.53 4.15
C LEU B 533 -35.90 3.88 2.74
N ALA B 534 -36.20 5.15 2.55
CA ALA B 534 -36.73 5.63 1.27
C ALA B 534 -35.67 5.55 0.18
N GLY B 535 -34.44 5.85 0.54
CA GLY B 535 -33.27 5.63 -0.36
C GLY B 535 -33.12 4.13 -0.78
N CYS B 536 -33.32 3.22 0.17
CA CYS B 536 -33.32 1.75 -0.06
C CYS B 536 -34.45 1.42 -1.03
N ALA B 537 -35.64 1.98 -0.80
CA ALA B 537 -36.73 1.75 -1.75
C ALA B 537 -36.44 2.20 -3.16
N GLY B 538 -35.77 3.33 -3.27
CA GLY B 538 -35.33 3.79 -4.58
C GLY B 538 -34.33 2.90 -5.28
N VAL B 539 -33.41 2.36 -4.55
CA VAL B 539 -32.50 1.39 -5.09
C VAL B 539 -33.21 0.10 -5.53
N GLU B 540 -34.15 -0.40 -4.70
CA GLU B 540 -34.95 -1.57 -5.08
C GLU B 540 -35.78 -1.35 -6.37
N GLN B 541 -36.38 -0.20 -6.43
CA GLN B 541 -37.13 0.23 -7.60
C GLN B 541 -36.25 0.32 -8.89
N ALA B 542 -35.05 0.90 -8.72
CA ALA B 542 -34.13 0.95 -9.81
C ALA B 542 -33.69 -0.42 -10.30
N ALA B 543 -33.43 -1.34 -9.39
CA ALA B 543 -33.12 -2.69 -9.74
C ALA B 543 -34.31 -3.35 -10.46
N LYS B 544 -35.53 -3.13 -10.00
CA LYS B 544 -36.69 -3.68 -10.68
C LYS B 544 -36.83 -3.09 -12.12
N ASN B 545 -36.58 -1.81 -12.28
CA ASN B 545 -36.58 -1.16 -13.57
C ASN B 545 -35.62 -1.86 -14.54
N ALA B 546 -34.57 -2.45 -14.07
CA ALA B 546 -33.63 -3.15 -14.93
C ALA B 546 -33.89 -4.65 -14.98
N GLY B 547 -35.00 -5.10 -14.42
CA GLY B 547 -35.38 -6.50 -14.39
C GLY B 547 -34.75 -7.39 -13.29
N HIS B 548 -34.22 -6.84 -12.19
CA HIS B 548 -33.56 -7.63 -11.17
C HIS B 548 -34.45 -7.52 -9.87
N ALA B 549 -34.56 -8.62 -9.14
CA ALA B 549 -35.40 -8.65 -7.95
C ALA B 549 -34.43 -8.54 -6.78
N VAL B 550 -34.41 -7.37 -6.08
CA VAL B 550 -33.38 -7.12 -5.14
C VAL B 550 -34.07 -6.54 -3.90
N THR B 551 -33.74 -7.11 -2.74
CA THR B 551 -34.15 -6.48 -1.51
C THR B 551 -32.92 -5.80 -0.87
N VAL B 552 -33.01 -4.55 -0.45
CA VAL B 552 -31.83 -3.86 0.10
C VAL B 552 -31.88 -3.89 1.62
N PRO B 553 -30.85 -4.36 2.29
CA PRO B 553 -30.84 -4.38 3.75
C PRO B 553 -31.01 -2.94 4.35
N PHE B 554 -31.65 -2.89 5.50
CA PHE B 554 -31.91 -1.66 6.26
C PHE B 554 -31.84 -1.98 7.72
N ALA B 555 -31.16 -1.16 8.49
CA ALA B 555 -31.15 -1.30 9.91
C ALA B 555 -31.77 -0.08 10.59
N PRO B 556 -32.86 -0.28 11.31
CA PRO B 556 -33.43 0.91 12.01
C PRO B 556 -32.68 1.27 13.28
N GLY B 557 -33.06 2.39 13.87
CA GLY B 557 -32.55 2.80 15.13
C GLY B 557 -31.91 4.16 15.17
N ARG B 558 -31.85 4.84 14.03
CA ARG B 558 -31.44 6.23 14.01
C ARG B 558 -32.47 7.09 14.75
N ALA B 559 -31.99 8.19 15.31
CA ALA B 559 -32.83 9.16 15.97
C ALA B 559 -32.68 10.53 15.35
N ASP B 560 -33.62 11.42 15.64
CA ASP B 560 -33.63 12.79 15.07
C ASP B 560 -33.02 13.80 16.08
N ALA B 561 -31.93 14.46 15.72
CA ALA B 561 -31.34 15.51 16.58
C ALA B 561 -32.12 16.81 16.35
N SER B 562 -32.13 17.68 17.33
CA SER B 562 -32.72 19.01 17.17
C SER B 562 -31.73 20.01 16.60
N GLN B 563 -32.27 21.16 16.22
CA GLN B 563 -31.42 22.28 15.86
C GLN B 563 -30.52 22.74 16.95
N GLU B 564 -30.98 22.75 18.18
CA GLU B 564 -30.19 23.19 19.35
C GLU B 564 -29.11 22.16 19.68
N GLN B 565 -29.20 20.92 19.21
CA GLN B 565 -28.14 19.96 19.27
C GLN B 565 -27.20 19.95 18.13
N THR B 566 -27.32 20.91 17.26
CA THR B 566 -26.55 20.95 16.04
C THR B 566 -25.89 22.32 15.92
N ASP B 567 -24.61 22.38 16.26
CA ASP B 567 -23.82 23.68 16.11
C ASP B 567 -23.62 23.98 14.64
N VAL B 568 -24.22 25.03 14.18
CA VAL B 568 -24.21 25.34 12.78
C VAL B 568 -22.80 25.70 12.27
N GLU B 569 -21.97 26.36 13.09
CA GLU B 569 -20.66 26.74 12.62
C GLU B 569 -19.76 25.51 12.46
N SER B 570 -19.82 24.61 13.44
CA SER B 570 -19.05 23.35 13.43
C SER B 570 -19.45 22.42 12.29
N MET B 571 -20.68 22.50 11.85
CA MET B 571 -21.19 21.71 10.71
C MET B 571 -20.70 22.17 9.36
N ALA B 572 -20.21 23.41 9.28
CA ALA B 572 -19.68 23.98 8.01
C ALA B 572 -18.63 23.24 7.41
N VAL B 573 -17.70 22.66 8.21
CA VAL B 573 -16.66 21.83 7.61
C VAL B 573 -17.09 20.55 7.00
N LEU B 574 -18.33 20.08 7.25
CA LEU B 574 -18.75 18.87 6.55
C LEU B 574 -19.33 19.16 5.16
N GLU B 575 -19.46 20.42 4.82
CA GLU B 575 -20.15 20.78 3.52
C GLU B 575 -19.29 20.17 2.41
N PRO B 576 -19.87 19.44 1.55
CA PRO B 576 -19.02 18.80 0.51
C PRO B 576 -18.83 19.69 -0.60
N VAL B 577 -17.80 20.48 -0.58
CA VAL B 577 -17.38 21.26 -1.67
C VAL B 577 -16.86 20.53 -2.97
N ALA B 578 -16.44 19.30 -2.84
CA ALA B 578 -16.11 18.46 -4.03
C ALA B 578 -16.82 17.12 -3.71
N ASP B 579 -17.72 16.64 -4.49
CA ASP B 579 -18.26 15.28 -4.27
C ASP B 579 -18.41 14.66 -5.65
N GLY B 580 -17.36 13.92 -6.00
CA GLY B 580 -17.38 13.24 -7.29
C GLY B 580 -18.48 12.22 -7.47
N PHE B 581 -19.01 11.70 -6.36
CA PHE B 581 -20.12 10.81 -6.44
C PHE B 581 -21.40 11.41 -6.96
N ARG B 582 -21.52 12.73 -6.88
CA ARG B 582 -22.64 13.47 -7.48
C ARG B 582 -22.17 14.43 -8.58
N ASN B 583 -20.96 14.21 -9.08
CA ASN B 583 -20.29 15.03 -10.07
C ASN B 583 -20.33 16.55 -9.76
N TYR B 584 -20.04 16.84 -8.50
CA TYR B 584 -20.12 18.14 -7.99
C TYR B 584 -18.81 18.76 -7.63
N LEU B 585 -18.62 19.99 -8.08
CA LEU B 585 -17.52 20.80 -7.65
C LEU B 585 -18.03 22.21 -7.41
N LYS B 586 -17.82 22.73 -6.22
CA LYS B 586 -18.41 24.02 -5.81
C LYS B 586 -17.66 25.16 -6.47
N GLY B 587 -16.36 25.04 -6.68
CA GLY B 587 -15.57 26.14 -7.35
C GLY B 587 -14.46 25.50 -8.11
N LYS B 588 -13.56 26.33 -8.65
CA LYS B 588 -12.41 25.85 -9.42
C LYS B 588 -11.26 25.79 -8.40
N TYR B 589 -10.61 24.65 -8.24
CA TYR B 589 -9.60 24.44 -7.23
C TYR B 589 -8.33 24.07 -7.94
N ARG B 590 -7.26 24.23 -7.23
CA ARG B 590 -5.93 23.88 -7.75
C ARG B 590 -5.74 22.39 -7.68
N VAL B 591 -6.38 21.70 -6.78
CA VAL B 591 -6.24 20.22 -6.76
C VAL B 591 -7.16 19.56 -7.80
N PRO B 592 -6.63 18.72 -8.69
CA PRO B 592 -7.49 18.20 -9.73
C PRO B 592 -8.71 17.36 -9.09
N ALA B 593 -9.84 17.38 -9.75
CA ALA B 593 -11.04 16.80 -9.18
C ALA B 593 -10.95 15.28 -8.91
N GLU B 594 -10.14 14.53 -9.69
CA GLU B 594 -10.03 13.11 -9.42
C GLU B 594 -9.23 12.84 -8.12
N VAL B 595 -8.32 13.74 -7.75
CA VAL B 595 -7.57 13.66 -6.47
C VAL B 595 -8.61 13.89 -5.32
N LEU B 596 -9.53 14.86 -5.54
CA LEU B 596 -10.56 15.12 -4.56
C LEU B 596 -11.53 13.96 -4.42
N LEU B 597 -11.76 13.27 -5.52
CA LEU B 597 -12.65 12.07 -5.49
C LEU B 597 -12.00 10.98 -4.54
N VAL B 598 -10.75 10.64 -4.75
CA VAL B 598 -10.07 9.67 -3.98
C VAL B 598 -10.00 10.09 -2.49
N ASP B 599 -9.78 11.37 -2.27
CA ASP B 599 -9.81 11.95 -0.89
C ASP B 599 -11.15 11.67 -0.19
N LYS B 600 -12.23 11.94 -0.87
CA LYS B 600 -13.57 11.70 -0.39
C LYS B 600 -13.85 10.20 -0.18
N ALA B 601 -13.43 9.37 -1.13
CA ALA B 601 -13.51 7.94 -0.94
C ALA B 601 -12.80 7.47 0.31
N GLN B 602 -11.61 8.04 0.60
CA GLN B 602 -10.84 7.65 1.78
C GLN B 602 -11.63 8.00 3.05
N LEU B 603 -12.23 9.16 3.06
CA LEU B 603 -13.01 9.55 4.25
C LEU B 603 -14.27 8.68 4.46
N LEU B 604 -14.88 8.24 3.35
CA LEU B 604 -15.93 7.28 3.38
C LEU B 604 -15.57 5.85 3.70
N THR B 605 -14.29 5.61 3.80
CA THR B 605 -13.76 4.26 4.13
C THR B 605 -13.84 3.30 2.95
N LEU B 606 -13.94 3.80 1.75
CA LEU B 606 -14.16 2.93 0.60
C LEU B 606 -12.82 2.46 0.03
N SER B 607 -12.81 1.21 -0.41
CA SER B 607 -11.65 0.74 -1.28
C SER B 607 -11.83 1.22 -2.71
N ALA B 608 -10.87 1.03 -3.59
CA ALA B 608 -11.04 1.41 -4.96
C ALA B 608 -12.12 0.64 -5.68
N PRO B 609 -12.25 -0.67 -5.47
CA PRO B 609 -13.43 -1.32 -6.08
C PRO B 609 -14.75 -0.81 -5.58
N GLU B 610 -14.89 -0.57 -4.30
CA GLU B 610 -16.09 0.07 -3.79
C GLU B 610 -16.41 1.46 -4.34
N MET B 611 -15.41 2.34 -4.44
CA MET B 611 -15.55 3.66 -5.05
C MET B 611 -16.04 3.47 -6.45
N THR B 612 -15.46 2.55 -7.21
CA THR B 612 -15.77 2.39 -8.65
C THR B 612 -17.24 1.96 -8.84
N VAL B 613 -17.64 0.94 -8.11
CA VAL B 613 -18.98 0.38 -8.29
C VAL B 613 -20.03 1.42 -7.84
N LEU B 614 -19.69 2.13 -6.76
CA LEU B 614 -20.64 3.08 -6.17
C LEU B 614 -20.89 4.25 -7.21
N LEU B 615 -19.78 4.79 -7.73
CA LEU B 615 -19.89 5.90 -8.65
C LEU B 615 -20.65 5.52 -9.92
N GLY B 616 -20.30 4.37 -10.51
CA GLY B 616 -20.97 3.92 -11.70
C GLY B 616 -22.44 3.69 -11.51
N GLY B 617 -22.84 3.24 -10.34
CA GLY B 617 -24.27 3.11 -10.10
C GLY B 617 -24.98 4.44 -9.85
N LEU B 618 -24.39 5.30 -9.03
CA LEU B 618 -25.00 6.63 -8.74
C LEU B 618 -25.24 7.40 -10.05
N ARG B 619 -24.29 7.33 -10.99
CA ARG B 619 -24.43 8.07 -12.25
C ARG B 619 -25.73 7.65 -13.02
N VAL B 620 -26.01 6.35 -13.08
CA VAL B 620 -27.18 5.89 -13.77
C VAL B 620 -28.48 6.01 -13.01
N LEU B 621 -28.42 6.16 -11.71
CA LEU B 621 -29.60 6.37 -10.87
C LEU B 621 -30.09 7.80 -10.83
N GLY B 622 -29.28 8.74 -11.35
CA GLY B 622 -29.64 10.20 -11.37
C GLY B 622 -29.26 10.93 -10.10
N ALA B 623 -28.15 10.51 -9.48
CA ALA B 623 -27.73 11.19 -8.35
C ALA B 623 -26.92 12.49 -8.59
N ASN B 624 -26.65 12.86 -9.84
CA ASN B 624 -25.84 14.07 -10.10
C ASN B 624 -26.58 15.31 -9.59
N VAL B 625 -25.86 16.21 -9.02
CA VAL B 625 -26.37 17.56 -8.74
C VAL B 625 -26.89 18.24 -10.02
N GLY B 626 -28.09 18.85 -9.94
CA GLY B 626 -28.72 19.58 -11.05
C GLY B 626 -29.15 18.73 -12.18
N GLN B 627 -29.22 17.43 -12.01
CA GLN B 627 -29.49 16.47 -13.12
C GLN B 627 -28.55 16.66 -14.37
N SER B 628 -27.31 17.11 -14.15
CA SER B 628 -26.26 17.13 -15.15
C SER B 628 -26.23 15.76 -15.83
N ARG B 629 -26.00 15.79 -17.13
CA ARG B 629 -25.84 14.57 -17.94
C ARG B 629 -24.38 14.14 -17.96
N HIS B 630 -23.48 14.85 -17.30
CA HIS B 630 -22.10 14.49 -17.31
C HIS B 630 -21.93 13.08 -16.65
N GLY B 631 -21.31 12.15 -17.38
CA GLY B 631 -21.13 10.80 -16.91
C GLY B 631 -22.36 9.93 -16.86
N VAL B 632 -23.47 10.38 -17.38
CA VAL B 632 -24.69 9.60 -17.32
C VAL B 632 -24.76 8.77 -18.57
N PHE B 633 -23.92 7.79 -18.66
CA PHE B 633 -23.71 7.06 -19.91
C PHE B 633 -24.70 5.88 -20.05
N THR B 634 -25.97 6.20 -20.14
CA THR B 634 -26.96 5.24 -20.27
C THR B 634 -28.17 5.79 -21.03
N ALA B 635 -28.99 4.98 -21.65
CA ALA B 635 -30.28 5.45 -22.21
C ALA B 635 -31.41 4.94 -21.35
N ARG B 636 -31.10 4.44 -20.12
CA ARG B 636 -32.15 3.98 -19.18
C ARG B 636 -31.85 4.45 -17.81
N GLU B 637 -31.89 5.74 -17.72
CA GLU B 637 -31.63 6.44 -16.47
C GLU B 637 -32.68 5.95 -15.44
N GLN B 638 -32.25 5.83 -14.19
CA GLN B 638 -33.11 5.30 -13.10
C GLN B 638 -33.36 3.81 -13.12
N ALA B 639 -32.58 3.11 -13.94
CA ALA B 639 -32.46 1.69 -13.83
C ALA B 639 -31.02 1.36 -13.40
N LEU B 640 -30.93 0.40 -12.49
CA LEU B 640 -29.63 0.00 -11.93
C LEU B 640 -29.00 -1.02 -12.87
N THR B 641 -28.12 -0.53 -13.73
CA THR B 641 -27.40 -1.39 -14.64
C THR B 641 -25.90 -0.99 -14.59
N ASN B 642 -25.05 -1.80 -15.28
CA ASN B 642 -23.65 -1.50 -15.42
C ASN B 642 -23.37 -0.65 -16.68
N ASP B 643 -24.40 0.04 -17.24
CA ASP B 643 -24.21 0.86 -18.44
C ASP B 643 -23.05 1.83 -18.36
N PHE B 644 -22.78 2.47 -17.21
CA PHE B 644 -21.71 3.41 -17.09
C PHE B 644 -20.39 2.80 -17.62
N PHE B 645 -20.14 1.55 -17.19
CA PHE B 645 -18.89 0.90 -17.46
C PHE B 645 -18.82 0.47 -18.93
N VAL B 646 -19.90 -0.13 -19.39
CA VAL B 646 -19.94 -0.67 -20.77
C VAL B 646 -19.75 0.49 -21.76
N ASN B 647 -20.45 1.62 -21.55
CA ASN B 647 -20.30 2.79 -22.45
C ASN B 647 -18.98 3.53 -22.28
N LEU B 648 -18.53 3.65 -21.05
CA LEU B 648 -17.26 4.32 -20.84
C LEU B 648 -16.17 3.64 -21.63
N LEU B 649 -16.15 2.29 -21.61
CA LEU B 649 -15.04 1.55 -22.19
C LEU B 649 -15.14 1.28 -23.68
N ASP B 650 -16.24 1.73 -24.28
CA ASP B 650 -16.48 1.51 -25.71
C ASP B 650 -15.45 2.33 -26.57
N MET B 651 -14.59 1.58 -27.25
CA MET B 651 -13.58 2.19 -28.07
C MET B 651 -14.23 2.86 -29.36
N GLY B 652 -15.47 2.59 -29.65
CA GLY B 652 -16.24 3.30 -30.72
C GLY B 652 -16.32 4.81 -30.43
N THR B 653 -15.97 5.29 -29.22
CA THR B 653 -16.05 6.67 -28.86
C THR B 653 -14.66 7.23 -28.65
N GLU B 654 -14.42 8.41 -29.20
CA GLU B 654 -13.27 9.18 -28.94
C GLU B 654 -13.57 10.44 -28.05
N TRP B 655 -12.65 10.82 -27.16
CA TRP B 655 -12.88 11.85 -26.23
C TRP B 655 -11.89 13.00 -26.43
N LYS B 656 -12.36 14.26 -26.23
CA LYS B 656 -11.57 15.48 -26.26
C LYS B 656 -12.11 16.53 -25.30
N PRO B 657 -11.23 17.33 -24.71
CA PRO B 657 -11.66 18.42 -23.82
C PRO B 657 -12.42 19.46 -24.65
N THR B 658 -13.42 20.12 -24.07
CA THR B 658 -14.17 21.16 -24.75
C THR B 658 -13.33 22.43 -24.78
N ALA B 659 -13.57 23.20 -25.84
CA ALA B 659 -13.00 24.61 -26.07
C ALA B 659 -13.40 25.59 -24.93
N ALA B 660 -14.72 25.69 -24.67
CA ALA B 660 -15.33 26.37 -23.46
C ALA B 660 -14.66 26.01 -22.09
N ASP B 661 -14.31 24.71 -21.86
CA ASP B 661 -13.86 24.20 -20.53
C ASP B 661 -12.92 22.88 -20.61
N ALA B 662 -11.61 23.02 -20.32
CA ALA B 662 -10.58 21.92 -20.30
C ALA B 662 -10.94 20.74 -19.33
N ASP B 663 -11.87 20.97 -18.39
CA ASP B 663 -12.34 20.04 -17.40
C ASP B 663 -13.67 19.28 -17.75
N VAL B 664 -14.24 19.55 -18.92
CA VAL B 664 -15.36 18.85 -19.44
C VAL B 664 -14.93 18.25 -20.79
N PHE B 665 -15.44 17.06 -21.12
CA PHE B 665 -14.96 16.29 -22.25
C PHE B 665 -16.12 15.87 -23.06
N GLU B 666 -15.94 15.86 -24.41
CA GLU B 666 -16.98 15.39 -25.30
C GLU B 666 -16.57 14.03 -25.91
N GLY B 667 -17.49 13.09 -25.91
CA GLY B 667 -17.23 11.73 -26.41
C GLY B 667 -18.00 11.64 -27.74
N ARG B 668 -17.30 11.47 -28.85
CA ARG B 668 -17.88 11.40 -30.19
C ARG B 668 -17.62 10.07 -30.86
N ASP B 669 -18.62 9.60 -31.57
CA ASP B 669 -18.44 8.45 -32.51
C ASP B 669 -17.21 8.66 -33.41
N ARG B 670 -16.33 7.68 -33.33
CA ARG B 670 -15.06 7.75 -34.05
C ARG B 670 -15.26 7.83 -35.58
N ALA B 671 -16.25 7.06 -36.07
CA ALA B 671 -16.48 6.89 -37.50
C ALA B 671 -17.29 8.08 -38.04
N THR B 672 -18.34 8.57 -37.34
CA THR B 672 -19.14 9.76 -37.80
C THR B 672 -18.91 11.08 -37.23
N GLY B 673 -18.28 11.23 -36.10
CA GLY B 673 -18.12 12.50 -35.45
C GLY B 673 -19.32 12.93 -34.61
N GLU B 674 -20.38 12.18 -34.62
CA GLU B 674 -21.53 12.51 -33.86
C GLU B 674 -21.23 12.49 -32.26
N LEU B 675 -21.75 13.49 -31.54
CA LEU B 675 -21.60 13.60 -30.12
C LEU B 675 -22.46 12.54 -29.42
N LYS B 676 -21.85 11.69 -28.58
CA LYS B 676 -22.66 10.70 -27.80
C LYS B 676 -22.82 11.01 -26.32
N TRP B 677 -21.80 11.59 -25.71
CA TRP B 677 -21.80 11.82 -24.24
C TRP B 677 -20.92 12.98 -23.92
N THR B 678 -21.08 13.50 -22.69
CA THR B 678 -20.14 14.38 -22.09
C THR B 678 -19.76 13.82 -20.71
N GLY B 679 -18.60 14.23 -20.24
CA GLY B 679 -18.09 13.79 -18.95
C GLY B 679 -17.11 14.76 -18.37
N THR B 680 -16.91 14.66 -17.04
CA THR B 680 -15.92 15.44 -16.31
C THR B 680 -14.64 14.61 -16.17
N ARG B 681 -13.66 15.22 -15.56
CA ARG B 681 -12.48 14.52 -15.14
C ARG B 681 -12.80 13.28 -14.22
N VAL B 682 -13.73 13.45 -13.30
CA VAL B 682 -14.12 12.38 -12.40
C VAL B 682 -14.73 11.20 -13.17
N ASP B 683 -15.55 11.46 -14.16
CA ASP B 683 -16.05 10.44 -14.98
C ASP B 683 -14.95 9.69 -15.74
N LEU B 684 -14.14 10.47 -16.47
CA LEU B 684 -13.20 9.86 -17.40
C LEU B 684 -11.96 9.26 -16.76
N VAL B 685 -11.64 9.59 -15.52
CA VAL B 685 -10.55 8.98 -14.84
C VAL B 685 -10.65 7.46 -14.80
N PHE B 686 -11.86 6.93 -14.75
CA PHE B 686 -12.13 5.51 -14.70
C PHE B 686 -11.74 4.77 -16.00
N GLY B 687 -11.57 5.55 -17.09
CA GLY B 687 -11.17 5.03 -18.39
C GLY B 687 -9.76 5.41 -18.71
N SER B 688 -9.09 6.09 -17.77
CA SER B 688 -7.75 6.57 -17.99
C SER B 688 -6.72 5.98 -17.06
N HIS B 689 -6.91 6.06 -15.75
CA HIS B 689 -5.98 5.60 -14.76
C HIS B 689 -5.91 4.04 -14.92
N SER B 690 -4.70 3.49 -15.02
CA SER B 690 -4.61 2.09 -15.37
C SER B 690 -5.18 1.09 -14.34
N GLN B 691 -5.10 1.44 -13.05
CA GLN B 691 -5.74 0.60 -12.05
CA GLN B 691 -5.73 0.62 -12.05
C GLN B 691 -7.27 0.75 -12.05
N LEU B 692 -7.77 1.98 -12.10
CA LEU B 692 -9.18 2.20 -12.17
C LEU B 692 -9.85 1.56 -13.40
N ARG B 693 -9.16 1.62 -14.52
CA ARG B 693 -9.72 1.05 -15.74
C ARG B 693 -9.77 -0.47 -15.61
N ALA B 694 -8.82 -1.08 -14.92
CA ALA B 694 -8.89 -2.51 -14.75
C ALA B 694 -10.13 -2.91 -13.91
N LEU B 695 -10.46 -2.06 -12.92
CA LEU B 695 -11.71 -2.27 -12.19
C LEU B 695 -12.96 -2.03 -13.05
N ALA B 696 -12.99 -0.96 -13.79
CA ALA B 696 -14.14 -0.69 -14.66
C ALA B 696 -14.39 -1.86 -15.62
N GLU B 697 -13.32 -2.44 -16.12
CA GLU B 697 -13.44 -3.59 -17.02
C GLU B 697 -14.13 -4.78 -16.42
N VAL B 698 -13.90 -5.05 -15.14
CA VAL B 698 -14.58 -6.14 -14.48
C VAL B 698 -16.08 -5.89 -14.48
N TYR B 699 -16.51 -4.67 -14.15
CA TYR B 699 -17.93 -4.35 -14.12
C TYR B 699 -18.53 -4.07 -15.44
N GLY B 700 -17.71 -3.84 -16.48
CA GLY B 700 -18.23 -3.64 -17.84
C GLY B 700 -18.22 -4.92 -18.69
N SER B 701 -17.91 -6.02 -18.10
CA SER B 701 -17.89 -7.27 -18.83
C SER B 701 -19.29 -7.89 -18.98
N ALA B 702 -19.42 -8.77 -19.97
CA ALA B 702 -20.72 -9.39 -20.28
C ALA B 702 -21.26 -10.32 -19.21
N ASP B 703 -20.45 -10.80 -18.33
CA ASP B 703 -20.86 -11.68 -17.27
C ASP B 703 -21.18 -10.93 -15.95
N ALA B 704 -21.17 -9.61 -15.97
CA ALA B 704 -20.96 -8.88 -14.69
C ALA B 704 -22.24 -8.15 -14.26
N GLN B 705 -23.36 -8.31 -14.94
CA GLN B 705 -24.48 -7.46 -14.58
C GLN B 705 -25.07 -7.72 -13.16
N GLU B 706 -25.19 -8.97 -12.83
CA GLU B 706 -25.61 -9.37 -11.53
C GLU B 706 -24.54 -9.03 -10.46
N LYS B 707 -23.26 -9.35 -10.70
CA LYS B 707 -22.22 -8.89 -9.87
C LYS B 707 -22.27 -7.38 -9.51
N PHE B 708 -22.44 -6.56 -10.56
CA PHE B 708 -22.51 -5.14 -10.44
C PHE B 708 -23.69 -4.76 -9.44
N VAL B 709 -24.87 -5.33 -9.65
CA VAL B 709 -26.06 -5.00 -8.87
C VAL B 709 -25.76 -5.38 -7.40
N ARG B 710 -25.27 -6.57 -7.20
CA ARG B 710 -25.00 -7.04 -5.84
C ARG B 710 -23.93 -6.26 -5.13
N ASP B 711 -22.83 -6.02 -5.78
CA ASP B 711 -21.76 -5.18 -5.19
C ASP B 711 -22.26 -3.73 -4.89
N PHE B 712 -23.11 -3.19 -5.79
CA PHE B 712 -23.67 -1.87 -5.61
C PHE B 712 -24.54 -1.85 -4.37
N VAL B 713 -25.38 -2.84 -4.19
CA VAL B 713 -26.24 -2.88 -3.01
C VAL B 713 -25.38 -2.98 -1.74
N ALA B 714 -24.31 -3.75 -1.78
CA ALA B 714 -23.49 -3.96 -0.59
C ALA B 714 -22.81 -2.62 -0.20
N VAL B 715 -22.29 -1.92 -1.19
CA VAL B 715 -21.60 -0.66 -0.92
C VAL B 715 -22.61 0.49 -0.49
N TRP B 716 -23.79 0.52 -1.08
CA TRP B 716 -24.87 1.39 -0.68
C TRP B 716 -25.18 1.22 0.80
N ASN B 717 -25.35 -0.02 1.25
CA ASN B 717 -25.68 -0.36 2.58
C ASN B 717 -24.53 0.04 3.50
N LYS B 718 -23.30 -0.18 3.05
CA LYS B 718 -22.15 0.18 3.83
C LYS B 718 -22.18 1.72 4.12
N VAL B 719 -22.41 2.50 3.10
CA VAL B 719 -22.43 3.92 3.30
C VAL B 719 -23.60 4.40 4.24
N MET B 720 -24.75 3.77 4.08
CA MET B 720 -25.91 4.07 4.90
C MET B 720 -25.61 3.77 6.38
N ASN B 721 -24.74 2.80 6.68
CA ASN B 721 -24.48 2.44 8.04
C ASN B 721 -23.14 2.98 8.67
N LEU B 722 -22.46 3.88 8.02
CA LEU B 722 -21.11 4.28 8.43
C LEU B 722 -21.04 4.84 9.85
N ASP B 723 -22.06 5.57 10.28
CA ASP B 723 -22.09 6.17 11.58
C ASP B 723 -22.81 5.34 12.63
N ARG B 724 -23.18 4.09 12.30
CA ARG B 724 -24.03 3.33 13.19
C ARG B 724 -23.22 2.60 14.33
N PHE B 725 -22.56 3.37 15.12
CA PHE B 725 -21.77 2.83 16.23
C PHE B 725 -22.65 2.26 17.34
N ASP B 726 -23.93 2.67 17.39
CA ASP B 726 -24.95 2.05 18.25
C ASP B 726 -25.19 0.60 17.91
N LEU B 727 -24.81 0.09 16.76
CA LEU B 727 -24.93 -1.30 16.38
C LEU B 727 -23.59 -2.03 16.45
N ALA B 728 -22.47 -1.32 16.70
CA ALA B 728 -21.12 -1.96 16.84
C ALA B 728 -21.17 -2.88 18.11
#